data_1AWU
# 
_entry.id   1AWU 
# 
_audit_conform.dict_name       mmcif_pdbx.dic 
_audit_conform.dict_version    5.392 
_audit_conform.dict_location   http://mmcif.pdb.org/dictionaries/ascii/mmcif_pdbx.dic 
# 
loop_
_database_2.database_id 
_database_2.database_code 
_database_2.pdbx_database_accession 
_database_2.pdbx_DOI 
PDB   1AWU         pdb_00001awu 10.2210/pdb1awu/pdb 
WWPDB D_1000171353 ?            ?                   
# 
loop_
_pdbx_audit_revision_history.ordinal 
_pdbx_audit_revision_history.data_content_type 
_pdbx_audit_revision_history.major_revision 
_pdbx_audit_revision_history.minor_revision 
_pdbx_audit_revision_history.revision_date 
1 'Structure model' 1 0 1998-03-18 
2 'Structure model' 1 1 2008-03-24 
3 'Structure model' 1 2 2011-07-13 
4 'Structure model' 1 3 2023-08-02 
5 'Structure model' 1 4 2024-05-22 
# 
_pdbx_audit_revision_details.ordinal             1 
_pdbx_audit_revision_details.revision_ordinal    1 
_pdbx_audit_revision_details.data_content_type   'Structure model' 
_pdbx_audit_revision_details.provider            repository 
_pdbx_audit_revision_details.type                'Initial release' 
_pdbx_audit_revision_details.description         ? 
_pdbx_audit_revision_details.details             ? 
# 
loop_
_pdbx_audit_revision_group.ordinal 
_pdbx_audit_revision_group.revision_ordinal 
_pdbx_audit_revision_group.data_content_type 
_pdbx_audit_revision_group.group 
1 2 'Structure model' 'Version format compliance' 
2 3 'Structure model' 'Version format compliance' 
3 4 'Structure model' 'Database references'       
4 4 'Structure model' Other                       
5 4 'Structure model' 'Refinement description'    
6 5 'Structure model' 'Data collection'           
# 
loop_
_pdbx_audit_revision_category.ordinal 
_pdbx_audit_revision_category.revision_ordinal 
_pdbx_audit_revision_category.data_content_type 
_pdbx_audit_revision_category.category 
1 4 'Structure model' database_2                    
2 4 'Structure model' pdbx_database_status          
3 4 'Structure model' pdbx_initial_refinement_model 
4 5 'Structure model' chem_comp_atom                
5 5 'Structure model' chem_comp_bond                
# 
loop_
_pdbx_audit_revision_item.ordinal 
_pdbx_audit_revision_item.revision_ordinal 
_pdbx_audit_revision_item.data_content_type 
_pdbx_audit_revision_item.item 
1 4 'Structure model' '_database_2.pdbx_DOI'                
2 4 'Structure model' '_database_2.pdbx_database_accession' 
3 4 'Structure model' '_pdbx_database_status.process_site'  
# 
_pdbx_database_status.status_code                     REL 
_pdbx_database_status.entry_id                        1AWU 
_pdbx_database_status.recvd_initial_deposition_date   1997-10-05 
_pdbx_database_status.deposit_site                    ? 
_pdbx_database_status.process_site                    BNL 
_pdbx_database_status.status_code_sf                  REL 
_pdbx_database_status.status_code_mr                  ? 
_pdbx_database_status.SG_entry                        ? 
_pdbx_database_status.pdb_format_compatible           Y 
_pdbx_database_status.status_code_cs                  ? 
_pdbx_database_status.status_code_nmr_data            ? 
_pdbx_database_status.methods_development_category    ? 
# 
_audit_author.name           'Vajdos, F.F.' 
_audit_author.pdbx_ordinal   1 
# 
_citation.id                        primary 
_citation.title                     
'Crystal structure of cyclophilin A complexed with a binding site peptide from the HIV-1 capsid protein.' 
_citation.journal_abbrev            'Protein Sci.' 
_citation.journal_volume            6 
_citation.page_first                2297 
_citation.page_last                 2307 
_citation.year                      1997 
_citation.journal_id_ASTM           PRCIEI 
_citation.country                   US 
_citation.journal_id_ISSN           0961-8368 
_citation.journal_id_CSD            0795 
_citation.book_publisher            ? 
_citation.pdbx_database_id_PubMed   9385632 
_citation.pdbx_database_id_DOI      ? 
# 
loop_
_citation_author.citation_id 
_citation_author.name 
_citation_author.ordinal 
_citation_author.identifier_ORCID 
primary 'Vajdos, F.F.'    1 ? 
primary 'Yoo, S.'         2 ? 
primary 'Houseweart, M.'  3 ? 
primary 'Sundquist, W.I.' 4 ? 
primary 'Hill, C.P.'      5 ? 
# 
loop_
_entity.id 
_entity.type 
_entity.src_method 
_entity.pdbx_description 
_entity.formula_weight 
_entity.pdbx_number_of_molecules 
_entity.pdbx_ec 
_entity.pdbx_mutation 
_entity.pdbx_fragment 
_entity.details 
1 polymer man 'CYCLOPHILIN A'                         17905.307 1  5.2.1.8 ? ? ? 
2 polymer man 'PEPTIDE FROM THE HIV-1 CAPSID PROTEIN' 593.695   1  ?       ? ? ? 
3 water   nat water                                   18.015    13 ?       ? ? ? 
# 
loop_
_entity_poly.entity_id 
_entity_poly.type 
_entity_poly.nstd_linkage 
_entity_poly.nstd_monomer 
_entity_poly.pdbx_seq_one_letter_code 
_entity_poly.pdbx_seq_one_letter_code_can 
_entity_poly.pdbx_strand_id 
_entity_poly.pdbx_target_identifier 
1 'polypeptide(L)' no no 
;VNPTVFFDIAVDGEPLGRVSFELFADKVPKTAENFRALSTGEKGFGYKGSCFHRIIPGFMCQGGDFTRHNGTGGKSIYGE
KFEDENFILKHTGPGILSMANAGPNTNGSQFFICTAKTEWLDGKHVVFGKVKEGMNIVEAMERFGSRNGKTSKKITIADC
GQLE
;
;VNPTVFFDIAVDGEPLGRVSFELFADKVPKTAENFRALSTGEKGFGYKGSCFHRIIPGFMCQGGDFTRHNGTGGKSIYGE
KFEDENFILKHTGPGILSMANAGPNTNGSQFFICTAKTEWLDGKHVVFGKVKEGMNIVEAMERFGSRNGKTSKKITIADC
GQLE
;
A ? 
2 'polypeptide(L)' no no HVGPIA HVGPIA B ? 
# 
_pdbx_entity_nonpoly.entity_id   3 
_pdbx_entity_nonpoly.name        water 
_pdbx_entity_nonpoly.comp_id     HOH 
# 
loop_
_entity_poly_seq.entity_id 
_entity_poly_seq.num 
_entity_poly_seq.mon_id 
_entity_poly_seq.hetero 
1 1   VAL n 
1 2   ASN n 
1 3   PRO n 
1 4   THR n 
1 5   VAL n 
1 6   PHE n 
1 7   PHE n 
1 8   ASP n 
1 9   ILE n 
1 10  ALA n 
1 11  VAL n 
1 12  ASP n 
1 13  GLY n 
1 14  GLU n 
1 15  PRO n 
1 16  LEU n 
1 17  GLY n 
1 18  ARG n 
1 19  VAL n 
1 20  SER n 
1 21  PHE n 
1 22  GLU n 
1 23  LEU n 
1 24  PHE n 
1 25  ALA n 
1 26  ASP n 
1 27  LYS n 
1 28  VAL n 
1 29  PRO n 
1 30  LYS n 
1 31  THR n 
1 32  ALA n 
1 33  GLU n 
1 34  ASN n 
1 35  PHE n 
1 36  ARG n 
1 37  ALA n 
1 38  LEU n 
1 39  SER n 
1 40  THR n 
1 41  GLY n 
1 42  GLU n 
1 43  LYS n 
1 44  GLY n 
1 45  PHE n 
1 46  GLY n 
1 47  TYR n 
1 48  LYS n 
1 49  GLY n 
1 50  SER n 
1 51  CYS n 
1 52  PHE n 
1 53  HIS n 
1 54  ARG n 
1 55  ILE n 
1 56  ILE n 
1 57  PRO n 
1 58  GLY n 
1 59  PHE n 
1 60  MET n 
1 61  CYS n 
1 62  GLN n 
1 63  GLY n 
1 64  GLY n 
1 65  ASP n 
1 66  PHE n 
1 67  THR n 
1 68  ARG n 
1 69  HIS n 
1 70  ASN n 
1 71  GLY n 
1 72  THR n 
1 73  GLY n 
1 74  GLY n 
1 75  LYS n 
1 76  SER n 
1 77  ILE n 
1 78  TYR n 
1 79  GLY n 
1 80  GLU n 
1 81  LYS n 
1 82  PHE n 
1 83  GLU n 
1 84  ASP n 
1 85  GLU n 
1 86  ASN n 
1 87  PHE n 
1 88  ILE n 
1 89  LEU n 
1 90  LYS n 
1 91  HIS n 
1 92  THR n 
1 93  GLY n 
1 94  PRO n 
1 95  GLY n 
1 96  ILE n 
1 97  LEU n 
1 98  SER n 
1 99  MET n 
1 100 ALA n 
1 101 ASN n 
1 102 ALA n 
1 103 GLY n 
1 104 PRO n 
1 105 ASN n 
1 106 THR n 
1 107 ASN n 
1 108 GLY n 
1 109 SER n 
1 110 GLN n 
1 111 PHE n 
1 112 PHE n 
1 113 ILE n 
1 114 CYS n 
1 115 THR n 
1 116 ALA n 
1 117 LYS n 
1 118 THR n 
1 119 GLU n 
1 120 TRP n 
1 121 LEU n 
1 122 ASP n 
1 123 GLY n 
1 124 LYS n 
1 125 HIS n 
1 126 VAL n 
1 127 VAL n 
1 128 PHE n 
1 129 GLY n 
1 130 LYS n 
1 131 VAL n 
1 132 LYS n 
1 133 GLU n 
1 134 GLY n 
1 135 MET n 
1 136 ASN n 
1 137 ILE n 
1 138 VAL n 
1 139 GLU n 
1 140 ALA n 
1 141 MET n 
1 142 GLU n 
1 143 ARG n 
1 144 PHE n 
1 145 GLY n 
1 146 SER n 
1 147 ARG n 
1 148 ASN n 
1 149 GLY n 
1 150 LYS n 
1 151 THR n 
1 152 SER n 
1 153 LYS n 
1 154 LYS n 
1 155 ILE n 
1 156 THR n 
1 157 ILE n 
1 158 ALA n 
1 159 ASP n 
1 160 CYS n 
1 161 GLY n 
1 162 GLN n 
1 163 LEU n 
1 164 GLU n 
2 1   HIS n 
2 2   VAL n 
2 3   GLY n 
2 4   PRO n 
2 5   ILE n 
2 6   ALA n 
# 
_entity_src_gen.entity_id                          1 
_entity_src_gen.pdbx_src_id                        1 
_entity_src_gen.pdbx_alt_source_flag               sample 
_entity_src_gen.pdbx_seq_type                      ? 
_entity_src_gen.pdbx_beg_seq_num                   ? 
_entity_src_gen.pdbx_end_seq_num                   ? 
_entity_src_gen.gene_src_common_name               human 
_entity_src_gen.gene_src_genus                     Homo 
_entity_src_gen.pdbx_gene_src_gene                 CYCLOPHILIN 
_entity_src_gen.gene_src_species                   ? 
_entity_src_gen.gene_src_strain                    ? 
_entity_src_gen.gene_src_tissue                    ? 
_entity_src_gen.gene_src_tissue_fraction           ? 
_entity_src_gen.gene_src_details                   ? 
_entity_src_gen.pdbx_gene_src_fragment             ? 
_entity_src_gen.pdbx_gene_src_scientific_name      'Homo sapiens' 
_entity_src_gen.pdbx_gene_src_ncbi_taxonomy_id     9606 
_entity_src_gen.pdbx_gene_src_variant              ? 
_entity_src_gen.pdbx_gene_src_cell_line            ? 
_entity_src_gen.pdbx_gene_src_atcc                 ? 
_entity_src_gen.pdbx_gene_src_organ                ? 
_entity_src_gen.pdbx_gene_src_organelle            ? 
_entity_src_gen.pdbx_gene_src_cell                 ? 
_entity_src_gen.pdbx_gene_src_cellular_location    CYTOPLASM 
_entity_src_gen.host_org_common_name               ? 
_entity_src_gen.pdbx_host_org_scientific_name      'Escherichia coli' 
_entity_src_gen.pdbx_host_org_ncbi_taxonomy_id     562 
_entity_src_gen.host_org_genus                     Escherichia 
_entity_src_gen.pdbx_host_org_gene                 CYCLOPHILIN 
_entity_src_gen.pdbx_host_org_organ                ? 
_entity_src_gen.host_org_species                   ? 
_entity_src_gen.pdbx_host_org_tissue               ? 
_entity_src_gen.pdbx_host_org_tissue_fraction      ? 
_entity_src_gen.pdbx_host_org_strain               ? 
_entity_src_gen.pdbx_host_org_variant              ? 
_entity_src_gen.pdbx_host_org_cell_line            ? 
_entity_src_gen.pdbx_host_org_atcc                 ? 
_entity_src_gen.pdbx_host_org_culture_collection   ? 
_entity_src_gen.pdbx_host_org_cell                 ? 
_entity_src_gen.pdbx_host_org_organelle            ? 
_entity_src_gen.pdbx_host_org_cellular_location    ? 
_entity_src_gen.pdbx_host_org_vector_type          ? 
_entity_src_gen.pdbx_host_org_vector               ? 
_entity_src_gen.host_org_details                   ? 
_entity_src_gen.expression_system_id               ? 
_entity_src_gen.plasmid_name                       ? 
_entity_src_gen.plasmid_details                    ? 
_entity_src_gen.pdbx_description                   ? 
# 
loop_
_chem_comp.id 
_chem_comp.type 
_chem_comp.mon_nstd_flag 
_chem_comp.name 
_chem_comp.pdbx_synonyms 
_chem_comp.formula 
_chem_comp.formula_weight 
ALA 'L-peptide linking' y ALANINE         ? 'C3 H7 N O2'     89.093  
ARG 'L-peptide linking' y ARGININE        ? 'C6 H15 N4 O2 1' 175.209 
ASN 'L-peptide linking' y ASPARAGINE      ? 'C4 H8 N2 O3'    132.118 
ASP 'L-peptide linking' y 'ASPARTIC ACID' ? 'C4 H7 N O4'     133.103 
CYS 'L-peptide linking' y CYSTEINE        ? 'C3 H7 N O2 S'   121.158 
GLN 'L-peptide linking' y GLUTAMINE       ? 'C5 H10 N2 O3'   146.144 
GLU 'L-peptide linking' y 'GLUTAMIC ACID' ? 'C5 H9 N O4'     147.129 
GLY 'peptide linking'   y GLYCINE         ? 'C2 H5 N O2'     75.067  
HIS 'L-peptide linking' y HISTIDINE       ? 'C6 H10 N3 O2 1' 156.162 
HOH non-polymer         . WATER           ? 'H2 O'           18.015  
ILE 'L-peptide linking' y ISOLEUCINE      ? 'C6 H13 N O2'    131.173 
LEU 'L-peptide linking' y LEUCINE         ? 'C6 H13 N O2'    131.173 
LYS 'L-peptide linking' y LYSINE          ? 'C6 H15 N2 O2 1' 147.195 
MET 'L-peptide linking' y METHIONINE      ? 'C5 H11 N O2 S'  149.211 
PHE 'L-peptide linking' y PHENYLALANINE   ? 'C9 H11 N O2'    165.189 
PRO 'L-peptide linking' y PROLINE         ? 'C5 H9 N O2'     115.130 
SER 'L-peptide linking' y SERINE          ? 'C3 H7 N O3'     105.093 
THR 'L-peptide linking' y THREONINE       ? 'C4 H9 N O3'     119.119 
TRP 'L-peptide linking' y TRYPTOPHAN      ? 'C11 H12 N2 O2'  204.225 
TYR 'L-peptide linking' y TYROSINE        ? 'C9 H11 N O3'    181.189 
VAL 'L-peptide linking' y VALINE          ? 'C5 H11 N O2'    117.146 
# 
loop_
_pdbx_poly_seq_scheme.asym_id 
_pdbx_poly_seq_scheme.entity_id 
_pdbx_poly_seq_scheme.seq_id 
_pdbx_poly_seq_scheme.mon_id 
_pdbx_poly_seq_scheme.ndb_seq_num 
_pdbx_poly_seq_scheme.pdb_seq_num 
_pdbx_poly_seq_scheme.auth_seq_num 
_pdbx_poly_seq_scheme.pdb_mon_id 
_pdbx_poly_seq_scheme.auth_mon_id 
_pdbx_poly_seq_scheme.pdb_strand_id 
_pdbx_poly_seq_scheme.pdb_ins_code 
_pdbx_poly_seq_scheme.hetero 
A 1 1   VAL 1   1002 1002 VAL VAL A . n 
A 1 2   ASN 2   1003 1003 ASN ASN A . n 
A 1 3   PRO 3   1004 1004 PRO PRO A . n 
A 1 4   THR 4   1005 1005 THR THR A . n 
A 1 5   VAL 5   1006 1006 VAL VAL A . n 
A 1 6   PHE 6   1007 1007 PHE PHE A . n 
A 1 7   PHE 7   1008 1008 PHE PHE A . n 
A 1 8   ASP 8   1009 1009 ASP ASP A . n 
A 1 9   ILE 9   1010 1010 ILE ILE A . n 
A 1 10  ALA 10  1011 1011 ALA ALA A . n 
A 1 11  VAL 11  1012 1012 VAL VAL A . n 
A 1 12  ASP 12  1013 1013 ASP ASP A . n 
A 1 13  GLY 13  1014 1014 GLY GLY A . n 
A 1 14  GLU 14  1015 1015 GLU GLU A . n 
A 1 15  PRO 15  1016 1016 PRO PRO A . n 
A 1 16  LEU 16  1017 1017 LEU LEU A . n 
A 1 17  GLY 17  1018 1018 GLY GLY A . n 
A 1 18  ARG 18  1019 1019 ARG ARG A . n 
A 1 19  VAL 19  1020 1020 VAL VAL A . n 
A 1 20  SER 20  1021 1021 SER SER A . n 
A 1 21  PHE 21  1022 1022 PHE PHE A . n 
A 1 22  GLU 22  1023 1023 GLU GLU A . n 
A 1 23  LEU 23  1024 1024 LEU LEU A . n 
A 1 24  PHE 24  1025 1025 PHE PHE A . n 
A 1 25  ALA 25  1026 1026 ALA ALA A . n 
A 1 26  ASP 26  1027 1027 ASP ASP A . n 
A 1 27  LYS 27  1028 1028 LYS LYS A . n 
A 1 28  VAL 28  1029 1029 VAL VAL A . n 
A 1 29  PRO 29  1030 1030 PRO PRO A . n 
A 1 30  LYS 30  1031 1031 LYS LYS A . n 
A 1 31  THR 31  1032 1032 THR THR A . n 
A 1 32  ALA 32  1033 1033 ALA ALA A . n 
A 1 33  GLU 33  1034 1034 GLU GLU A . n 
A 1 34  ASN 34  1035 1035 ASN ASN A . n 
A 1 35  PHE 35  1036 1036 PHE PHE A . n 
A 1 36  ARG 36  1037 1037 ARG ARG A . n 
A 1 37  ALA 37  1038 1038 ALA ALA A . n 
A 1 38  LEU 38  1039 1039 LEU LEU A . n 
A 1 39  SER 39  1040 1040 SER SER A . n 
A 1 40  THR 40  1041 1041 THR THR A . n 
A 1 41  GLY 41  1042 1042 GLY GLY A . n 
A 1 42  GLU 42  1043 1043 GLU GLU A . n 
A 1 43  LYS 43  1044 1044 LYS LYS A . n 
A 1 44  GLY 44  1045 1045 GLY GLY A . n 
A 1 45  PHE 45  1046 1046 PHE PHE A . n 
A 1 46  GLY 46  1047 1047 GLY GLY A . n 
A 1 47  TYR 47  1048 1048 TYR TYR A . n 
A 1 48  LYS 48  1049 1049 LYS LYS A . n 
A 1 49  GLY 49  1050 1050 GLY GLY A . n 
A 1 50  SER 50  1051 1051 SER SER A . n 
A 1 51  CYS 51  1052 1052 CYS CYS A . n 
A 1 52  PHE 52  1053 1053 PHE PHE A . n 
A 1 53  HIS 53  1054 1054 HIS HIS A . n 
A 1 54  ARG 54  1055 1055 ARG ARG A . n 
A 1 55  ILE 55  1056 1056 ILE ILE A . n 
A 1 56  ILE 56  1057 1057 ILE ILE A . n 
A 1 57  PRO 57  1058 1058 PRO PRO A . n 
A 1 58  GLY 58  1059 1059 GLY GLY A . n 
A 1 59  PHE 59  1060 1060 PHE PHE A . n 
A 1 60  MET 60  1061 1061 MET MET A . n 
A 1 61  CYS 61  1062 1062 CYS CYS A . n 
A 1 62  GLN 62  1063 1063 GLN GLN A . n 
A 1 63  GLY 63  1064 1064 GLY GLY A . n 
A 1 64  GLY 64  1065 1065 GLY GLY A . n 
A 1 65  ASP 65  1066 1066 ASP ASP A . n 
A 1 66  PHE 66  1067 1067 PHE PHE A . n 
A 1 67  THR 67  1068 1068 THR THR A . n 
A 1 68  ARG 68  1069 1069 ARG ARG A . n 
A 1 69  HIS 69  1070 1070 HIS HIS A . n 
A 1 70  ASN 70  1071 1071 ASN ASN A . n 
A 1 71  GLY 71  1072 1072 GLY GLY A . n 
A 1 72  THR 72  1073 1073 THR THR A . n 
A 1 73  GLY 73  1074 1074 GLY GLY A . n 
A 1 74  GLY 74  1075 1075 GLY GLY A . n 
A 1 75  LYS 75  1076 1076 LYS LYS A . n 
A 1 76  SER 76  1077 1077 SER SER A . n 
A 1 77  ILE 77  1078 1078 ILE ILE A . n 
A 1 78  TYR 78  1079 1079 TYR TYR A . n 
A 1 79  GLY 79  1080 1080 GLY GLY A . n 
A 1 80  GLU 80  1081 1081 GLU GLU A . n 
A 1 81  LYS 81  1082 1082 LYS LYS A . n 
A 1 82  PHE 82  1083 1083 PHE PHE A . n 
A 1 83  GLU 83  1084 1084 GLU GLU A . n 
A 1 84  ASP 84  1085 1085 ASP ASP A . n 
A 1 85  GLU 85  1086 1086 GLU GLU A . n 
A 1 86  ASN 86  1087 1087 ASN ASN A . n 
A 1 87  PHE 87  1088 1088 PHE PHE A . n 
A 1 88  ILE 88  1089 1089 ILE ILE A . n 
A 1 89  LEU 89  1090 1090 LEU LEU A . n 
A 1 90  LYS 90  1091 1091 LYS LYS A . n 
A 1 91  HIS 91  1092 1092 HIS HIS A . n 
A 1 92  THR 92  1093 1093 THR THR A . n 
A 1 93  GLY 93  1094 1094 GLY GLY A . n 
A 1 94  PRO 94  1095 1095 PRO PRO A . n 
A 1 95  GLY 95  1096 1096 GLY GLY A . n 
A 1 96  ILE 96  1097 1097 ILE ILE A . n 
A 1 97  LEU 97  1098 1098 LEU LEU A . n 
A 1 98  SER 98  1099 1099 SER SER A . n 
A 1 99  MET 99  1100 1100 MET MET A . n 
A 1 100 ALA 100 1101 1101 ALA ALA A . n 
A 1 101 ASN 101 1102 1102 ASN ASN A . n 
A 1 102 ALA 102 1103 1103 ALA ALA A . n 
A 1 103 GLY 103 1104 1104 GLY GLY A . n 
A 1 104 PRO 104 1105 1105 PRO PRO A . n 
A 1 105 ASN 105 1106 1106 ASN ASN A . n 
A 1 106 THR 106 1107 1107 THR THR A . n 
A 1 107 ASN 107 1108 1108 ASN ASN A . n 
A 1 108 GLY 108 1109 1109 GLY GLY A . n 
A 1 109 SER 109 1110 1110 SER SER A . n 
A 1 110 GLN 110 1111 1111 GLN GLN A . n 
A 1 111 PHE 111 1112 1112 PHE PHE A . n 
A 1 112 PHE 112 1113 1113 PHE PHE A . n 
A 1 113 ILE 113 1114 1114 ILE ILE A . n 
A 1 114 CYS 114 1115 1115 CYS CYS A . n 
A 1 115 THR 115 1116 1116 THR THR A . n 
A 1 116 ALA 116 1117 1117 ALA ALA A . n 
A 1 117 LYS 117 1118 1118 LYS LYS A . n 
A 1 118 THR 118 1119 1119 THR THR A . n 
A 1 119 GLU 119 1120 1120 GLU GLU A . n 
A 1 120 TRP 120 1121 1121 TRP TRP A . n 
A 1 121 LEU 121 1122 1122 LEU LEU A . n 
A 1 122 ASP 122 1123 1123 ASP ASP A . n 
A 1 123 GLY 123 1124 1124 GLY GLY A . n 
A 1 124 LYS 124 1125 1125 LYS LYS A . n 
A 1 125 HIS 125 1126 1126 HIS HIS A . n 
A 1 126 VAL 126 1127 1127 VAL VAL A . n 
A 1 127 VAL 127 1128 1128 VAL VAL A . n 
A 1 128 PHE 128 1129 1129 PHE PHE A . n 
A 1 129 GLY 129 1130 1130 GLY GLY A . n 
A 1 130 LYS 130 1131 1131 LYS LYS A . n 
A 1 131 VAL 131 1132 1132 VAL VAL A . n 
A 1 132 LYS 132 1133 1133 LYS LYS A . n 
A 1 133 GLU 133 1134 1134 GLU GLU A . n 
A 1 134 GLY 134 1135 1135 GLY GLY A . n 
A 1 135 MET 135 1136 1136 MET MET A . n 
A 1 136 ASN 136 1137 1137 ASN ASN A . n 
A 1 137 ILE 137 1138 1138 ILE ILE A . n 
A 1 138 VAL 138 1139 1139 VAL VAL A . n 
A 1 139 GLU 139 1140 1140 GLU GLU A . n 
A 1 140 ALA 140 1141 1141 ALA ALA A . n 
A 1 141 MET 141 1142 1142 MET MET A . n 
A 1 142 GLU 142 1143 1143 GLU GLU A . n 
A 1 143 ARG 143 1144 1144 ARG ARG A . n 
A 1 144 PHE 144 1145 1145 PHE PHE A . n 
A 1 145 GLY 145 1146 1146 GLY GLY A . n 
A 1 146 SER 146 1147 1147 SER SER A . n 
A 1 147 ARG 147 1148 1148 ARG ARG A . n 
A 1 148 ASN 148 1149 1149 ASN ASN A . n 
A 1 149 GLY 149 1150 1150 GLY GLY A . n 
A 1 150 LYS 150 1151 1151 LYS LYS A . n 
A 1 151 THR 151 1152 1152 THR THR A . n 
A 1 152 SER 152 1153 1153 SER SER A . n 
A 1 153 LYS 153 1154 1154 LYS LYS A . n 
A 1 154 LYS 154 1155 1155 LYS LYS A . n 
A 1 155 ILE 155 1156 1156 ILE ILE A . n 
A 1 156 THR 156 1157 1157 THR THR A . n 
A 1 157 ILE 157 1158 1158 ILE ILE A . n 
A 1 158 ALA 158 1159 1159 ALA ALA A . n 
A 1 159 ASP 159 1160 1160 ASP ASP A . n 
A 1 160 CYS 160 1161 1161 CYS CYS A . n 
A 1 161 GLY 161 1162 1162 GLY GLY A . n 
A 1 162 GLN 162 1163 1163 GLN GLN A . n 
A 1 163 LEU 163 1164 1164 LEU LEU A . n 
A 1 164 GLU 164 1165 1165 GLU GLU A . n 
B 2 1   HIS 1   1    1    HIS HIS B . n 
B 2 2   VAL 2   2    2    VAL VAL B . n 
B 2 3   GLY 3   3    3    GLY GLY B . n 
B 2 4   PRO 4   4    4    PRO PRO B . n 
B 2 5   ILE 5   5    5    ILE ILE B . n 
B 2 6   ALA 6   6    6    ALA ALA B . n 
# 
loop_
_pdbx_nonpoly_scheme.asym_id 
_pdbx_nonpoly_scheme.entity_id 
_pdbx_nonpoly_scheme.mon_id 
_pdbx_nonpoly_scheme.ndb_seq_num 
_pdbx_nonpoly_scheme.pdb_seq_num 
_pdbx_nonpoly_scheme.auth_seq_num 
_pdbx_nonpoly_scheme.pdb_mon_id 
_pdbx_nonpoly_scheme.auth_mon_id 
_pdbx_nonpoly_scheme.pdb_strand_id 
_pdbx_nonpoly_scheme.pdb_ins_code 
C 3 HOH 1  201 201 HOH HOH A . 
C 3 HOH 2  202 202 HOH HOH A . 
C 3 HOH 3  204 204 HOH HOH A . 
C 3 HOH 4  205 205 HOH HOH A . 
C 3 HOH 5  206 206 HOH HOH A . 
C 3 HOH 6  208 208 HOH HOH A . 
C 3 HOH 7  209 209 HOH HOH A . 
C 3 HOH 8  210 210 HOH HOH A . 
C 3 HOH 9  211 211 HOH HOH A . 
C 3 HOH 10 212 212 HOH HOH A . 
C 3 HOH 11 213 213 HOH HOH A . 
D 3 HOH 1  203 203 HOH HOH B . 
D 3 HOH 2  207 207 HOH HOH B . 
# 
loop_
_pdbx_unobs_or_zero_occ_atoms.id 
_pdbx_unobs_or_zero_occ_atoms.PDB_model_num 
_pdbx_unobs_or_zero_occ_atoms.polymer_flag 
_pdbx_unobs_or_zero_occ_atoms.occupancy_flag 
_pdbx_unobs_or_zero_occ_atoms.auth_asym_id 
_pdbx_unobs_or_zero_occ_atoms.auth_comp_id 
_pdbx_unobs_or_zero_occ_atoms.auth_seq_id 
_pdbx_unobs_or_zero_occ_atoms.PDB_ins_code 
_pdbx_unobs_or_zero_occ_atoms.auth_atom_id 
_pdbx_unobs_or_zero_occ_atoms.label_alt_id 
_pdbx_unobs_or_zero_occ_atoms.label_asym_id 
_pdbx_unobs_or_zero_occ_atoms.label_comp_id 
_pdbx_unobs_or_zero_occ_atoms.label_seq_id 
_pdbx_unobs_or_zero_occ_atoms.label_atom_id 
1  1 Y 0 A THR 1032 ? CB  ? A THR 31  CB  
2  1 Y 0 A THR 1032 ? OG1 ? A THR 31  OG1 
3  1 Y 0 A THR 1032 ? CG2 ? A THR 31  CG2 
4  1 Y 0 A GLU 1034 ? CB  ? A GLU 33  CB  
5  1 Y 0 A GLU 1034 ? CG  ? A GLU 33  CG  
6  1 Y 0 A GLU 1034 ? CD  ? A GLU 33  CD  
7  1 Y 0 A GLU 1034 ? OE1 ? A GLU 33  OE1 
8  1 Y 0 A GLU 1034 ? OE2 ? A GLU 33  OE2 
9  1 Y 0 A LYS 1049 ? CG  ? A LYS 48  CG  
10 1 Y 0 A LYS 1049 ? CD  ? A LYS 48  CD  
11 1 Y 0 A LYS 1049 ? CE  ? A LYS 48  CE  
12 1 Y 0 A LYS 1049 ? NZ  ? A LYS 48  NZ  
13 1 Y 0 A ARG 1069 ? CG  ? A ARG 68  CG  
14 1 Y 0 A ARG 1069 ? CD  ? A ARG 68  CD  
15 1 Y 0 A ARG 1069 ? NE  ? A ARG 68  NE  
16 1 Y 0 A ARG 1069 ? CZ  ? A ARG 68  CZ  
17 1 Y 0 A ARG 1069 ? NH1 ? A ARG 68  NH1 
18 1 Y 0 A ARG 1069 ? NH2 ? A ARG 68  NH2 
19 1 Y 0 A LYS 1082 ? CB  ? A LYS 81  CB  
20 1 Y 0 A LYS 1082 ? CG  ? A LYS 81  CG  
21 1 Y 0 A LYS 1082 ? CD  ? A LYS 81  CD  
22 1 Y 0 A LYS 1082 ? CE  ? A LYS 81  CE  
23 1 Y 0 A LYS 1082 ? NZ  ? A LYS 81  NZ  
24 1 Y 0 A GLU 1084 ? CB  ? A GLU 83  CB  
25 1 Y 0 A GLU 1084 ? CG  ? A GLU 83  CG  
26 1 Y 0 A GLU 1084 ? CD  ? A GLU 83  CD  
27 1 Y 0 A GLU 1084 ? OE1 ? A GLU 83  OE1 
28 1 Y 0 A GLU 1084 ? OE2 ? A GLU 83  OE2 
29 1 Y 0 A ASP 1085 ? CB  ? A ASP 84  CB  
30 1 Y 0 A ASP 1085 ? CG  ? A ASP 84  CG  
31 1 Y 0 A ASP 1085 ? OD1 ? A ASP 84  OD1 
32 1 Y 0 A ASP 1085 ? OD2 ? A ASP 84  OD2 
33 1 Y 0 A GLU 1086 ? CB  ? A GLU 85  CB  
34 1 Y 0 A GLU 1086 ? CG  ? A GLU 85  CG  
35 1 Y 0 A GLU 1086 ? CD  ? A GLU 85  CD  
36 1 Y 0 A GLU 1086 ? OE1 ? A GLU 85  OE1 
37 1 Y 0 A GLU 1086 ? OE2 ? A GLU 85  OE2 
38 1 Y 0 A ASN 1087 ? CB  ? A ASN 86  CB  
39 1 Y 0 A ASN 1087 ? CG  ? A ASN 86  CG  
40 1 Y 0 A ASN 1087 ? OD1 ? A ASN 86  OD1 
41 1 Y 0 A ASN 1087 ? ND2 ? A ASN 86  ND2 
42 1 Y 0 A ASN 1106 ? CG  ? A ASN 105 CG  
43 1 Y 0 A ASN 1106 ? OD1 ? A ASN 105 OD1 
44 1 Y 0 A ASN 1106 ? ND2 ? A ASN 105 ND2 
45 1 Y 0 A LYS 1131 ? CG  ? A LYS 130 CG  
46 1 Y 0 A LYS 1131 ? CD  ? A LYS 130 CD  
47 1 Y 0 A LYS 1131 ? CE  ? A LYS 130 CE  
48 1 Y 0 A LYS 1131 ? NZ  ? A LYS 130 NZ  
49 1 Y 0 A GLU 1134 ? CG  ? A GLU 133 CG  
50 1 Y 0 A GLU 1134 ? CD  ? A GLU 133 CD  
51 1 Y 0 A GLU 1134 ? OE1 ? A GLU 133 OE1 
52 1 Y 0 A GLU 1134 ? OE2 ? A GLU 133 OE2 
53 1 Y 0 A ASN 1137 ? CG  ? A ASN 136 CG  
54 1 Y 0 A ASN 1137 ? OD1 ? A ASN 136 OD1 
55 1 Y 0 A ASN 1137 ? ND2 ? A ASN 136 ND2 
56 1 Y 0 A ARG 1148 ? CB  ? A ARG 147 CB  
57 1 Y 0 A ARG 1148 ? CG  ? A ARG 147 CG  
58 1 Y 0 A ARG 1148 ? CD  ? A ARG 147 CD  
59 1 Y 0 A ARG 1148 ? NE  ? A ARG 147 NE  
60 1 Y 0 A ARG 1148 ? CZ  ? A ARG 147 CZ  
61 1 Y 0 A ARG 1148 ? NH1 ? A ARG 147 NH1 
62 1 Y 0 A ARG 1148 ? NH2 ? A ARG 147 NH2 
# 
loop_
_software.name 
_software.classification 
_software.version 
_software.citation_id 
_software.pdbx_ordinal 
X-PLOR    'model building' 3.843 ? 1 
X-PLOR    refinement       3.843 ? 2 
DENZO     'data reduction' .     ? 3 
SCALEPACK 'data scaling'   .     ? 4 
X-PLOR    phasing          3.843 ? 5 
# 
_cell.entry_id           1AWU 
_cell.length_a           52.400 
_cell.length_b           52.400 
_cell.length_c           63.400 
_cell.angle_alpha        90.00 
_cell.angle_beta         90.00 
_cell.angle_gamma        90.00 
_cell.Z_PDB              4 
_cell.pdbx_unique_axis   ? 
# 
_symmetry.entry_id                         1AWU 
_symmetry.space_group_name_H-M             'P 43' 
_symmetry.pdbx_full_space_group_name_H-M   ? 
_symmetry.cell_setting                     ? 
_symmetry.Int_Tables_number                78 
# 
_exptl.entry_id          1AWU 
_exptl.method            'X-RAY DIFFRACTION' 
_exptl.crystals_number   1 
# 
_exptl_crystal.id                    1 
_exptl_crystal.density_meas          ? 
_exptl_crystal.density_Matthews      2.35 
_exptl_crystal.density_percent_sol   47.70 
_exptl_crystal.description           ? 
# 
_exptl_crystal_grow.crystal_id      1 
_exptl_crystal_grow.method          ? 
_exptl_crystal_grow.temp            ? 
_exptl_crystal_grow.temp_details    ? 
_exptl_crystal_grow.pH              8.4 
_exptl_crystal_grow.pdbx_pH_range   ? 
_exptl_crystal_grow.pdbx_details    'pH 8.4' 
# 
_diffrn.id                     1 
_diffrn.ambient_temp           100 
_diffrn.ambient_temp_details   ? 
_diffrn.crystal_id             1 
# 
_diffrn_detector.diffrn_id              1 
_diffrn_detector.detector               'IMAGE PLATE' 
_diffrn_detector.type                   MARRESEARCH 
_diffrn_detector.pdbx_collection_date   1996-02 
_diffrn_detector.details                ? 
# 
_diffrn_radiation.diffrn_id                        1 
_diffrn_radiation.wavelength_id                    1 
_diffrn_radiation.pdbx_monochromatic_or_laue_m_l   M 
_diffrn_radiation.monochromator                    ? 
_diffrn_radiation.pdbx_diffrn_protocol             ? 
_diffrn_radiation.pdbx_scattering_type             x-ray 
# 
_diffrn_radiation_wavelength.id           1 
_diffrn_radiation_wavelength.wavelength   1.08 
_diffrn_radiation_wavelength.wt           1.0 
# 
_diffrn_source.diffrn_id                   1 
_diffrn_source.source                      SYNCHROTRON 
_diffrn_source.type                        'SSRL BEAMLINE BL7-1' 
_diffrn_source.pdbx_synchrotron_site       SSRL 
_diffrn_source.pdbx_synchrotron_beamline   BL7-1 
_diffrn_source.pdbx_wavelength             1.08 
_diffrn_source.pdbx_wavelength_list        ? 
# 
_reflns.entry_id                     1AWU 
_reflns.observed_criterion_sigma_I   0. 
_reflns.observed_criterion_sigma_F   ? 
_reflns.d_resolution_low             15.0 
_reflns.d_resolution_high            2.34 
_reflns.number_obs                   7251 
_reflns.number_all                   ? 
_reflns.percent_possible_obs         97.9 
_reflns.pdbx_Rmerge_I_obs            ? 
_reflns.pdbx_Rsym_value              0.0470000 
_reflns.pdbx_netI_over_sigmaI        17.6 
_reflns.B_iso_Wilson_estimate        21.6 
_reflns.pdbx_redundancy              ? 
_reflns.pdbx_diffrn_id               1 
_reflns.pdbx_ordinal                 1 
# 
_reflns_shell.d_res_high             2.34 
_reflns_shell.d_res_low              2.38 
_reflns_shell.percent_possible_all   78.6 
_reflns_shell.Rmerge_I_obs           ? 
_reflns_shell.pdbx_Rsym_value        0.1140000 
_reflns_shell.meanI_over_sigI_obs    ? 
_reflns_shell.pdbx_redundancy        ? 
_reflns_shell.pdbx_diffrn_id         ? 
_reflns_shell.pdbx_ordinal           1 
# 
_refine.entry_id                                 1AWU 
_refine.ls_number_reflns_obs                     7049 
_refine.ls_number_reflns_all                     ? 
_refine.pdbx_ls_sigma_I                          ? 
_refine.pdbx_ls_sigma_F                          0.0 
_refine.pdbx_data_cutoff_high_absF               10000000.0 
_refine.pdbx_data_cutoff_low_absF                0.001 
_refine.pdbx_data_cutoff_high_rms_absF           ? 
_refine.ls_d_res_low                             15.00 
_refine.ls_d_res_high                            2.34 
_refine.ls_percent_reflns_obs                    96.8 
_refine.ls_R_factor_obs                          0.3160000 
_refine.ls_R_factor_all                          ? 
_refine.ls_R_factor_R_work                       0.3160000 
_refine.ls_R_factor_R_free                       0.3510000 
_refine.ls_R_factor_R_free_error                 0.018 
_refine.ls_R_factor_R_free_error_details         ? 
_refine.ls_percent_reflns_R_free                 5.5 
_refine.ls_number_reflns_R_free                  387 
_refine.ls_number_parameters                     ? 
_refine.ls_number_restraints                     ? 
_refine.occupancy_min                            ? 
_refine.occupancy_max                            ? 
_refine.B_iso_mean                               27.6 
_refine.aniso_B[1][1]                            ? 
_refine.aniso_B[2][2]                            ? 
_refine.aniso_B[3][3]                            ? 
_refine.aniso_B[1][2]                            ? 
_refine.aniso_B[1][3]                            ? 
_refine.aniso_B[2][3]                            ? 
_refine.solvent_model_details                    ? 
_refine.solvent_model_param_ksol                 ? 
_refine.solvent_model_param_bsol                 ? 
_refine.pdbx_ls_cross_valid_method               THROUGHOUT 
_refine.details                                  
;BULK SOLVENT MODEL USED

A LARGE NUMBER OF ATOMS WERE SET TO ZERO OCCUPANCY FOR
REFINEMENT PURPOSES SINCE THEY WERE NOT WELL-DEFINED BY THE
ELECTRON DENSITY.

REGARDING THE HIGH R-VALUE:  THIS IS THE STRUCTURE OF THE
COMPLEX REFINED IN A PSEUDO-SPACE GROUP.  THE DETAILS ARE
ADDRESSED EXTENSIVELY IN THE PAPER.  TO SUMMARIZE HERE, THE
HIGH R-VALUE FOR THIS STRUCTURE STEMS FROM THE BREAKDOWN IN
PSEUDO-SYMMETRY AT HIGH RESOLUTION.
;
_refine.pdbx_starting_model                      'PDB ENTRY 2CYH' 
_refine.pdbx_method_to_determine_struct          'MOLECULAR REPLACEMENT' 
_refine.pdbx_isotropic_thermal_model             RESTRAINED 
_refine.pdbx_stereochemistry_target_values       ? 
_refine.pdbx_stereochem_target_val_spec_case     ? 
_refine.pdbx_R_Free_selection_details            RANDOM 
_refine.pdbx_overall_ESU_R                       ? 
_refine.pdbx_overall_ESU_R_Free                  ? 
_refine.overall_SU_ML                            ? 
_refine.overall_SU_B                             ? 
_refine.pdbx_refine_id                           'X-RAY DIFFRACTION' 
_refine.pdbx_diffrn_id                           1 
_refine.pdbx_TLS_residual_ADP_flag               ? 
_refine.correlation_coeff_Fo_to_Fc               ? 
_refine.correlation_coeff_Fo_to_Fc_free          ? 
_refine.pdbx_solvent_vdw_probe_radii             ? 
_refine.pdbx_solvent_ion_probe_radii             ? 
_refine.pdbx_solvent_shrinkage_radii             ? 
_refine.pdbx_overall_phase_error                 ? 
_refine.overall_SU_R_Cruickshank_DPI             ? 
_refine.pdbx_overall_SU_R_free_Cruickshank_DPI   ? 
_refine.pdbx_overall_SU_R_Blow_DPI               ? 
_refine.pdbx_overall_SU_R_free_Blow_DPI          ? 
# 
_refine_analyze.entry_id                        1AWU 
_refine_analyze.Luzzati_coordinate_error_obs    0.45 
_refine_analyze.Luzzati_sigma_a_obs             0.55 
_refine_analyze.Luzzati_d_res_low_obs           5.00 
_refine_analyze.Luzzati_coordinate_error_free   0.58 
_refine_analyze.Luzzati_sigma_a_free            0.70 
_refine_analyze.Luzzati_d_res_low_free          ? 
_refine_analyze.number_disordered_residues      ? 
_refine_analyze.occupancy_sum_hydrogen          ? 
_refine_analyze.occupancy_sum_non_hydrogen      ? 
_refine_analyze.pdbx_refine_id                  'X-RAY DIFFRACTION' 
# 
_refine_hist.pdbx_refine_id                   'X-RAY DIFFRACTION' 
_refine_hist.cycle_id                         LAST 
_refine_hist.pdbx_number_atoms_protein        1258 
_refine_hist.pdbx_number_atoms_nucleic_acid   0 
_refine_hist.pdbx_number_atoms_ligand         42 
_refine_hist.number_atoms_solvent             13 
_refine_hist.number_atoms_total               1313 
_refine_hist.d_res_high                       2.34 
_refine_hist.d_res_low                        15.00 
# 
loop_
_refine_ls_restr.type 
_refine_ls_restr.dev_ideal 
_refine_ls_restr.dev_ideal_target 
_refine_ls_restr.weight 
_refine_ls_restr.number 
_refine_ls_restr.pdbx_refine_id 
_refine_ls_restr.pdbx_restraint_function 
x_bond_d                0.010 ?    ? ? 'X-RAY DIFFRACTION' ? 
x_bond_d_na             ?     ?    ? ? 'X-RAY DIFFRACTION' ? 
x_bond_d_prot           ?     ?    ? ? 'X-RAY DIFFRACTION' ? 
x_angle_d               ?     ?    ? ? 'X-RAY DIFFRACTION' ? 
x_angle_d_na            ?     ?    ? ? 'X-RAY DIFFRACTION' ? 
x_angle_d_prot          ?     ?    ? ? 'X-RAY DIFFRACTION' ? 
x_angle_deg             1.6   ?    ? ? 'X-RAY DIFFRACTION' ? 
x_angle_deg_na          ?     ?    ? ? 'X-RAY DIFFRACTION' ? 
x_angle_deg_prot        ?     ?    ? ? 'X-RAY DIFFRACTION' ? 
x_dihedral_angle_d      24.7  ?    ? ? 'X-RAY DIFFRACTION' ? 
x_dihedral_angle_d_na   ?     ?    ? ? 'X-RAY DIFFRACTION' ? 
x_dihedral_angle_d_prot ?     ?    ? ? 'X-RAY DIFFRACTION' ? 
x_improper_angle_d      1.35  ?    ? ? 'X-RAY DIFFRACTION' ? 
x_improper_angle_d_na   ?     ?    ? ? 'X-RAY DIFFRACTION' ? 
x_improper_angle_d_prot ?     ?    ? ? 'X-RAY DIFFRACTION' ? 
x_mcbond_it             5.58  1.50 ? ? 'X-RAY DIFFRACTION' ? 
x_mcangle_it            7.79  2.00 ? ? 'X-RAY DIFFRACTION' ? 
x_scbond_it             7.55  2.00 ? ? 'X-RAY DIFFRACTION' ? 
x_scangle_it            8.76  2.50 ? ? 'X-RAY DIFFRACTION' ? 
# 
_refine_ls_shell.pdbx_total_number_of_bins_used   6 
_refine_ls_shell.d_res_high                       2.34 
_refine_ls_shell.d_res_low                        2.49 
_refine_ls_shell.number_reflns_R_work             990 
_refine_ls_shell.R_factor_R_work                  0.4380000 
_refine_ls_shell.percent_reflns_obs               87.0 
_refine_ls_shell.R_factor_R_free                  0.4690000 
_refine_ls_shell.R_factor_R_free_error            0.061 
_refine_ls_shell.percent_reflns_R_free            5.6 
_refine_ls_shell.number_reflns_R_free             59 
_refine_ls_shell.pdbx_refine_id                   'X-RAY DIFFRACTION' 
_refine_ls_shell.number_reflns_all                ? 
_refine_ls_shell.R_factor_all                     ? 
# 
loop_
_pdbx_xplor_file.serial_no 
_pdbx_xplor_file.param_file 
_pdbx_xplor_file.topol_file 
_pdbx_xplor_file.pdbx_refine_id 
1 PARHCSDX.PRO    TOPHCSDX.PRO   'X-RAY DIFFRACTION' 
2 TIP3P.PARAMETER TIP3P.TOPOLOGY 'X-RAY DIFFRACTION' 
# 
_struct.entry_id                  1AWU 
_struct.title                     'CYPA COMPLEXED WITH HVGPIA (PSEUDO-SYMMETRIC MONOMER)' 
_struct.pdbx_model_details        ? 
_struct.pdbx_CASP_flag            ? 
_struct.pdbx_model_type_details   ? 
# 
_struct_keywords.entry_id        1AWU 
_struct_keywords.pdbx_keywords   'COMPLEX (ISOMERASE/PEPTIDE)' 
_struct_keywords.text            
'COMPLEX (ISOMERASE-PEPTIDE), CYCLOPHILIN A, HIV-1 CAPSID, PSEUDO-SYMMETRY, COMPLEX (ISOMERASE-PEPTIDE) complex' 
# 
loop_
_struct_asym.id 
_struct_asym.pdbx_blank_PDB_chainid_flag 
_struct_asym.pdbx_modified 
_struct_asym.entity_id 
_struct_asym.details 
A N N 1 ? 
B N N 2 ? 
C N N 3 ? 
D N N 3 ? 
# 
loop_
_struct_ref.id 
_struct_ref.db_name 
_struct_ref.db_code 
_struct_ref.entity_id 
_struct_ref.pdbx_db_accession 
_struct_ref.pdbx_align_begin 
_struct_ref.pdbx_seq_one_letter_code 
_struct_ref.pdbx_db_isoform 
1 UNP PPIA_HUMAN 1 P62937 1 
;VNPTVFFDIAVDGEPLGRVSFELFADKVPKTAENFRALSTGEKGFGYKGSCFHRIIPGFMCQGGDFTRHNGTGGKSIYGE
KFEDENFILKHTGPGILSMANAGPNTNGSQFFICTAKTEWLDGKHVVFGKVKEGMNIVEAMERFGSRNGKTSKKITIADC
GQLE
;
? 
2 PDB 1AWU       2 1AWU   ? ? ? 
# 
loop_
_struct_ref_seq.align_id 
_struct_ref_seq.ref_id 
_struct_ref_seq.pdbx_PDB_id_code 
_struct_ref_seq.pdbx_strand_id 
_struct_ref_seq.seq_align_beg 
_struct_ref_seq.pdbx_seq_align_beg_ins_code 
_struct_ref_seq.seq_align_end 
_struct_ref_seq.pdbx_seq_align_end_ins_code 
_struct_ref_seq.pdbx_db_accession 
_struct_ref_seq.db_align_beg 
_struct_ref_seq.pdbx_db_align_beg_ins_code 
_struct_ref_seq.db_align_end 
_struct_ref_seq.pdbx_db_align_end_ins_code 
_struct_ref_seq.pdbx_auth_seq_align_beg 
_struct_ref_seq.pdbx_auth_seq_align_end 
1 1 1AWU A 1 ? 164 ? P62937 1 ? 164 ? 1002 1165 
2 2 1AWU B 1 ? 6   ? 1AWU   1 ? 6   ? 1    6    
# 
_pdbx_struct_assembly.id                   1 
_pdbx_struct_assembly.details              author_and_software_defined_assembly 
_pdbx_struct_assembly.method_details       PISA 
_pdbx_struct_assembly.oligomeric_details   dimeric 
_pdbx_struct_assembly.oligomeric_count     2 
# 
loop_
_pdbx_struct_assembly_prop.biol_id 
_pdbx_struct_assembly_prop.type 
_pdbx_struct_assembly_prop.value 
_pdbx_struct_assembly_prop.details 
1 'ABSA (A^2)' 850  ? 
1 MORE         -5   ? 
1 'SSA (A^2)'  7510 ? 
# 
_pdbx_struct_assembly_gen.assembly_id       1 
_pdbx_struct_assembly_gen.oper_expression   1 
_pdbx_struct_assembly_gen.asym_id_list      A,B,C,D 
# 
_pdbx_struct_oper_list.id                   1 
_pdbx_struct_oper_list.type                 'identity operation' 
_pdbx_struct_oper_list.name                 1_555 
_pdbx_struct_oper_list.symmetry_operation   x,y,z 
_pdbx_struct_oper_list.matrix[1][1]         1.0000000000 
_pdbx_struct_oper_list.matrix[1][2]         0.0000000000 
_pdbx_struct_oper_list.matrix[1][3]         0.0000000000 
_pdbx_struct_oper_list.vector[1]            0.0000000000 
_pdbx_struct_oper_list.matrix[2][1]         0.0000000000 
_pdbx_struct_oper_list.matrix[2][2]         1.0000000000 
_pdbx_struct_oper_list.matrix[2][3]         0.0000000000 
_pdbx_struct_oper_list.vector[2]            0.0000000000 
_pdbx_struct_oper_list.matrix[3][1]         0.0000000000 
_pdbx_struct_oper_list.matrix[3][2]         0.0000000000 
_pdbx_struct_oper_list.matrix[3][3]         1.0000000000 
_pdbx_struct_oper_list.vector[3]            0.0000000000 
# 
_struct_biol.id   1 
# 
loop_
_struct_conf.conf_type_id 
_struct_conf.id 
_struct_conf.pdbx_PDB_helix_id 
_struct_conf.beg_label_comp_id 
_struct_conf.beg_label_asym_id 
_struct_conf.beg_label_seq_id 
_struct_conf.pdbx_beg_PDB_ins_code 
_struct_conf.end_label_comp_id 
_struct_conf.end_label_asym_id 
_struct_conf.end_label_seq_id 
_struct_conf.pdbx_end_PDB_ins_code 
_struct_conf.beg_auth_comp_id 
_struct_conf.beg_auth_asym_id 
_struct_conf.beg_auth_seq_id 
_struct_conf.end_auth_comp_id 
_struct_conf.end_auth_asym_id 
_struct_conf.end_auth_seq_id 
_struct_conf.pdbx_PDB_helix_class 
_struct_conf.details 
_struct_conf.pdbx_PDB_helix_length 
HELX_P HELX_P1 1 THR A 31  ? THR A 40  ? THR A 1032 THR A 1041 1 ? 10 
HELX_P HELX_P2 2 GLU A 119 ? LEU A 121 ? GLU A 1120 LEU A 1122 5 ? 3  
HELX_P HELX_P3 3 MET A 135 ? PHE A 144 ? MET A 1136 PHE A 1145 1 ? 10 
# 
_struct_conf_type.id          HELX_P 
_struct_conf_type.criteria    ? 
_struct_conf_type.reference   ? 
# 
loop_
_struct_sheet.id 
_struct_sheet.type 
_struct_sheet.number_strands 
_struct_sheet.details 
A ? 3 ? 
B ? 2 ? 
C ? 5 ? 
# 
loop_
_struct_sheet_order.sheet_id 
_struct_sheet_order.range_id_1 
_struct_sheet_order.range_id_2 
_struct_sheet_order.offset 
_struct_sheet_order.sense 
A 1 2 ? anti-parallel 
A 2 3 ? anti-parallel 
B 1 2 ? anti-parallel 
C 1 2 ? anti-parallel 
C 2 3 ? anti-parallel 
C 3 4 ? anti-parallel 
C 4 5 ? anti-parallel 
# 
loop_
_struct_sheet_range.sheet_id 
_struct_sheet_range.id 
_struct_sheet_range.beg_label_comp_id 
_struct_sheet_range.beg_label_asym_id 
_struct_sheet_range.beg_label_seq_id 
_struct_sheet_range.pdbx_beg_PDB_ins_code 
_struct_sheet_range.end_label_comp_id 
_struct_sheet_range.end_label_asym_id 
_struct_sheet_range.end_label_seq_id 
_struct_sheet_range.pdbx_end_PDB_ins_code 
_struct_sheet_range.beg_auth_comp_id 
_struct_sheet_range.beg_auth_asym_id 
_struct_sheet_range.beg_auth_seq_id 
_struct_sheet_range.end_auth_comp_id 
_struct_sheet_range.end_auth_asym_id 
_struct_sheet_range.end_auth_seq_id 
A 1 CYS A 160 ? GLN A 162 ? CYS A 1161 GLN A 1163 
A 2 THR A 4   ? ALA A 10  ? THR A 1005 ALA A 1011 
A 3 PRO A 15  ? GLU A 22  ? PRO A 1016 GLU A 1023 
B 1 ILE A 9   ? VAL A 11  ? ILE A 1010 VAL A 1012 
B 2 ILE A 155 ? ILE A 157 ? ILE A 1156 ILE A 1158 
C 1 ARG A 54  ? ILE A 56  ? ARG A 1055 ILE A 1057 
C 2 MET A 60  ? GLY A 63  ? MET A 1061 GLY A 1064 
C 3 PHE A 111 ? CYS A 114 ? PHE A 1112 CYS A 1115 
C 4 ILE A 96  ? MET A 99  ? ILE A 1097 MET A 1100 
C 5 VAL A 127 ? LYS A 130 ? VAL A 1128 LYS A 1131 
# 
loop_
_pdbx_struct_sheet_hbond.sheet_id 
_pdbx_struct_sheet_hbond.range_id_1 
_pdbx_struct_sheet_hbond.range_id_2 
_pdbx_struct_sheet_hbond.range_1_label_atom_id 
_pdbx_struct_sheet_hbond.range_1_label_comp_id 
_pdbx_struct_sheet_hbond.range_1_label_asym_id 
_pdbx_struct_sheet_hbond.range_1_label_seq_id 
_pdbx_struct_sheet_hbond.range_1_PDB_ins_code 
_pdbx_struct_sheet_hbond.range_1_auth_atom_id 
_pdbx_struct_sheet_hbond.range_1_auth_comp_id 
_pdbx_struct_sheet_hbond.range_1_auth_asym_id 
_pdbx_struct_sheet_hbond.range_1_auth_seq_id 
_pdbx_struct_sheet_hbond.range_2_label_atom_id 
_pdbx_struct_sheet_hbond.range_2_label_comp_id 
_pdbx_struct_sheet_hbond.range_2_label_asym_id 
_pdbx_struct_sheet_hbond.range_2_label_seq_id 
_pdbx_struct_sheet_hbond.range_2_PDB_ins_code 
_pdbx_struct_sheet_hbond.range_2_auth_atom_id 
_pdbx_struct_sheet_hbond.range_2_auth_comp_id 
_pdbx_struct_sheet_hbond.range_2_auth_asym_id 
_pdbx_struct_sheet_hbond.range_2_auth_seq_id 
A 1 2 O GLY A 161 ? O GLY A 1162 N PHE A 6   ? N PHE A 1007 
A 2 3 O VAL A 5   ? O VAL A 1006 N PHE A 21  ? N PHE A 1022 
B 1 2 O ALA A 10  ? O ALA A 1011 N THR A 156 ? N THR A 1157 
C 1 2 O ARG A 54  ? O ARG A 1055 N GLN A 62  ? N GLN A 1063 
C 2 3 O CYS A 61  ? O CYS A 1062 N ILE A 113 ? N ILE A 1114 
C 3 4 O PHE A 112 ? O PHE A 1113 N SER A 98  ? N SER A 1099 
C 4 5 O LEU A 97  ? O LEU A 1098 N GLY A 129 ? N GLY A 1130 
# 
loop_
_pdbx_validate_torsion.id 
_pdbx_validate_torsion.PDB_model_num 
_pdbx_validate_torsion.auth_comp_id 
_pdbx_validate_torsion.auth_asym_id 
_pdbx_validate_torsion.auth_seq_id 
_pdbx_validate_torsion.PDB_ins_code 
_pdbx_validate_torsion.label_alt_id 
_pdbx_validate_torsion.phi 
_pdbx_validate_torsion.psi 
1  1 ASP A 1013 ? ? 69.55   65.75   
2  1 GLU A 1015 ? ? -44.94  97.67   
3  1 LEU A 1017 ? ? -105.77 -69.54  
4  1 ALA A 1026 ? ? -88.74  -76.61  
5  1 GLU A 1043 ? ? -62.18  11.75   
6  1 LYS A 1044 ? ? -156.53 25.98   
7  1 THR A 1068 ? ? -84.84  -71.17  
8  1 ASN A 1071 ? ? -161.85 -41.86  
9  1 LYS A 1076 ? ? 174.39  143.09  
10 1 GLU A 1081 ? ? -143.06 -43.26  
11 1 GLU A 1084 ? ? -43.08  164.86  
12 1 HIS A 1092 ? ? -69.09  67.43   
13 1 THR A 1119 ? ? -113.48 63.26   
14 1 ARG A 1144 ? ? -59.59  -0.40   
15 1 SER A 1147 ? ? -172.29 -173.25 
16 1 LYS A 1154 ? ? -141.27 -109.23 
17 1 LYS A 1155 ? ? -167.53 89.79   
18 1 ASP A 1160 ? ? 178.43  169.21  
# 
loop_
_pdbx_unobs_or_zero_occ_residues.id 
_pdbx_unobs_or_zero_occ_residues.PDB_model_num 
_pdbx_unobs_or_zero_occ_residues.polymer_flag 
_pdbx_unobs_or_zero_occ_residues.occupancy_flag 
_pdbx_unobs_or_zero_occ_residues.auth_asym_id 
_pdbx_unobs_or_zero_occ_residues.auth_comp_id 
_pdbx_unobs_or_zero_occ_residues.auth_seq_id 
_pdbx_unobs_or_zero_occ_residues.PDB_ins_code 
_pdbx_unobs_or_zero_occ_residues.label_asym_id 
_pdbx_unobs_or_zero_occ_residues.label_comp_id 
_pdbx_unobs_or_zero_occ_residues.label_seq_id 
1  1 Y 0 A VAL 1002 ? A VAL 1   
2  1 Y 0 A ASN 1003 ? A ASN 2   
3  1 Y 0 A ALA 1026 ? A ALA 25  
4  1 Y 0 A ASP 1027 ? A ASP 26  
5  1 Y 0 A LYS 1028 ? A LYS 27  
6  1 Y 0 A VAL 1029 ? A VAL 28  
7  1 Y 0 A PRO 1030 ? A PRO 29  
8  1 Y 0 A LYS 1031 ? A LYS 30  
9  1 Y 0 A GLY 1042 ? A GLY 41  
10 1 Y 0 A GLY 1080 ? A GLY 79  
11 1 Y 0 A GLU 1081 ? A GLU 80  
12 1 Y 0 A GLY 1104 ? A GLY 103 
13 1 Y 0 A PRO 1105 ? A PRO 104 
14 1 Y 0 A ARG 1144 ? A ARG 143 
15 1 Y 0 A LYS 1154 ? A LYS 153 
16 1 Y 0 A LYS 1155 ? A LYS 154 
# 
loop_
_chem_comp_atom.comp_id 
_chem_comp_atom.atom_id 
_chem_comp_atom.type_symbol 
_chem_comp_atom.pdbx_aromatic_flag 
_chem_comp_atom.pdbx_stereo_config 
_chem_comp_atom.pdbx_ordinal 
ALA N    N N N 1   
ALA CA   C N S 2   
ALA C    C N N 3   
ALA O    O N N 4   
ALA CB   C N N 5   
ALA OXT  O N N 6   
ALA H    H N N 7   
ALA H2   H N N 8   
ALA HA   H N N 9   
ALA HB1  H N N 10  
ALA HB2  H N N 11  
ALA HB3  H N N 12  
ALA HXT  H N N 13  
ARG N    N N N 14  
ARG CA   C N S 15  
ARG C    C N N 16  
ARG O    O N N 17  
ARG CB   C N N 18  
ARG CG   C N N 19  
ARG CD   C N N 20  
ARG NE   N N N 21  
ARG CZ   C N N 22  
ARG NH1  N N N 23  
ARG NH2  N N N 24  
ARG OXT  O N N 25  
ARG H    H N N 26  
ARG H2   H N N 27  
ARG HA   H N N 28  
ARG HB2  H N N 29  
ARG HB3  H N N 30  
ARG HG2  H N N 31  
ARG HG3  H N N 32  
ARG HD2  H N N 33  
ARG HD3  H N N 34  
ARG HE   H N N 35  
ARG HH11 H N N 36  
ARG HH12 H N N 37  
ARG HH21 H N N 38  
ARG HH22 H N N 39  
ARG HXT  H N N 40  
ASN N    N N N 41  
ASN CA   C N S 42  
ASN C    C N N 43  
ASN O    O N N 44  
ASN CB   C N N 45  
ASN CG   C N N 46  
ASN OD1  O N N 47  
ASN ND2  N N N 48  
ASN OXT  O N N 49  
ASN H    H N N 50  
ASN H2   H N N 51  
ASN HA   H N N 52  
ASN HB2  H N N 53  
ASN HB3  H N N 54  
ASN HD21 H N N 55  
ASN HD22 H N N 56  
ASN HXT  H N N 57  
ASP N    N N N 58  
ASP CA   C N S 59  
ASP C    C N N 60  
ASP O    O N N 61  
ASP CB   C N N 62  
ASP CG   C N N 63  
ASP OD1  O N N 64  
ASP OD2  O N N 65  
ASP OXT  O N N 66  
ASP H    H N N 67  
ASP H2   H N N 68  
ASP HA   H N N 69  
ASP HB2  H N N 70  
ASP HB3  H N N 71  
ASP HD2  H N N 72  
ASP HXT  H N N 73  
CYS N    N N N 74  
CYS CA   C N R 75  
CYS C    C N N 76  
CYS O    O N N 77  
CYS CB   C N N 78  
CYS SG   S N N 79  
CYS OXT  O N N 80  
CYS H    H N N 81  
CYS H2   H N N 82  
CYS HA   H N N 83  
CYS HB2  H N N 84  
CYS HB3  H N N 85  
CYS HG   H N N 86  
CYS HXT  H N N 87  
GLN N    N N N 88  
GLN CA   C N S 89  
GLN C    C N N 90  
GLN O    O N N 91  
GLN CB   C N N 92  
GLN CG   C N N 93  
GLN CD   C N N 94  
GLN OE1  O N N 95  
GLN NE2  N N N 96  
GLN OXT  O N N 97  
GLN H    H N N 98  
GLN H2   H N N 99  
GLN HA   H N N 100 
GLN HB2  H N N 101 
GLN HB3  H N N 102 
GLN HG2  H N N 103 
GLN HG3  H N N 104 
GLN HE21 H N N 105 
GLN HE22 H N N 106 
GLN HXT  H N N 107 
GLU N    N N N 108 
GLU CA   C N S 109 
GLU C    C N N 110 
GLU O    O N N 111 
GLU CB   C N N 112 
GLU CG   C N N 113 
GLU CD   C N N 114 
GLU OE1  O N N 115 
GLU OE2  O N N 116 
GLU OXT  O N N 117 
GLU H    H N N 118 
GLU H2   H N N 119 
GLU HA   H N N 120 
GLU HB2  H N N 121 
GLU HB3  H N N 122 
GLU HG2  H N N 123 
GLU HG3  H N N 124 
GLU HE2  H N N 125 
GLU HXT  H N N 126 
GLY N    N N N 127 
GLY CA   C N N 128 
GLY C    C N N 129 
GLY O    O N N 130 
GLY OXT  O N N 131 
GLY H    H N N 132 
GLY H2   H N N 133 
GLY HA2  H N N 134 
GLY HA3  H N N 135 
GLY HXT  H N N 136 
HIS N    N N N 137 
HIS CA   C N S 138 
HIS C    C N N 139 
HIS O    O N N 140 
HIS CB   C N N 141 
HIS CG   C Y N 142 
HIS ND1  N Y N 143 
HIS CD2  C Y N 144 
HIS CE1  C Y N 145 
HIS NE2  N Y N 146 
HIS OXT  O N N 147 
HIS H    H N N 148 
HIS H2   H N N 149 
HIS HA   H N N 150 
HIS HB2  H N N 151 
HIS HB3  H N N 152 
HIS HD1  H N N 153 
HIS HD2  H N N 154 
HIS HE1  H N N 155 
HIS HE2  H N N 156 
HIS HXT  H N N 157 
HOH O    O N N 158 
HOH H1   H N N 159 
HOH H2   H N N 160 
ILE N    N N N 161 
ILE CA   C N S 162 
ILE C    C N N 163 
ILE O    O N N 164 
ILE CB   C N S 165 
ILE CG1  C N N 166 
ILE CG2  C N N 167 
ILE CD1  C N N 168 
ILE OXT  O N N 169 
ILE H    H N N 170 
ILE H2   H N N 171 
ILE HA   H N N 172 
ILE HB   H N N 173 
ILE HG12 H N N 174 
ILE HG13 H N N 175 
ILE HG21 H N N 176 
ILE HG22 H N N 177 
ILE HG23 H N N 178 
ILE HD11 H N N 179 
ILE HD12 H N N 180 
ILE HD13 H N N 181 
ILE HXT  H N N 182 
LEU N    N N N 183 
LEU CA   C N S 184 
LEU C    C N N 185 
LEU O    O N N 186 
LEU CB   C N N 187 
LEU CG   C N N 188 
LEU CD1  C N N 189 
LEU CD2  C N N 190 
LEU OXT  O N N 191 
LEU H    H N N 192 
LEU H2   H N N 193 
LEU HA   H N N 194 
LEU HB2  H N N 195 
LEU HB3  H N N 196 
LEU HG   H N N 197 
LEU HD11 H N N 198 
LEU HD12 H N N 199 
LEU HD13 H N N 200 
LEU HD21 H N N 201 
LEU HD22 H N N 202 
LEU HD23 H N N 203 
LEU HXT  H N N 204 
LYS N    N N N 205 
LYS CA   C N S 206 
LYS C    C N N 207 
LYS O    O N N 208 
LYS CB   C N N 209 
LYS CG   C N N 210 
LYS CD   C N N 211 
LYS CE   C N N 212 
LYS NZ   N N N 213 
LYS OXT  O N N 214 
LYS H    H N N 215 
LYS H2   H N N 216 
LYS HA   H N N 217 
LYS HB2  H N N 218 
LYS HB3  H N N 219 
LYS HG2  H N N 220 
LYS HG3  H N N 221 
LYS HD2  H N N 222 
LYS HD3  H N N 223 
LYS HE2  H N N 224 
LYS HE3  H N N 225 
LYS HZ1  H N N 226 
LYS HZ2  H N N 227 
LYS HZ3  H N N 228 
LYS HXT  H N N 229 
MET N    N N N 230 
MET CA   C N S 231 
MET C    C N N 232 
MET O    O N N 233 
MET CB   C N N 234 
MET CG   C N N 235 
MET SD   S N N 236 
MET CE   C N N 237 
MET OXT  O N N 238 
MET H    H N N 239 
MET H2   H N N 240 
MET HA   H N N 241 
MET HB2  H N N 242 
MET HB3  H N N 243 
MET HG2  H N N 244 
MET HG3  H N N 245 
MET HE1  H N N 246 
MET HE2  H N N 247 
MET HE3  H N N 248 
MET HXT  H N N 249 
PHE N    N N N 250 
PHE CA   C N S 251 
PHE C    C N N 252 
PHE O    O N N 253 
PHE CB   C N N 254 
PHE CG   C Y N 255 
PHE CD1  C Y N 256 
PHE CD2  C Y N 257 
PHE CE1  C Y N 258 
PHE CE2  C Y N 259 
PHE CZ   C Y N 260 
PHE OXT  O N N 261 
PHE H    H N N 262 
PHE H2   H N N 263 
PHE HA   H N N 264 
PHE HB2  H N N 265 
PHE HB3  H N N 266 
PHE HD1  H N N 267 
PHE HD2  H N N 268 
PHE HE1  H N N 269 
PHE HE2  H N N 270 
PHE HZ   H N N 271 
PHE HXT  H N N 272 
PRO N    N N N 273 
PRO CA   C N S 274 
PRO C    C N N 275 
PRO O    O N N 276 
PRO CB   C N N 277 
PRO CG   C N N 278 
PRO CD   C N N 279 
PRO OXT  O N N 280 
PRO H    H N N 281 
PRO HA   H N N 282 
PRO HB2  H N N 283 
PRO HB3  H N N 284 
PRO HG2  H N N 285 
PRO HG3  H N N 286 
PRO HD2  H N N 287 
PRO HD3  H N N 288 
PRO HXT  H N N 289 
SER N    N N N 290 
SER CA   C N S 291 
SER C    C N N 292 
SER O    O N N 293 
SER CB   C N N 294 
SER OG   O N N 295 
SER OXT  O N N 296 
SER H    H N N 297 
SER H2   H N N 298 
SER HA   H N N 299 
SER HB2  H N N 300 
SER HB3  H N N 301 
SER HG   H N N 302 
SER HXT  H N N 303 
THR N    N N N 304 
THR CA   C N S 305 
THR C    C N N 306 
THR O    O N N 307 
THR CB   C N R 308 
THR OG1  O N N 309 
THR CG2  C N N 310 
THR OXT  O N N 311 
THR H    H N N 312 
THR H2   H N N 313 
THR HA   H N N 314 
THR HB   H N N 315 
THR HG1  H N N 316 
THR HG21 H N N 317 
THR HG22 H N N 318 
THR HG23 H N N 319 
THR HXT  H N N 320 
TRP N    N N N 321 
TRP CA   C N S 322 
TRP C    C N N 323 
TRP O    O N N 324 
TRP CB   C N N 325 
TRP CG   C Y N 326 
TRP CD1  C Y N 327 
TRP CD2  C Y N 328 
TRP NE1  N Y N 329 
TRP CE2  C Y N 330 
TRP CE3  C Y N 331 
TRP CZ2  C Y N 332 
TRP CZ3  C Y N 333 
TRP CH2  C Y N 334 
TRP OXT  O N N 335 
TRP H    H N N 336 
TRP H2   H N N 337 
TRP HA   H N N 338 
TRP HB2  H N N 339 
TRP HB3  H N N 340 
TRP HD1  H N N 341 
TRP HE1  H N N 342 
TRP HE3  H N N 343 
TRP HZ2  H N N 344 
TRP HZ3  H N N 345 
TRP HH2  H N N 346 
TRP HXT  H N N 347 
TYR N    N N N 348 
TYR CA   C N S 349 
TYR C    C N N 350 
TYR O    O N N 351 
TYR CB   C N N 352 
TYR CG   C Y N 353 
TYR CD1  C Y N 354 
TYR CD2  C Y N 355 
TYR CE1  C Y N 356 
TYR CE2  C Y N 357 
TYR CZ   C Y N 358 
TYR OH   O N N 359 
TYR OXT  O N N 360 
TYR H    H N N 361 
TYR H2   H N N 362 
TYR HA   H N N 363 
TYR HB2  H N N 364 
TYR HB3  H N N 365 
TYR HD1  H N N 366 
TYR HD2  H N N 367 
TYR HE1  H N N 368 
TYR HE2  H N N 369 
TYR HH   H N N 370 
TYR HXT  H N N 371 
VAL N    N N N 372 
VAL CA   C N S 373 
VAL C    C N N 374 
VAL O    O N N 375 
VAL CB   C N N 376 
VAL CG1  C N N 377 
VAL CG2  C N N 378 
VAL OXT  O N N 379 
VAL H    H N N 380 
VAL H2   H N N 381 
VAL HA   H N N 382 
VAL HB   H N N 383 
VAL HG11 H N N 384 
VAL HG12 H N N 385 
VAL HG13 H N N 386 
VAL HG21 H N N 387 
VAL HG22 H N N 388 
VAL HG23 H N N 389 
VAL HXT  H N N 390 
# 
loop_
_chem_comp_bond.comp_id 
_chem_comp_bond.atom_id_1 
_chem_comp_bond.atom_id_2 
_chem_comp_bond.value_order 
_chem_comp_bond.pdbx_aromatic_flag 
_chem_comp_bond.pdbx_stereo_config 
_chem_comp_bond.pdbx_ordinal 
ALA N   CA   sing N N 1   
ALA N   H    sing N N 2   
ALA N   H2   sing N N 3   
ALA CA  C    sing N N 4   
ALA CA  CB   sing N N 5   
ALA CA  HA   sing N N 6   
ALA C   O    doub N N 7   
ALA C   OXT  sing N N 8   
ALA CB  HB1  sing N N 9   
ALA CB  HB2  sing N N 10  
ALA CB  HB3  sing N N 11  
ALA OXT HXT  sing N N 12  
ARG N   CA   sing N N 13  
ARG N   H    sing N N 14  
ARG N   H2   sing N N 15  
ARG CA  C    sing N N 16  
ARG CA  CB   sing N N 17  
ARG CA  HA   sing N N 18  
ARG C   O    doub N N 19  
ARG C   OXT  sing N N 20  
ARG CB  CG   sing N N 21  
ARG CB  HB2  sing N N 22  
ARG CB  HB3  sing N N 23  
ARG CG  CD   sing N N 24  
ARG CG  HG2  sing N N 25  
ARG CG  HG3  sing N N 26  
ARG CD  NE   sing N N 27  
ARG CD  HD2  sing N N 28  
ARG CD  HD3  sing N N 29  
ARG NE  CZ   sing N N 30  
ARG NE  HE   sing N N 31  
ARG CZ  NH1  sing N N 32  
ARG CZ  NH2  doub N N 33  
ARG NH1 HH11 sing N N 34  
ARG NH1 HH12 sing N N 35  
ARG NH2 HH21 sing N N 36  
ARG NH2 HH22 sing N N 37  
ARG OXT HXT  sing N N 38  
ASN N   CA   sing N N 39  
ASN N   H    sing N N 40  
ASN N   H2   sing N N 41  
ASN CA  C    sing N N 42  
ASN CA  CB   sing N N 43  
ASN CA  HA   sing N N 44  
ASN C   O    doub N N 45  
ASN C   OXT  sing N N 46  
ASN CB  CG   sing N N 47  
ASN CB  HB2  sing N N 48  
ASN CB  HB3  sing N N 49  
ASN CG  OD1  doub N N 50  
ASN CG  ND2  sing N N 51  
ASN ND2 HD21 sing N N 52  
ASN ND2 HD22 sing N N 53  
ASN OXT HXT  sing N N 54  
ASP N   CA   sing N N 55  
ASP N   H    sing N N 56  
ASP N   H2   sing N N 57  
ASP CA  C    sing N N 58  
ASP CA  CB   sing N N 59  
ASP CA  HA   sing N N 60  
ASP C   O    doub N N 61  
ASP C   OXT  sing N N 62  
ASP CB  CG   sing N N 63  
ASP CB  HB2  sing N N 64  
ASP CB  HB3  sing N N 65  
ASP CG  OD1  doub N N 66  
ASP CG  OD2  sing N N 67  
ASP OD2 HD2  sing N N 68  
ASP OXT HXT  sing N N 69  
CYS N   CA   sing N N 70  
CYS N   H    sing N N 71  
CYS N   H2   sing N N 72  
CYS CA  C    sing N N 73  
CYS CA  CB   sing N N 74  
CYS CA  HA   sing N N 75  
CYS C   O    doub N N 76  
CYS C   OXT  sing N N 77  
CYS CB  SG   sing N N 78  
CYS CB  HB2  sing N N 79  
CYS CB  HB3  sing N N 80  
CYS SG  HG   sing N N 81  
CYS OXT HXT  sing N N 82  
GLN N   CA   sing N N 83  
GLN N   H    sing N N 84  
GLN N   H2   sing N N 85  
GLN CA  C    sing N N 86  
GLN CA  CB   sing N N 87  
GLN CA  HA   sing N N 88  
GLN C   O    doub N N 89  
GLN C   OXT  sing N N 90  
GLN CB  CG   sing N N 91  
GLN CB  HB2  sing N N 92  
GLN CB  HB3  sing N N 93  
GLN CG  CD   sing N N 94  
GLN CG  HG2  sing N N 95  
GLN CG  HG3  sing N N 96  
GLN CD  OE1  doub N N 97  
GLN CD  NE2  sing N N 98  
GLN NE2 HE21 sing N N 99  
GLN NE2 HE22 sing N N 100 
GLN OXT HXT  sing N N 101 
GLU N   CA   sing N N 102 
GLU N   H    sing N N 103 
GLU N   H2   sing N N 104 
GLU CA  C    sing N N 105 
GLU CA  CB   sing N N 106 
GLU CA  HA   sing N N 107 
GLU C   O    doub N N 108 
GLU C   OXT  sing N N 109 
GLU CB  CG   sing N N 110 
GLU CB  HB2  sing N N 111 
GLU CB  HB3  sing N N 112 
GLU CG  CD   sing N N 113 
GLU CG  HG2  sing N N 114 
GLU CG  HG3  sing N N 115 
GLU CD  OE1  doub N N 116 
GLU CD  OE2  sing N N 117 
GLU OE2 HE2  sing N N 118 
GLU OXT HXT  sing N N 119 
GLY N   CA   sing N N 120 
GLY N   H    sing N N 121 
GLY N   H2   sing N N 122 
GLY CA  C    sing N N 123 
GLY CA  HA2  sing N N 124 
GLY CA  HA3  sing N N 125 
GLY C   O    doub N N 126 
GLY C   OXT  sing N N 127 
GLY OXT HXT  sing N N 128 
HIS N   CA   sing N N 129 
HIS N   H    sing N N 130 
HIS N   H2   sing N N 131 
HIS CA  C    sing N N 132 
HIS CA  CB   sing N N 133 
HIS CA  HA   sing N N 134 
HIS C   O    doub N N 135 
HIS C   OXT  sing N N 136 
HIS CB  CG   sing N N 137 
HIS CB  HB2  sing N N 138 
HIS CB  HB3  sing N N 139 
HIS CG  ND1  sing Y N 140 
HIS CG  CD2  doub Y N 141 
HIS ND1 CE1  doub Y N 142 
HIS ND1 HD1  sing N N 143 
HIS CD2 NE2  sing Y N 144 
HIS CD2 HD2  sing N N 145 
HIS CE1 NE2  sing Y N 146 
HIS CE1 HE1  sing N N 147 
HIS NE2 HE2  sing N N 148 
HIS OXT HXT  sing N N 149 
HOH O   H1   sing N N 150 
HOH O   H2   sing N N 151 
ILE N   CA   sing N N 152 
ILE N   H    sing N N 153 
ILE N   H2   sing N N 154 
ILE CA  C    sing N N 155 
ILE CA  CB   sing N N 156 
ILE CA  HA   sing N N 157 
ILE C   O    doub N N 158 
ILE C   OXT  sing N N 159 
ILE CB  CG1  sing N N 160 
ILE CB  CG2  sing N N 161 
ILE CB  HB   sing N N 162 
ILE CG1 CD1  sing N N 163 
ILE CG1 HG12 sing N N 164 
ILE CG1 HG13 sing N N 165 
ILE CG2 HG21 sing N N 166 
ILE CG2 HG22 sing N N 167 
ILE CG2 HG23 sing N N 168 
ILE CD1 HD11 sing N N 169 
ILE CD1 HD12 sing N N 170 
ILE CD1 HD13 sing N N 171 
ILE OXT HXT  sing N N 172 
LEU N   CA   sing N N 173 
LEU N   H    sing N N 174 
LEU N   H2   sing N N 175 
LEU CA  C    sing N N 176 
LEU CA  CB   sing N N 177 
LEU CA  HA   sing N N 178 
LEU C   O    doub N N 179 
LEU C   OXT  sing N N 180 
LEU CB  CG   sing N N 181 
LEU CB  HB2  sing N N 182 
LEU CB  HB3  sing N N 183 
LEU CG  CD1  sing N N 184 
LEU CG  CD2  sing N N 185 
LEU CG  HG   sing N N 186 
LEU CD1 HD11 sing N N 187 
LEU CD1 HD12 sing N N 188 
LEU CD1 HD13 sing N N 189 
LEU CD2 HD21 sing N N 190 
LEU CD2 HD22 sing N N 191 
LEU CD2 HD23 sing N N 192 
LEU OXT HXT  sing N N 193 
LYS N   CA   sing N N 194 
LYS N   H    sing N N 195 
LYS N   H2   sing N N 196 
LYS CA  C    sing N N 197 
LYS CA  CB   sing N N 198 
LYS CA  HA   sing N N 199 
LYS C   O    doub N N 200 
LYS C   OXT  sing N N 201 
LYS CB  CG   sing N N 202 
LYS CB  HB2  sing N N 203 
LYS CB  HB3  sing N N 204 
LYS CG  CD   sing N N 205 
LYS CG  HG2  sing N N 206 
LYS CG  HG3  sing N N 207 
LYS CD  CE   sing N N 208 
LYS CD  HD2  sing N N 209 
LYS CD  HD3  sing N N 210 
LYS CE  NZ   sing N N 211 
LYS CE  HE2  sing N N 212 
LYS CE  HE3  sing N N 213 
LYS NZ  HZ1  sing N N 214 
LYS NZ  HZ2  sing N N 215 
LYS NZ  HZ3  sing N N 216 
LYS OXT HXT  sing N N 217 
MET N   CA   sing N N 218 
MET N   H    sing N N 219 
MET N   H2   sing N N 220 
MET CA  C    sing N N 221 
MET CA  CB   sing N N 222 
MET CA  HA   sing N N 223 
MET C   O    doub N N 224 
MET C   OXT  sing N N 225 
MET CB  CG   sing N N 226 
MET CB  HB2  sing N N 227 
MET CB  HB3  sing N N 228 
MET CG  SD   sing N N 229 
MET CG  HG2  sing N N 230 
MET CG  HG3  sing N N 231 
MET SD  CE   sing N N 232 
MET CE  HE1  sing N N 233 
MET CE  HE2  sing N N 234 
MET CE  HE3  sing N N 235 
MET OXT HXT  sing N N 236 
PHE N   CA   sing N N 237 
PHE N   H    sing N N 238 
PHE N   H2   sing N N 239 
PHE CA  C    sing N N 240 
PHE CA  CB   sing N N 241 
PHE CA  HA   sing N N 242 
PHE C   O    doub N N 243 
PHE C   OXT  sing N N 244 
PHE CB  CG   sing N N 245 
PHE CB  HB2  sing N N 246 
PHE CB  HB3  sing N N 247 
PHE CG  CD1  doub Y N 248 
PHE CG  CD2  sing Y N 249 
PHE CD1 CE1  sing Y N 250 
PHE CD1 HD1  sing N N 251 
PHE CD2 CE2  doub Y N 252 
PHE CD2 HD2  sing N N 253 
PHE CE1 CZ   doub Y N 254 
PHE CE1 HE1  sing N N 255 
PHE CE2 CZ   sing Y N 256 
PHE CE2 HE2  sing N N 257 
PHE CZ  HZ   sing N N 258 
PHE OXT HXT  sing N N 259 
PRO N   CA   sing N N 260 
PRO N   CD   sing N N 261 
PRO N   H    sing N N 262 
PRO CA  C    sing N N 263 
PRO CA  CB   sing N N 264 
PRO CA  HA   sing N N 265 
PRO C   O    doub N N 266 
PRO C   OXT  sing N N 267 
PRO CB  CG   sing N N 268 
PRO CB  HB2  sing N N 269 
PRO CB  HB3  sing N N 270 
PRO CG  CD   sing N N 271 
PRO CG  HG2  sing N N 272 
PRO CG  HG3  sing N N 273 
PRO CD  HD2  sing N N 274 
PRO CD  HD3  sing N N 275 
PRO OXT HXT  sing N N 276 
SER N   CA   sing N N 277 
SER N   H    sing N N 278 
SER N   H2   sing N N 279 
SER CA  C    sing N N 280 
SER CA  CB   sing N N 281 
SER CA  HA   sing N N 282 
SER C   O    doub N N 283 
SER C   OXT  sing N N 284 
SER CB  OG   sing N N 285 
SER CB  HB2  sing N N 286 
SER CB  HB3  sing N N 287 
SER OG  HG   sing N N 288 
SER OXT HXT  sing N N 289 
THR N   CA   sing N N 290 
THR N   H    sing N N 291 
THR N   H2   sing N N 292 
THR CA  C    sing N N 293 
THR CA  CB   sing N N 294 
THR CA  HA   sing N N 295 
THR C   O    doub N N 296 
THR C   OXT  sing N N 297 
THR CB  OG1  sing N N 298 
THR CB  CG2  sing N N 299 
THR CB  HB   sing N N 300 
THR OG1 HG1  sing N N 301 
THR CG2 HG21 sing N N 302 
THR CG2 HG22 sing N N 303 
THR CG2 HG23 sing N N 304 
THR OXT HXT  sing N N 305 
TRP N   CA   sing N N 306 
TRP N   H    sing N N 307 
TRP N   H2   sing N N 308 
TRP CA  C    sing N N 309 
TRP CA  CB   sing N N 310 
TRP CA  HA   sing N N 311 
TRP C   O    doub N N 312 
TRP C   OXT  sing N N 313 
TRP CB  CG   sing N N 314 
TRP CB  HB2  sing N N 315 
TRP CB  HB3  sing N N 316 
TRP CG  CD1  doub Y N 317 
TRP CG  CD2  sing Y N 318 
TRP CD1 NE1  sing Y N 319 
TRP CD1 HD1  sing N N 320 
TRP CD2 CE2  doub Y N 321 
TRP CD2 CE3  sing Y N 322 
TRP NE1 CE2  sing Y N 323 
TRP NE1 HE1  sing N N 324 
TRP CE2 CZ2  sing Y N 325 
TRP CE3 CZ3  doub Y N 326 
TRP CE3 HE3  sing N N 327 
TRP CZ2 CH2  doub Y N 328 
TRP CZ2 HZ2  sing N N 329 
TRP CZ3 CH2  sing Y N 330 
TRP CZ3 HZ3  sing N N 331 
TRP CH2 HH2  sing N N 332 
TRP OXT HXT  sing N N 333 
TYR N   CA   sing N N 334 
TYR N   H    sing N N 335 
TYR N   H2   sing N N 336 
TYR CA  C    sing N N 337 
TYR CA  CB   sing N N 338 
TYR CA  HA   sing N N 339 
TYR C   O    doub N N 340 
TYR C   OXT  sing N N 341 
TYR CB  CG   sing N N 342 
TYR CB  HB2  sing N N 343 
TYR CB  HB3  sing N N 344 
TYR CG  CD1  doub Y N 345 
TYR CG  CD2  sing Y N 346 
TYR CD1 CE1  sing Y N 347 
TYR CD1 HD1  sing N N 348 
TYR CD2 CE2  doub Y N 349 
TYR CD2 HD2  sing N N 350 
TYR CE1 CZ   doub Y N 351 
TYR CE1 HE1  sing N N 352 
TYR CE2 CZ   sing Y N 353 
TYR CE2 HE2  sing N N 354 
TYR CZ  OH   sing N N 355 
TYR OH  HH   sing N N 356 
TYR OXT HXT  sing N N 357 
VAL N   CA   sing N N 358 
VAL N   H    sing N N 359 
VAL N   H2   sing N N 360 
VAL CA  C    sing N N 361 
VAL CA  CB   sing N N 362 
VAL CA  HA   sing N N 363 
VAL C   O    doub N N 364 
VAL C   OXT  sing N N 365 
VAL CB  CG1  sing N N 366 
VAL CB  CG2  sing N N 367 
VAL CB  HB   sing N N 368 
VAL CG1 HG11 sing N N 369 
VAL CG1 HG12 sing N N 370 
VAL CG1 HG13 sing N N 371 
VAL CG2 HG21 sing N N 372 
VAL CG2 HG22 sing N N 373 
VAL CG2 HG23 sing N N 374 
VAL OXT HXT  sing N N 375 
# 
_pdbx_initial_refinement_model.id               1 
_pdbx_initial_refinement_model.entity_id_list   ? 
_pdbx_initial_refinement_model.type             'experimental model' 
_pdbx_initial_refinement_model.source_name      PDB 
_pdbx_initial_refinement_model.accession_code   2CYH 
_pdbx_initial_refinement_model.details          'PDB ENTRY 2CYH' 
# 
_atom_sites.entry_id                    1AWU 
_atom_sites.fract_transf_matrix[1][1]   0.00381253 
_atom_sites.fract_transf_matrix[1][2]   -0.01161805 
_atom_sites.fract_transf_matrix[1][3]   0.01465212 
_atom_sites.fract_transf_matrix[2][1]   -0.00133455 
_atom_sites.fract_transf_matrix[2][2]   -0.01508449 
_atom_sites.fract_transf_matrix[2][3]   -0.01161363 
_atom_sites.fract_transf_matrix[3][1]   0.01541563 
_atom_sites.fract_transf_matrix[3][2]   0.00107074 
_atom_sites.fract_transf_matrix[3][3]   -0.00316218 
_atom_sites.fract_transf_vector[1]      0.983890 
_atom_sites.fract_transf_vector[2]      0.519338 
_atom_sites.fract_transf_vector[3]      -0.003331 
# 
loop_
_atom_type.symbol 
C 
N 
O 
S 
# 
loop_
_atom_site.group_PDB 
_atom_site.id 
_atom_site.type_symbol 
_atom_site.label_atom_id 
_atom_site.label_alt_id 
_atom_site.label_comp_id 
_atom_site.label_asym_id 
_atom_site.label_entity_id 
_atom_site.label_seq_id 
_atom_site.pdbx_PDB_ins_code 
_atom_site.Cartn_x 
_atom_site.Cartn_y 
_atom_site.Cartn_z 
_atom_site.occupancy 
_atom_site.B_iso_or_equiv 
_atom_site.pdbx_formal_charge 
_atom_site.auth_seq_id 
_atom_site.auth_comp_id 
_atom_site.auth_asym_id 
_atom_site.auth_atom_id 
_atom_site.pdbx_PDB_model_num 
ATOM   1    N N   . VAL A 1 1   ? 11.091  4.030   -18.238 0.00 46.35 ? 1002 VAL A N   1 
ATOM   2    C CA  . VAL A 1 1   ? 11.070  2.742   -17.486 0.00 45.27 ? 1002 VAL A CA  1 
ATOM   3    C C   . VAL A 1 1   ? 10.092  2.786   -16.315 0.00 44.08 ? 1002 VAL A C   1 
ATOM   4    O O   . VAL A 1 1   ? 9.740   3.861   -15.825 0.00 47.98 ? 1002 VAL A O   1 
ATOM   5    C CB  . VAL A 1 1   ? 12.479  2.373   -16.956 0.00 43.60 ? 1002 VAL A CB  1 
ATOM   6    C CG1 . VAL A 1 1   ? 13.431  2.135   -18.119 0.00 45.25 ? 1002 VAL A CG1 1 
ATOM   7    C CG2 . VAL A 1 1   ? 13.014  3.473   -16.046 0.00 45.38 ? 1002 VAL A CG2 1 
ATOM   8    N N   . ASN A 1 2   ? 9.651   1.608   -15.878 0.00 41.60 ? 1003 ASN A N   1 
ATOM   9    C CA  . ASN A 1 2   ? 8.714   1.490   -14.764 0.00 35.50 ? 1003 ASN A CA  1 
ATOM   10   C C   . ASN A 1 2   ? 9.419   1.754   -13.435 0.00 24.81 ? 1003 ASN A C   1 
ATOM   11   O O   . ASN A 1 2   ? 10.419  1.108   -13.115 0.00 35.15 ? 1003 ASN A O   1 
ATOM   12   C CB  . ASN A 1 2   ? 8.083   0.093   -14.745 0.00 32.37 ? 1003 ASN A CB  1 
ATOM   13   C CG  . ASN A 1 2   ? 7.279   -0.204  -15.998 0.00 21.76 ? 1003 ASN A CG  1 
ATOM   14   O OD1 . ASN A 1 2   ? 6.050   -0.272  -15.958 0.00 13.53 ? 1003 ASN A OD1 1 
ATOM   15   N ND2 . ASN A 1 2   ? 7.971   -0.389  -17.117 0.00 25.01 ? 1003 ASN A ND2 1 
ATOM   16   N N   . PRO A 1 3   ? 8.915   2.726   -12.652 1.00 9.66  ? 1004 PRO A N   1 
ATOM   17   C CA  . PRO A 1 3   ? 9.471   3.102   -11.355 1.00 15.78 ? 1004 PRO A CA  1 
ATOM   18   C C   . PRO A 1 3   ? 9.565   1.962   -10.383 1.00 19.30 ? 1004 PRO A C   1 
ATOM   19   O O   . PRO A 1 3   ? 8.881   0.947   -10.514 1.00 16.22 ? 1004 PRO A O   1 
ATOM   20   C CB  . PRO A 1 3   ? 8.493   4.159   -10.842 1.00 16.00 ? 1004 PRO A CB  1 
ATOM   21   C CG  . PRO A 1 3   ? 8.074   4.821   -12.058 1.00 12.46 ? 1004 PRO A CG  1 
ATOM   22   C CD  . PRO A 1 3   ? 7.854   3.673   -13.032 1.00 10.66 ? 1004 PRO A CD  1 
ATOM   23   N N   . THR A 1 4   ? 10.464  2.151   -9.427  1.00 23.89 ? 1005 THR A N   1 
ATOM   24   C CA  . THR A 1 4   ? 10.722  1.210   -8.359  1.00 17.06 ? 1005 THR A CA  1 
ATOM   25   C C   . THR A 1 4   ? 10.920  2.074   -7.119  1.00 11.54 ? 1005 THR A C   1 
ATOM   26   O O   . THR A 1 4   ? 11.737  3.000   -7.128  1.00 17.13 ? 1005 THR A O   1 
ATOM   27   C CB  . THR A 1 4   ? 11.991  0.401   -8.606  1.00 21.94 ? 1005 THR A CB  1 
ATOM   28   O OG1 . THR A 1 4   ? 11.784  -0.503  -9.701  1.00 25.53 ? 1005 THR A OG1 1 
ATOM   29   C CG2 . THR A 1 4   ? 12.383  -0.370  -7.348  1.00 14.95 ? 1005 THR A CG2 1 
ATOM   30   N N   . VAL A 1 5   ? 10.091  1.819   -6.104  1.00 11.19 ? 1006 VAL A N   1 
ATOM   31   C CA  . VAL A 1 5   ? 10.120  2.536   -4.842  1.00 2.93  ? 1006 VAL A CA  1 
ATOM   32   C C   . VAL A 1 5   ? 10.314  1.543   -3.742  1.00 2.19  ? 1006 VAL A C   1 
ATOM   33   O O   . VAL A 1 5   ? 10.352  0.358   -3.984  1.00 7.61  ? 1006 VAL A O   1 
ATOM   34   C CB  . VAL A 1 5   ? 8.815   3.253   -4.590  1.00 12.81 ? 1006 VAL A CB  1 
ATOM   35   C CG1 . VAL A 1 5   ? 8.625   4.319   -5.636  1.00 8.41  ? 1006 VAL A CG1 1 
ATOM   36   C CG2 . VAL A 1 5   ? 7.665   2.268   -4.603  1.00 12.01 ? 1006 VAL A CG2 1 
ATOM   37   N N   . PHE A 1 6   ? 10.444  2.017   -2.520  1.00 8.89  ? 1007 PHE A N   1 
ATOM   38   C CA  . PHE A 1 6   ? 10.610  1.080   -1.434  1.00 7.71  ? 1007 PHE A CA  1 
ATOM   39   C C   . PHE A 1 6   ? 10.154  1.692   -0.132  1.00 2.00  ? 1007 PHE A C   1 
ATOM   40   O O   . PHE A 1 6   ? 9.891   2.885   -0.050  1.00 6.87  ? 1007 PHE A O   1 
ATOM   41   C CB  . PHE A 1 6   ? 12.070  0.635   -1.325  1.00 12.79 ? 1007 PHE A CB  1 
ATOM   42   C CG  . PHE A 1 6   ? 13.011  1.754   -0.975  1.00 12.28 ? 1007 PHE A CG  1 
ATOM   43   C CD1 . PHE A 1 6   ? 13.561  2.545   -1.973  1.00 14.38 ? 1007 PHE A CD1 1 
ATOM   44   C CD2 . PHE A 1 6   ? 13.286  2.055   0.356   1.00 10.61 ? 1007 PHE A CD2 1 
ATOM   45   C CE1 . PHE A 1 6   ? 14.375  3.630   -1.644  1.00 15.08 ? 1007 PHE A CE1 1 
ATOM   46   C CE2 . PHE A 1 6   ? 14.088  3.131   0.698   1.00 10.99 ? 1007 PHE A CE2 1 
ATOM   47   C CZ  . PHE A 1 6   ? 14.639  3.926   -0.301  1.00 11.55 ? 1007 PHE A CZ  1 
ATOM   48   N N   . PHE A 1 7   ? 10.045  0.830   0.867   1.00 8.98  ? 1008 PHE A N   1 
ATOM   49   C CA  . PHE A 1 7   ? 9.655   1.190   2.215   1.00 13.88 ? 1008 PHE A CA  1 
ATOM   50   C C   . PHE A 1 7   ? 10.685  0.505   3.091   1.00 20.54 ? 1008 PHE A C   1 
ATOM   51   O O   . PHE A 1 7   ? 11.056  -0.638  2.819   1.00 16.58 ? 1008 PHE A O   1 
ATOM   52   C CB  . PHE A 1 7   ? 8.291   0.572   2.596   1.00 19.72 ? 1008 PHE A CB  1 
ATOM   53   C CG  . PHE A 1 7   ? 7.103   1.205   1.935   1.00 24.48 ? 1008 PHE A CG  1 
ATOM   54   C CD1 . PHE A 1 7   ? 7.193   2.437   1.296   1.00 27.39 ? 1008 PHE A CD1 1 
ATOM   55   C CD2 . PHE A 1 7   ? 5.866   0.565   1.978   1.00 18.14 ? 1008 PHE A CD2 1 
ATOM   56   C CE1 . PHE A 1 7   ? 6.053   3.030   0.705   1.00 25.39 ? 1008 PHE A CE1 1 
ATOM   57   C CE2 . PHE A 1 7   ? 4.733   1.145   1.395   1.00 14.90 ? 1008 PHE A CE2 1 
ATOM   58   C CZ  . PHE A 1 7   ? 4.824   2.373   0.762   1.00 7.05  ? 1008 PHE A CZ  1 
ATOM   59   N N   . ASP A 1 8   ? 11.118  1.198   4.142   1.00 19.82 ? 1009 ASP A N   1 
ATOM   60   C CA  . ASP A 1 8   ? 12.051  0.652   5.122   1.00 31.36 ? 1009 ASP A CA  1 
ATOM   61   C C   . ASP A 1 8   ? 11.219  0.427   6.377   1.00 30.61 ? 1009 ASP A C   1 
ATOM   62   O O   . ASP A 1 8   ? 10.971  1.341   7.149   1.00 36.19 ? 1009 ASP A O   1 
ATOM   63   C CB  . ASP A 1 8   ? 13.195  1.625   5.398   1.00 41.02 ? 1009 ASP A CB  1 
ATOM   64   C CG  . ASP A 1 8   ? 14.189  1.687   4.254   1.00 28.32 ? 1009 ASP A CG  1 
ATOM   65   O OD1 . ASP A 1 8   ? 14.710  0.614   3.870   1.00 40.77 ? 1009 ASP A OD1 1 
ATOM   66   O OD2 . ASP A 1 8   ? 14.435  2.797   3.735   1.00 35.53 ? 1009 ASP A OD2 1 
ATOM   67   N N   . ILE A 1 9   ? 10.768  -0.804  6.553   1.00 29.13 ? 1010 ILE A N   1 
ATOM   68   C CA  . ILE A 1 9   ? 9.916   -1.168  7.667   1.00 32.10 ? 1010 ILE A CA  1 
ATOM   69   C C   . ILE A 1 9   ? 10.635  -1.244  9.008   1.00 34.29 ? 1010 ILE A C   1 
ATOM   70   O O   . ILE A 1 9   ? 11.820  -1.551  9.088   1.00 36.56 ? 1010 ILE A O   1 
ATOM   71   C CB  . ILE A 1 9   ? 9.189   -2.520  7.367   1.00 29.26 ? 1010 ILE A CB  1 
ATOM   72   C CG1 . ILE A 1 9   ? 8.612   -2.508  5.946   1.00 28.59 ? 1010 ILE A CG1 1 
ATOM   73   C CG2 . ILE A 1 9   ? 8.072   -2.795  8.388   1.00 20.01 ? 1010 ILE A CG2 1 
ATOM   74   C CD1 . ILE A 1 9   ? 7.697   -1.357  5.648   1.00 2.00  ? 1010 ILE A CD1 1 
ATOM   75   N N   . ALA A 1 10  ? 9.879   -0.952  10.058  1.00 41.31 ? 1011 ALA A N   1 
ATOM   76   C CA  . ALA A 1 10  ? 10.343  -0.997  11.435  1.00 35.20 ? 1011 ALA A CA  1 
ATOM   77   C C   . ALA A 1 10  ? 9.228   -1.682  12.233  1.00 34.51 ? 1011 ALA A C   1 
ATOM   78   O O   . ALA A 1 10  ? 8.095   -1.799  11.763  1.00 33.92 ? 1011 ALA A O   1 
ATOM   79   C CB  . ALA A 1 10  ? 10.571  0.412   11.949  1.00 31.46 ? 1011 ALA A CB  1 
ATOM   80   N N   . VAL A 1 11  ? 9.553   -2.160  13.427  1.00 28.83 ? 1012 VAL A N   1 
ATOM   81   C CA  . VAL A 1 11  ? 8.574   -2.826  14.276  1.00 27.60 ? 1012 VAL A CA  1 
ATOM   82   C C   . VAL A 1 11  ? 8.728   -2.286  15.700  1.00 34.44 ? 1012 VAL A C   1 
ATOM   83   O O   . VAL A 1 11  ? 9.240   -2.984  16.579  1.00 41.25 ? 1012 VAL A O   1 
ATOM   84   C CB  . VAL A 1 11  ? 8.808   -4.337  14.284  1.00 27.24 ? 1012 VAL A CB  1 
ATOM   85   C CG1 . VAL A 1 11  ? 7.661   -5.045  14.978  1.00 39.10 ? 1012 VAL A CG1 1 
ATOM   86   C CG2 . VAL A 1 11  ? 8.966   -4.853  12.868  1.00 34.19 ? 1012 VAL A CG2 1 
ATOM   87   N N   . ASP A 1 12  ? 8.278   -1.047  15.919  1.00 37.03 ? 1013 ASP A N   1 
ATOM   88   C CA  . ASP A 1 12  ? 8.395   -0.379  17.221  1.00 41.13 ? 1013 ASP A CA  1 
ATOM   89   C C   . ASP A 1 12  ? 9.863   -0.079  17.450  1.00 43.43 ? 1013 ASP A C   1 
ATOM   90   O O   . ASP A 1 12  ? 10.499  -0.637  18.349  1.00 44.89 ? 1013 ASP A O   1 
ATOM   91   C CB  . ASP A 1 12  ? 7.872   -1.260  18.363  1.00 52.36 ? 1013 ASP A CB  1 
ATOM   92   C CG  . ASP A 1 12  ? 6.430   -0.971  18.716  1.00 60.40 ? 1013 ASP A CG  1 
ATOM   93   O OD1 . ASP A 1 12  ? 6.110   0.215   18.986  1.00 54.75 ? 1013 ASP A OD1 1 
ATOM   94   O OD2 . ASP A 1 12  ? 5.630   -1.940  18.742  1.00 56.26 ? 1013 ASP A OD2 1 
ATOM   95   N N   . GLY A 1 13  ? 10.399  0.801   16.611  1.00 38.94 ? 1014 GLY A N   1 
ATOM   96   C CA  . GLY A 1 13  ? 11.804  1.154   16.692  1.00 43.90 ? 1014 GLY A CA  1 
ATOM   97   C C   . GLY A 1 13  ? 12.637  0.157   15.905  1.00 44.05 ? 1014 GLY A C   1 
ATOM   98   O O   . GLY A 1 13  ? 13.022  0.425   14.757  1.00 49.28 ? 1014 GLY A O   1 
ATOM   99   N N   . GLU A 1 14  ? 12.822  -1.021  16.501  1.00 43.72 ? 1015 GLU A N   1 
ATOM   100  C CA  . GLU A 1 14  ? 13.601  -2.127  15.940  1.00 40.04 ? 1015 GLU A CA  1 
ATOM   101  C C   . GLU A 1 14  ? 13.311  -2.393  14.458  1.00 40.99 ? 1015 GLU A C   1 
ATOM   102  O O   . GLU A 1 14  ? 12.371  -3.125  14.127  1.00 40.13 ? 1015 GLU A O   1 
ATOM   103  C CB  . GLU A 1 14  ? 13.371  -3.394  16.782  1.00 44.30 ? 1015 GLU A CB  1 
ATOM   104  C CG  . GLU A 1 14  ? 14.570  -4.360  16.833  1.00 48.18 ? 1015 GLU A CG  1 
ATOM   105  C CD  . GLU A 1 14  ? 14.669  -5.163  18.143  1.00 61.51 ? 1015 GLU A CD  1 
ATOM   106  O OE1 . GLU A 1 14  ? 14.344  -4.614  19.230  1.00 59.84 ? 1015 GLU A OE1 1 
ATOM   107  O OE2 . GLU A 1 14  ? 15.105  -6.340  18.084  1.00 48.70 ? 1015 GLU A OE2 1 
ATOM   108  N N   . PRO A 1 15  ? 14.167  -1.854  13.553  1.00 48.43 ? 1016 PRO A N   1 
ATOM   109  C CA  . PRO A 1 15  ? 14.051  -1.992  12.097  1.00 44.49 ? 1016 PRO A CA  1 
ATOM   110  C C   . PRO A 1 15  ? 13.879  -3.433  11.681  1.00 43.19 ? 1016 PRO A C   1 
ATOM   111  O O   . PRO A 1 15  ? 14.389  -4.356  12.330  1.00 38.33 ? 1016 PRO A O   1 
ATOM   112  C CB  . PRO A 1 15  ? 15.366  -1.419  11.587  1.00 45.20 ? 1016 PRO A CB  1 
ATOM   113  C CG  . PRO A 1 15  ? 16.309  -1.707  12.708  1.00 45.94 ? 1016 PRO A CG  1 
ATOM   114  C CD  . PRO A 1 15  ? 15.494  -1.309  13.899  1.00 53.10 ? 1016 PRO A CD  1 
ATOM   115  N N   . LEU A 1 16  ? 13.119  -3.618  10.613  1.00 49.24 ? 1017 LEU A N   1 
ATOM   116  C CA  . LEU A 1 16  ? 12.834  -4.946  10.110  1.00 41.43 ? 1017 LEU A CA  1 
ATOM   117  C C   . LEU A 1 16  ? 13.647  -5.162  8.847   1.00 37.11 ? 1017 LEU A C   1 
ATOM   118  O O   . LEU A 1 16  ? 14.608  -5.928  8.838   1.00 39.09 ? 1017 LEU A O   1 
ATOM   119  C CB  . LEU A 1 16  ? 11.329  -5.063  9.817   1.00 47.28 ? 1017 LEU A CB  1 
ATOM   120  C CG  . LEU A 1 16  ? 10.707  -6.455  9.690   1.00 44.45 ? 1017 LEU A CG  1 
ATOM   121  C CD1 . LEU A 1 16  ? 10.830  -7.202  11.012  1.00 42.49 ? 1017 LEU A CD1 1 
ATOM   122  C CD2 . LEU A 1 16  ? 9.249   -6.323  9.282   1.00 53.51 ? 1017 LEU A CD2 1 
ATOM   123  N N   . GLY A 1 17  ? 13.263  -4.441  7.802   1.00 23.63 ? 1018 GLY A N   1 
ATOM   124  C CA  . GLY A 1 17  ? 13.929  -4.541  6.526   1.00 17.39 ? 1018 GLY A CA  1 
ATOM   125  C C   . GLY A 1 17  ? 13.355  -3.613  5.472   1.00 12.39 ? 1018 GLY A C   1 
ATOM   126  O O   . GLY A 1 17  ? 12.696  -2.625  5.778   1.00 22.91 ? 1018 GLY A O   1 
ATOM   127  N N   . ARG A 1 18  ? 13.616  -3.941  4.216   1.00 14.82 ? 1019 ARG A N   1 
ATOM   128  C CA  . ARG A 1 18  ? 13.145  -3.136  3.095   1.00 11.64 ? 1019 ARG A CA  1 
ATOM   129  C C   . ARG A 1 18  ? 12.255  -3.944  2.178   1.00 8.80  ? 1019 ARG A C   1 
ATOM   130  O O   . ARG A 1 18  ? 12.445  -5.159  2.024   1.00 13.60 ? 1019 ARG A O   1 
ATOM   131  C CB  . ARG A 1 18  ? 14.334  -2.571  2.280   1.00 20.67 ? 1019 ARG A CB  1 
ATOM   132  C CG  . ARG A 1 18  ? 13.947  -1.987  0.912   1.00 9.54  ? 1019 ARG A CG  1 
ATOM   133  C CD  . ARG A 1 18  ? 15.117  -1.325  0.224   1.00 5.14  ? 1019 ARG A CD  1 
ATOM   134  N NE  . ARG A 1 18  ? 15.697  -0.237  1.027   1.00 13.29 ? 1019 ARG A NE  1 
ATOM   135  C CZ  . ARG A 1 18  ? 16.455  0.745   0.524   1.00 6.91  ? 1019 ARG A CZ  1 
ATOM   136  N NH1 . ARG A 1 18  ? 16.731  0.766   -0.778  1.00 14.12 ? 1019 ARG A NH1 1 
ATOM   137  N NH2 . ARG A 1 18  ? 16.871  1.744   1.297   1.00 7.39  ? 1019 ARG A NH2 1 
ATOM   138  N N   . VAL A 1 19  ? 11.256  -3.259  1.620   1.00 9.10  ? 1020 VAL A N   1 
ATOM   139  C CA  . VAL A 1 19  ? 10.337  -3.848  0.669   1.00 10.70 ? 1020 VAL A CA  1 
ATOM   140  C C   . VAL A 1 19  ? 10.333  -2.837  -0.463  1.00 7.64  ? 1020 VAL A C   1 
ATOM   141  O O   . VAL A 1 19  ? 10.138  -1.643  -0.237  1.00 7.56  ? 1020 VAL A O   1 
ATOM   142  C CB  . VAL A 1 19  ? 8.858   -3.979  1.198   1.00 11.87 ? 1020 VAL A CB  1 
ATOM   143  C CG1 . VAL A 1 19  ? 8.061   -4.879  0.265   1.00 12.82 ? 1020 VAL A CG1 1 
ATOM   144  C CG2 . VAL A 1 19  ? 8.799   -4.547  2.598   1.00 12.72 ? 1020 VAL A CG2 1 
ATOM   145  N N   . SER A 1 20  ? 10.647  -3.295  -1.668  1.00 2.00  ? 1021 SER A N   1 
ATOM   146  C CA  . SER A 1 20  ? 10.634  -2.412  -2.820  1.00 7.79  ? 1021 SER A CA  1 
ATOM   147  C C   . SER A 1 20  ? 9.518   -2.926  -3.715  1.00 4.37  ? 1021 SER A C   1 
ATOM   148  O O   . SER A 1 20  ? 9.090   -4.065  -3.581  1.00 2.32  ? 1021 SER A O   1 
ATOM   149  C CB  . SER A 1 20  ? 12.004  -2.349  -3.523  1.00 11.65 ? 1021 SER A CB  1 
ATOM   150  O OG  . SER A 1 20  ? 12.580  -3.624  -3.681  1.00 8.21  ? 1021 SER A OG  1 
ATOM   151  N N   . PHE A 1 21  ? 9.038   -2.079  -4.617  1.00 2.00  ? 1022 PHE A N   1 
ATOM   152  C CA  . PHE A 1 21  ? 7.926   -2.422  -5.487  1.00 2.17  ? 1022 PHE A CA  1 
ATOM   153  C C   . PHE A 1 21  ? 8.188   -1.850  -6.859  1.00 4.68  ? 1022 PHE A C   1 
ATOM   154  O O   . PHE A 1 21  ? 8.838   -0.816  -6.996  1.00 12.28 ? 1022 PHE A O   1 
ATOM   155  C CB  . PHE A 1 21  ? 6.612   -1.744  -4.990  1.00 7.50  ? 1022 PHE A CB  1 
ATOM   156  C CG  . PHE A 1 21  ? 6.384   -1.810  -3.497  1.00 2.00  ? 1022 PHE A CG  1 
ATOM   157  C CD1 . PHE A 1 21  ? 6.905   -0.823  -2.652  1.00 2.00  ? 1022 PHE A CD1 1 
ATOM   158  C CD2 . PHE A 1 21  ? 5.627   -2.837  -2.936  1.00 2.00  ? 1022 PHE A CD2 1 
ATOM   159  C CE1 . PHE A 1 21  ? 6.686   -0.852  -1.276  1.00 2.00  ? 1022 PHE A CE1 1 
ATOM   160  C CE2 . PHE A 1 21  ? 5.400   -2.874  -1.550  1.00 9.35  ? 1022 PHE A CE2 1 
ATOM   161  C CZ  . PHE A 1 21  ? 5.940   -1.869  -0.716  1.00 2.00  ? 1022 PHE A CZ  1 
ATOM   162  N N   . GLU A 1 22  ? 7.600   -2.490  -7.862  1.00 10.50 ? 1023 GLU A N   1 
ATOM   163  C CA  . GLU A 1 22  ? 7.688   -2.025  -9.231  1.00 18.50 ? 1023 GLU A CA  1 
ATOM   164  C C   . GLU A 1 22  ? 6.361   -1.351  -9.599  1.00 18.33 ? 1023 GLU A C   1 
ATOM   165  O O   . GLU A 1 22  ? 5.409   -2.041  -9.935  1.00 28.82 ? 1023 GLU A O   1 
ATOM   166  C CB  . GLU A 1 22  ? 7.911   -3.202  -10.200 1.00 19.70 ? 1023 GLU A CB  1 
ATOM   167  C CG  . GLU A 1 22  ? 7.756   -2.765  -11.678 1.00 10.70 ? 1023 GLU A CG  1 
ATOM   168  C CD  . GLU A 1 22  ? 7.627   -3.904  -12.680 1.00 24.01 ? 1023 GLU A CD  1 
ATOM   169  O OE1 . GLU A 1 22  ? 7.736   -5.098  -12.298 1.00 22.49 ? 1023 GLU A OE1 1 
ATOM   170  O OE2 . GLU A 1 22  ? 7.403   -3.574  -13.868 1.00 22.73 ? 1023 GLU A OE2 1 
ATOM   171  N N   . LEU A 1 23  ? 6.270   -0.027  -9.519  1.00 20.39 ? 1024 LEU A N   1 
ATOM   172  C CA  . LEU A 1 23  ? 5.029   0.659   -9.916  1.00 15.50 ? 1024 LEU A CA  1 
ATOM   173  C C   . LEU A 1 23  ? 4.840   0.375   -11.392 1.00 23.10 ? 1024 LEU A C   1 
ATOM   174  O O   . LEU A 1 23  ? 5.789   -0.033  -12.052 1.00 31.67 ? 1024 LEU A O   1 
ATOM   175  C CB  . LEU A 1 23  ? 5.146   2.169   -9.745  1.00 8.87  ? 1024 LEU A CB  1 
ATOM   176  C CG  . LEU A 1 23  ? 5.505   2.598   -8.338  1.00 9.16  ? 1024 LEU A CG  1 
ATOM   177  C CD1 . LEU A 1 23  ? 5.376   4.108   -8.239  1.00 2.00  ? 1024 LEU A CD1 1 
ATOM   178  C CD2 . LEU A 1 23  ? 4.583   1.876   -7.347  1.00 16.50 ? 1024 LEU A CD2 1 
ATOM   179  N N   . PHE A 1 24  ? 3.634   0.564   -11.921 1.00 31.10 ? 1025 PHE A N   1 
ATOM   180  C CA  . PHE A 1 24  ? 3.423   0.301   -13.347 1.00 30.78 ? 1025 PHE A CA  1 
ATOM   181  C C   . PHE A 1 24  ? 3.264   1.582   -14.179 1.00 34.36 ? 1025 PHE A C   1 
ATOM   182  O O   . PHE A 1 24  ? 2.591   2.523   -13.775 1.00 37.58 ? 1025 PHE A O   1 
ATOM   183  C CB  . PHE A 1 24  ? 2.265   -0.688  -13.562 1.00 23.02 ? 1025 PHE A CB  1 
ATOM   184  C CG  . PHE A 1 24  ? 2.554   -2.086  -13.061 1.00 36.56 ? 1025 PHE A CG  1 
ATOM   185  C CD1 . PHE A 1 24  ? 3.511   -2.879  -13.678 1.00 36.87 ? 1025 PHE A CD1 1 
ATOM   186  C CD2 . PHE A 1 24  ? 1.861   -2.614  -11.981 1.00 39.64 ? 1025 PHE A CD2 1 
ATOM   187  C CE1 . PHE A 1 24  ? 3.769   -4.171  -13.227 1.00 31.57 ? 1025 PHE A CE1 1 
ATOM   188  C CE2 . PHE A 1 24  ? 2.115   -3.906  -11.526 1.00 28.29 ? 1025 PHE A CE2 1 
ATOM   189  C CZ  . PHE A 1 24  ? 3.069   -4.681  -12.150 1.00 39.74 ? 1025 PHE A CZ  1 
ATOM   190  N N   . ALA A 1 25  ? 3.941   1.624   -15.324 0.00 33.07 ? 1026 ALA A N   1 
ATOM   191  C CA  . ALA A 1 25  ? 3.903   2.794   -16.197 0.00 32.85 ? 1026 ALA A CA  1 
ATOM   192  C C   . ALA A 1 25  ? 2.774   2.786   -17.224 0.00 36.68 ? 1026 ALA A C   1 
ATOM   193  O O   . ALA A 1 25  ? 1.775   3.488   -17.062 0.00 43.20 ? 1026 ALA A O   1 
ATOM   194  C CB  . ALA A 1 25  ? 5.249   2.972   -16.892 0.00 26.61 ? 1026 ALA A CB  1 
ATOM   195  N N   . ASP A 1 26  ? 2.946   1.995   -18.281 0.00 31.05 ? 1027 ASP A N   1 
ATOM   196  C CA  . ASP A 1 26  ? 1.964   1.890   -19.358 0.00 33.19 ? 1027 ASP A CA  1 
ATOM   197  C C   . ASP A 1 26  ? 0.574   1.449   -18.904 0.00 37.52 ? 1027 ASP A C   1 
ATOM   198  O O   . ASP A 1 26  ? -0.424  1.747   -19.561 0.00 43.32 ? 1027 ASP A O   1 
ATOM   199  C CB  . ASP A 1 26  ? 2.481   0.947   -20.453 0.00 27.48 ? 1027 ASP A CB  1 
ATOM   200  C CG  . ASP A 1 26  ? 2.847   -0.427  -19.921 0.00 20.35 ? 1027 ASP A CG  1 
ATOM   201  O OD1 . ASP A 1 26  ? 3.930   -0.563  -19.312 0.00 19.19 ? 1027 ASP A OD1 1 
ATOM   202  O OD2 . ASP A 1 26  ? 2.055   -1.374  -20.116 0.00 43.80 ? 1027 ASP A OD2 1 
ATOM   203  N N   . LYS A 1 27  ? 0.516   0.740   -17.779 0.00 44.82 ? 1028 LYS A N   1 
ATOM   204  C CA  . LYS A 1 27  ? -0.749  0.256   -17.236 0.00 49.29 ? 1028 LYS A CA  1 
ATOM   205  C C   . LYS A 1 27  ? -1.478  1.340   -16.445 0.00 46.52 ? 1028 LYS A C   1 
ATOM   206  O O   . LYS A 1 27  ? -2.650  1.620   -16.700 0.00 55.42 ? 1028 LYS A O   1 
ATOM   207  C CB  . LYS A 1 27  ? -0.507  -0.969  -16.351 0.00 42.63 ? 1028 LYS A CB  1 
ATOM   208  C CG  . LYS A 1 27  ? 0.147   -2.132  -17.081 0.00 38.41 ? 1028 LYS A CG  1 
ATOM   209  C CD  . LYS A 1 27  ? 0.409   -3.296  -16.144 0.00 46.57 ? 1028 LYS A CD  1 
ATOM   210  C CE  . LYS A 1 27  ? 1.075   -4.452  -16.867 0.00 49.18 ? 1028 LYS A CE  1 
ATOM   211  N NZ  . LYS A 1 27  ? 1.337   -5.597  -15.952 0.00 62.01 ? 1028 LYS A NZ  1 
ATOM   212  N N   . VAL A 1 28  ? -0.775  1.952   -15.495 0.00 46.02 ? 1029 VAL A N   1 
ATOM   213  C CA  . VAL A 1 28  ? -1.344  3.008   -14.659 0.00 53.47 ? 1029 VAL A CA  1 
ATOM   214  C C   . VAL A 1 28  ? -0.414  4.224   -14.577 0.00 52.29 ? 1029 VAL A C   1 
ATOM   215  O O   . VAL A 1 28  ? 0.397   4.343   -13.657 0.00 49.27 ? 1029 VAL A O   1 
ATOM   216  C CB  . VAL A 1 28  ? -1.663  2.490   -13.231 0.00 54.20 ? 1029 VAL A CB  1 
ATOM   217  C CG1 . VAL A 1 28  ? -2.902  1.607   -13.255 0.00 55.77 ? 1029 VAL A CG1 1 
ATOM   218  C CG2 . VAL A 1 28  ? -0.482  1.709   -12.674 0.00 46.67 ? 1029 VAL A CG2 1 
ATOM   219  N N   . PRO A 1 29  ? -0.526  5.148   -15.546 0.00 51.07 ? 1030 PRO A N   1 
ATOM   220  C CA  . PRO A 1 29  ? 0.292   6.363   -15.609 0.00 52.47 ? 1030 PRO A CA  1 
ATOM   221  C C   . PRO A 1 29  ? -0.070  7.451   -14.595 0.00 54.89 ? 1030 PRO A C   1 
ATOM   222  O O   . PRO A 1 29  ? 0.714   8.373   -14.363 0.00 51.85 ? 1030 PRO A O   1 
ATOM   223  C CB  . PRO A 1 29  ? 0.063   6.843   -17.039 0.00 49.92 ? 1030 PRO A CB  1 
ATOM   224  C CG  . PRO A 1 29  ? -1.361  6.459   -17.281 0.00 46.02 ? 1030 PRO A CG  1 
ATOM   225  C CD  . PRO A 1 29  ? -1.412  5.056   -16.722 0.00 45.67 ? 1030 PRO A CD  1 
ATOM   226  N N   . LYS A 1 30  ? -1.250  7.341   -13.990 0.00 51.90 ? 1031 LYS A N   1 
ATOM   227  C CA  . LYS A 1 30  ? -1.710  8.330   -13.020 0.00 48.10 ? 1031 LYS A CA  1 
ATOM   228  C C   . LYS A 1 30  ? -1.808  7.766   -11.601 0.00 32.76 ? 1031 LYS A C   1 
ATOM   229  O O   . LYS A 1 30  ? -1.710  8.508   -10.622 0.00 29.94 ? 1031 LYS A O   1 
ATOM   230  C CB  . LYS A 1 30  ? -3.065  8.892   -13.463 0.00 54.29 ? 1031 LYS A CB  1 
ATOM   231  C CG  . LYS A 1 30  ? -3.562  10.089  -12.669 0.00 54.97 ? 1031 LYS A CG  1 
ATOM   232  C CD  . LYS A 1 30  ? -4.899  10.579  -13.209 0.00 61.11 ? 1031 LYS A CD  1 
ATOM   233  C CE  . LYS A 1 30  ? -5.366  11.838  -12.496 0.00 43.28 ? 1031 LYS A CE  1 
ATOM   234  N NZ  . LYS A 1 30  ? -4.424  12.977  -12.690 0.00 45.05 ? 1031 LYS A NZ  1 
ATOM   235  N N   . THR A 1 31  ? -1.985  6.451   -11.497 1.00 33.00 ? 1032 THR A N   1 
ATOM   236  C CA  . THR A 1 31  ? -2.106  5.778   -10.194 1.00 39.93 ? 1032 THR A CA  1 
ATOM   237  C C   . THR A 1 31  ? -0.750  5.459   -9.549  1.00 36.90 ? 1032 THR A C   1 
ATOM   238  O O   . THR A 1 31  ? -0.577  5.599   -8.332  1.00 32.52 ? 1032 THR A O   1 
ATOM   239  C CB  . THR A 1 31  ? -2.935  4.482   -10.302 0.00 37.35 ? 1032 THR A CB  1 
ATOM   240  O OG1 . THR A 1 31  ? -4.229  4.794   -10.827 0.00 35.11 ? 1032 THR A OG1 1 
ATOM   241  C CG2 . THR A 1 31  ? -3.111  3.837   -8.934  0.00 37.08 ? 1032 THR A CG2 1 
ATOM   242  N N   . ALA A 1 32  ? 0.191   5.013   -10.382 1.00 34.00 ? 1033 ALA A N   1 
ATOM   243  C CA  . ALA A 1 32  ? 1.558   4.697   -9.970  1.00 21.33 ? 1033 ALA A CA  1 
ATOM   244  C C   . ALA A 1 32  ? 2.265   5.977   -9.555  1.00 22.60 ? 1033 ALA A C   1 
ATOM   245  O O   . ALA A 1 32  ? 2.919   6.014   -8.528  1.00 18.33 ? 1033 ALA A O   1 
ATOM   246  C CB  . ALA A 1 32  ? 2.287   4.064   -11.099 1.00 22.70 ? 1033 ALA A CB  1 
ATOM   247  N N   . GLU A 1 33  ? 2.087   7.035   -10.339 1.00 19.33 ? 1034 GLU A N   1 
ATOM   248  C CA  . GLU A 1 33  ? 2.679   8.342   -10.057 1.00 21.81 ? 1034 GLU A CA  1 
ATOM   249  C C   . GLU A 1 33  ? 2.265   8.840   -8.665  1.00 24.62 ? 1034 GLU A C   1 
ATOM   250  O O   . GLU A 1 33  ? 3.061   9.466   -7.940  1.00 38.03 ? 1034 GLU A O   1 
ATOM   251  C CB  . GLU A 1 33  ? 2.224   9.346   -11.121 0.00 37.67 ? 1034 GLU A CB  1 
ATOM   252  C CG  . GLU A 1 33  ? 2.946   10.687  -11.099 0.00 54.13 ? 1034 GLU A CG  1 
ATOM   253  C CD  . GLU A 1 33  ? 4.396   10.591  -11.547 0.00 53.38 ? 1034 GLU A CD  1 
ATOM   254  O OE1 . GLU A 1 33  ? 4.702   9.781   -12.449 0.00 53.38 ? 1034 GLU A OE1 1 
ATOM   255  O OE2 . GLU A 1 33  ? 5.231   11.341  -11.003 0.00 44.52 ? 1034 GLU A OE2 1 
ATOM   256  N N   . ASN A 1 34  ? 1.013   8.547   -8.307  1.00 34.04 ? 1035 ASN A N   1 
ATOM   257  C CA  . ASN A 1 34  ? 0.423   8.927   -7.030  1.00 22.53 ? 1035 ASN A CA  1 
ATOM   258  C C   . ASN A 1 34  ? 1.241   8.309   -5.902  1.00 23.31 ? 1035 ASN A C   1 
ATOM   259  O O   . ASN A 1 34  ? 1.771   9.020   -5.040  1.00 19.69 ? 1035 ASN A O   1 
ATOM   260  C CB  . ASN A 1 34  ? -1.036  8.435   -6.993  1.00 42.84 ? 1035 ASN A CB  1 
ATOM   261  C CG  . ASN A 1 34  ? -1.741  8.759   -5.677  1.00 33.13 ? 1035 ASN A CG  1 
ATOM   262  O OD1 . ASN A 1 34  ? -1.900  9.924   -5.318  1.00 40.57 ? 1035 ASN A OD1 1 
ATOM   263  N ND2 . ASN A 1 34  ? -2.157  7.719   -4.951  1.00 30.39 ? 1035 ASN A ND2 1 
ATOM   264  N N   . PHE A 1 35  ? 1.350   6.982   -5.951  1.00 22.86 ? 1036 PHE A N   1 
ATOM   265  C CA  . PHE A 1 35  ? 2.090   6.171   -4.990  1.00 19.93 ? 1036 PHE A CA  1 
ATOM   266  C C   . PHE A 1 35  ? 3.581   6.513   -5.029  1.00 23.25 ? 1036 PHE A C   1 
ATOM   267  O O   . PHE A 1 35  ? 4.257   6.443   -4.007  1.00 26.59 ? 1036 PHE A O   1 
ATOM   268  C CB  . PHE A 1 35  ? 1.874   4.692   -5.324  1.00 16.08 ? 1036 PHE A CB  1 
ATOM   269  C CG  . PHE A 1 35  ? 2.506   3.728   -4.346  1.00 15.40 ? 1036 PHE A CG  1 
ATOM   270  C CD1 . PHE A 1 35  ? 1.871   3.402   -3.158  1.00 15.52 ? 1036 PHE A CD1 1 
ATOM   271  C CD2 . PHE A 1 35  ? 3.711   3.095   -4.648  1.00 21.50 ? 1036 PHE A CD2 1 
ATOM   272  C CE1 . PHE A 1 35  ? 2.428   2.455   -2.298  1.00 2.27  ? 1036 PHE A CE1 1 
ATOM   273  C CE2 . PHE A 1 35  ? 4.268   2.155   -3.793  1.00 18.90 ? 1036 PHE A CE2 1 
ATOM   274  C CZ  . PHE A 1 35  ? 3.628   1.832   -2.618  1.00 28.62 ? 1036 PHE A CZ  1 
ATOM   275  N N   . ARG A 1 36  ? 4.095   6.870   -6.202  1.00 32.85 ? 1037 ARG A N   1 
ATOM   276  C CA  . ARG A 1 36  ? 5.508   7.226   -6.325  1.00 33.02 ? 1037 ARG A CA  1 
ATOM   277  C C   . ARG A 1 36  ? 5.800   8.484   -5.520  1.00 31.51 ? 1037 ARG A C   1 
ATOM   278  O O   . ARG A 1 36  ? 6.581   8.459   -4.562  1.00 29.47 ? 1037 ARG A O   1 
ATOM   279  C CB  . ARG A 1 36  ? 5.901   7.490   -7.782  1.00 36.14 ? 1037 ARG A CB  1 
ATOM   280  C CG  . ARG A 1 36  ? 7.392   7.794   -7.942  1.00 31.71 ? 1037 ARG A CG  1 
ATOM   281  C CD  . ARG A 1 36  ? 7.750   8.312   -9.323  1.00 17.40 ? 1037 ARG A CD  1 
ATOM   282  N NE  . ARG A 1 36  ? 7.319   9.693   -9.571  1.00 28.34 ? 1037 ARG A NE  1 
ATOM   283  C CZ  . ARG A 1 36  ? 7.657   10.746  -8.829  1.00 32.91 ? 1037 ARG A CZ  1 
ATOM   284  N NH1 . ARG A 1 36  ? 8.407   10.590  -7.747  1.00 40.40 ? 1037 ARG A NH1 1 
ATOM   285  N NH2 . ARG A 1 36  ? 7.221   11.956  -9.155  1.00 36.53 ? 1037 ARG A NH2 1 
ATOM   286  N N   . ALA A 1 37  ? 5.123   9.569   -5.896  1.00 27.30 ? 1038 ALA A N   1 
ATOM   287  C CA  . ALA A 1 37  ? 5.292   10.863  -5.252  1.00 22.86 ? 1038 ALA A CA  1 
ATOM   288  C C   . ALA A 1 37  ? 5.014   10.836  -3.760  1.00 25.55 ? 1038 ALA A C   1 
ATOM   289  O O   . ALA A 1 37  ? 5.409   11.747  -3.028  1.00 35.91 ? 1038 ALA A O   1 
ATOM   290  C CB  . ALA A 1 37  ? 4.422   11.902  -5.938  1.00 12.24 ? 1038 ALA A CB  1 
ATOM   291  N N   . LEU A 1 38  ? 4.342   9.788   -3.301  1.00 29.11 ? 1039 LEU A N   1 
ATOM   292  C CA  . LEU A 1 38  ? 4.023   9.668   -1.884  1.00 32.90 ? 1039 LEU A CA  1 
ATOM   293  C C   . LEU A 1 38  ? 5.084   8.822   -1.186  1.00 30.44 ? 1039 LEU A C   1 
ATOM   294  O O   . LEU A 1 38  ? 5.503   9.149   -0.068  1.00 39.86 ? 1039 LEU A O   1 
ATOM   295  C CB  . LEU A 1 38  ? 2.605   9.081   -1.699  1.00 32.64 ? 1039 LEU A CB  1 
ATOM   296  C CG  . LEU A 1 38  ? 1.408   9.872   -2.268  1.00 21.87 ? 1039 LEU A CG  1 
ATOM   297  C CD1 . LEU A 1 38  ? 0.166   8.993   -2.381  1.00 33.22 ? 1039 LEU A CD1 1 
ATOM   298  C CD2 . LEU A 1 38  ? 1.120   11.069  -1.389  1.00 36.39 ? 1039 LEU A CD2 1 
ATOM   299  N N   . SER A 1 39  ? 5.528   7.752   -1.861  1.00 33.90 ? 1040 SER A N   1 
ATOM   300  C CA  . SER A 1 39  ? 6.562   6.854   -1.336  1.00 28.45 ? 1040 SER A CA  1 
ATOM   301  C C   . SER A 1 39  ? 7.779   7.722   -1.052  1.00 33.84 ? 1040 SER A C   1 
ATOM   302  O O   . SER A 1 39  ? 8.481   7.531   -0.062  1.00 40.92 ? 1040 SER A O   1 
ATOM   303  C CB  . SER A 1 39  ? 6.922   5.771   -2.358  1.00 30.75 ? 1040 SER A CB  1 
ATOM   304  O OG  . SER A 1 39  ? 5.850   4.875   -2.592  1.00 18.87 ? 1040 SER A OG  1 
ATOM   305  N N   . THR A 1 40  ? 7.993   8.691   -1.938  1.00 19.86 ? 1041 THR A N   1 
ATOM   306  C CA  . THR A 1 40  ? 9.069   9.669   -1.835  1.00 20.29 ? 1041 THR A CA  1 
ATOM   307  C C   . THR A 1 40  ? 8.828   10.583  -0.623  1.00 25.67 ? 1041 THR A C   1 
ATOM   308  O O   . THR A 1 40  ? 9.661   10.675  0.281   1.00 29.38 ? 1041 THR A O   1 
ATOM   309  C CB  . THR A 1 40  ? 9.088   10.585  -3.100  1.00 30.33 ? 1041 THR A CB  1 
ATOM   310  O OG1 . THR A 1 40  ? 9.739   9.922   -4.194  1.00 32.84 ? 1041 THR A OG1 1 
ATOM   311  C CG2 . THR A 1 40  ? 9.774   11.892  -2.814  1.00 20.69 ? 1041 THR A CG2 1 
ATOM   312  N N   . GLY A 1 41  ? 7.642   11.189  -0.582  0.00 28.09 ? 1042 GLY A N   1 
ATOM   313  C CA  . GLY A 1 41  ? 7.305   12.136  0.469   0.00 29.99 ? 1042 GLY A CA  1 
ATOM   314  C C   . GLY A 1 41  ? 7.576   13.481  -0.183  0.00 30.02 ? 1042 GLY A C   1 
ATOM   315  O O   . GLY A 1 41  ? 7.963   14.462  0.452   0.00 31.94 ? 1042 GLY A O   1 
ATOM   316  N N   . GLU A 1 42  ? 7.349   13.477  -1.493  1.00 30.41 ? 1043 GLU A N   1 
ATOM   317  C CA  . GLU A 1 42  ? 7.556   14.588  -2.414  1.00 31.87 ? 1043 GLU A CA  1 
ATOM   318  C C   . GLU A 1 42  ? 6.786   15.901  -2.274  1.00 31.04 ? 1043 GLU A C   1 
ATOM   319  O O   . GLU A 1 42  ? 6.824   16.704  -3.208  1.00 32.87 ? 1043 GLU A O   1 
ATOM   320  C CB  . GLU A 1 42  ? 7.320   14.056  -3.817  1.00 33.80 ? 1043 GLU A CB  1 
ATOM   321  C CG  . GLU A 1 42  ? 8.219   14.598  -4.880  1.00 37.57 ? 1043 GLU A CG  1 
ATOM   322  C CD  . GLU A 1 42  ? 8.297   13.651  -6.047  1.00 36.62 ? 1043 GLU A CD  1 
ATOM   323  O OE1 . GLU A 1 42  ? 8.630   12.461  -5.822  1.00 38.29 ? 1043 GLU A OE1 1 
ATOM   324  O OE2 . GLU A 1 42  ? 7.997   14.078  -7.183  1.00 38.44 ? 1043 GLU A OE2 1 
ATOM   325  N N   . LYS A 1 43  ? 6.081   16.130  -1.161  1.00 29.27 ? 1044 LYS A N   1 
ATOM   326  C CA  . LYS A 1 43  ? 5.316   17.381  -0.980  1.00 27.21 ? 1044 LYS A CA  1 
ATOM   327  C C   . LYS A 1 43  ? 5.049   17.749  0.471   1.00 26.30 ? 1044 LYS A C   1 
ATOM   328  O O   . LYS A 1 43  ? 4.103   18.474  0.756   1.00 26.84 ? 1044 LYS A O   1 
ATOM   329  C CB  . LYS A 1 43  ? 3.957   17.327  -1.696  1.00 27.85 ? 1044 LYS A CB  1 
ATOM   330  C CG  . LYS A 1 43  ? 3.940   17.723  -3.165  1.00 31.62 ? 1044 LYS A CG  1 
ATOM   331  C CD  . LYS A 1 43  ? 3.906   16.503  -4.076  1.00 29.16 ? 1044 LYS A CD  1 
ATOM   332  C CE  . LYS A 1 43  ? 3.820   16.928  -5.526  1.00 29.73 ? 1044 LYS A CE  1 
ATOM   333  N NZ  . LYS A 1 43  ? 3.609   15.778  -6.454  1.00 30.15 ? 1044 LYS A NZ  1 
ATOM   334  N N   . GLY A 1 44  ? 5.897   17.300  1.388   1.00 23.35 ? 1045 GLY A N   1 
ATOM   335  C CA  . GLY A 1 44  ? 5.662   17.602  2.792   1.00 25.91 ? 1045 GLY A CA  1 
ATOM   336  C C   . GLY A 1 44  ? 4.733   16.583  3.443   1.00 26.65 ? 1045 GLY A C   1 
ATOM   337  O O   . GLY A 1 44  ? 4.459   16.643  4.648   1.00 27.63 ? 1045 GLY A O   1 
ATOM   338  N N   . PHE A 1 45  ? 4.212   15.680  2.613   1.00 31.74 ? 1046 PHE A N   1 
ATOM   339  C CA  . PHE A 1 45  ? 3.319   14.594  3.020   1.00 31.64 ? 1046 PHE A CA  1 
ATOM   340  C C   . PHE A 1 45  ? 3.555   13.428  2.055   1.00 33.32 ? 1046 PHE A C   1 
ATOM   341  O O   . PHE A 1 45  ? 3.972   13.616  0.897   1.00 31.37 ? 1046 PHE A O   1 
ATOM   342  C CB  . PHE A 1 45  ? 1.820   15.026  3.040   1.00 30.04 ? 1046 PHE A CB  1 
ATOM   343  C CG  . PHE A 1 45  ? 1.217   15.352  1.667   1.00 16.35 ? 1046 PHE A CG  1 
ATOM   344  C CD1 . PHE A 1 45  ? 0.783   14.340  0.815   1.00 14.47 ? 1046 PHE A CD1 1 
ATOM   345  C CD2 . PHE A 1 45  ? 1.083   16.666  1.241   1.00 21.62 ? 1046 PHE A CD2 1 
ATOM   346  C CE1 . PHE A 1 45  ? 0.228   14.632  -0.446  1.00 13.16 ? 1046 PHE A CE1 1 
ATOM   347  C CE2 . PHE A 1 45  ? 0.529   16.960  -0.014  1.00 17.08 ? 1046 PHE A CE2 1 
ATOM   348  C CZ  . PHE A 1 45  ? 0.103   15.927  -0.855  1.00 2.00  ? 1046 PHE A CZ  1 
ATOM   349  N N   . GLY A 1 46  ? 3.317   12.223  2.560   1.00 27.60 ? 1047 GLY A N   1 
ATOM   350  C CA  . GLY A 1 46  ? 3.501   11.012  1.782   1.00 9.10  ? 1047 GLY A CA  1 
ATOM   351  C C   . GLY A 1 46  ? 3.561   9.956   2.846   1.00 8.22  ? 1047 GLY A C   1 
ATOM   352  O O   . GLY A 1 46  ? 3.353   10.267  4.004   1.00 10.47 ? 1047 GLY A O   1 
ATOM   353  N N   . TYR A 1 47  ? 3.961   8.747   2.492   1.00 12.56 ? 1048 TYR A N   1 
ATOM   354  C CA  . TYR A 1 47  ? 4.000   7.667   3.466   1.00 11.60 ? 1048 TYR A CA  1 
ATOM   355  C C   . TYR A 1 47  ? 5.093   7.718   4.521   1.00 15.73 ? 1048 TYR A C   1 
ATOM   356  O O   . TYR A 1 47  ? 5.113   6.887   5.438   1.00 20.04 ? 1048 TYR A O   1 
ATOM   357  C CB  . TYR A 1 47  ? 4.041   6.331   2.746   1.00 19.07 ? 1048 TYR A CB  1 
ATOM   358  C CG  . TYR A 1 47  ? 3.024   6.232   1.649   1.00 17.87 ? 1048 TYR A CG  1 
ATOM   359  C CD1 . TYR A 1 47  ? 1.664   6.258   1.934   1.00 19.10 ? 1048 TYR A CD1 1 
ATOM   360  C CD2 . TYR A 1 47  ? 3.418   6.079   0.324   1.00 17.26 ? 1048 TYR A CD2 1 
ATOM   361  C CE1 . TYR A 1 47  ? 0.723   6.128   0.924   1.00 2.24  ? 1048 TYR A CE1 1 
ATOM   362  C CE2 . TYR A 1 47  ? 2.483   5.945   -0.684  1.00 24.29 ? 1048 TYR A CE2 1 
ATOM   363  C CZ  . TYR A 1 47  ? 1.129   5.966   -0.373  1.00 22.52 ? 1048 TYR A CZ  1 
ATOM   364  O OH  . TYR A 1 47  ? 0.184   5.789   -1.358  1.00 15.18 ? 1048 TYR A OH  1 
ATOM   365  N N   . LYS A 1 48  ? 5.982   8.704   4.437   1.00 27.92 ? 1049 LYS A N   1 
ATOM   366  C CA  . LYS A 1 48  ? 7.062   8.782   5.417   1.00 33.48 ? 1049 LYS A CA  1 
ATOM   367  C C   . LYS A 1 48  ? 6.526   8.914   6.870   1.00 36.25 ? 1049 LYS A C   1 
ATOM   368  O O   . LYS A 1 48  ? 5.863   9.890   7.235   1.00 38.44 ? 1049 LYS A O   1 
ATOM   369  C CB  . LYS A 1 48  ? 8.047   9.900   5.036   1.00 27.21 ? 1049 LYS A CB  1 
ATOM   370  C CG  . LYS A 1 48  ? 9.318   9.913   5.870   0.00 33.22 ? 1049 LYS A CG  1 
ATOM   371  C CD  . LYS A 1 48  ? 10.282  10.990  5.401   0.00 31.60 ? 1049 LYS A CD  1 
ATOM   372  C CE  . LYS A 1 48  ? 11.577  10.958  6.198   0.00 33.15 ? 1049 LYS A CE  1 
ATOM   373  N NZ  . LYS A 1 48  ? 12.303  9.667   6.039   0.00 32.81 ? 1049 LYS A NZ  1 
ATOM   374  N N   . GLY A 1 49  ? 6.762   7.879   7.670   1.00 38.79 ? 1050 GLY A N   1 
ATOM   375  C CA  . GLY A 1 49  ? 6.296   7.893   9.044   1.00 40.74 ? 1050 GLY A CA  1 
ATOM   376  C C   . GLY A 1 49  ? 4.934   7.247   9.264   1.00 38.72 ? 1050 GLY A C   1 
ATOM   377  O O   . GLY A 1 49  ? 4.638   6.828   10.387  1.00 46.39 ? 1050 GLY A O   1 
ATOM   378  N N   . SER A 1 50  ? 4.112   7.152   8.213   1.00 41.65 ? 1051 SER A N   1 
ATOM   379  C CA  . SER A 1 50  ? 2.772   6.548   8.320   1.00 30.62 ? 1051 SER A CA  1 
ATOM   380  C C   . SER A 1 50  ? 2.857   5.064   8.707   1.00 30.07 ? 1051 SER A C   1 
ATOM   381  O O   . SER A 1 50  ? 3.952   4.510   8.769   1.00 30.13 ? 1051 SER A O   1 
ATOM   382  C CB  . SER A 1 50  ? 1.983   6.736   7.011   1.00 34.70 ? 1051 SER A CB  1 
ATOM   383  O OG  . SER A 1 50  ? 2.348   5.798   6.001   1.00 24.63 ? 1051 SER A OG  1 
ATOM   384  N N   . CYS A 1 51  ? 1.731   4.429   9.035   1.00 23.70 ? 1052 CYS A N   1 
ATOM   385  C CA  . CYS A 1 51  ? 1.807   3.016   9.406   1.00 24.00 ? 1052 CYS A CA  1 
ATOM   386  C C   . CYS A 1 51  ? 0.797   2.053   8.766   1.00 16.42 ? 1052 CYS A C   1 
ATOM   387  O O   . CYS A 1 51  ? 0.075   2.402   7.823   1.00 15.27 ? 1052 CYS A O   1 
ATOM   388  C CB  . CYS A 1 51  ? 1.863   2.836   10.943  1.00 32.18 ? 1052 CYS A CB  1 
ATOM   389  S SG  . CYS A 1 51  ? 0.317   3.010   11.922  1.00 68.76 ? 1052 CYS A SG  1 
ATOM   390  N N   . PHE A 1 52  ? 0.889   0.797   9.194   1.00 20.56 ? 1053 PHE A N   1 
ATOM   391  C CA  . PHE A 1 52  ? 0.019   -0.270  8.746   1.00 23.12 ? 1053 PHE A CA  1 
ATOM   392  C C   . PHE A 1 52  ? -0.986  -0.543  9.861   1.00 27.00 ? 1053 PHE A C   1 
ATOM   393  O O   . PHE A 1 52  ? -0.747  -1.370  10.747  1.00 14.92 ? 1053 PHE A O   1 
ATOM   394  C CB  . PHE A 1 52  ? 0.839   -1.523  8.413   1.00 27.66 ? 1053 PHE A CB  1 
ATOM   395  C CG  . PHE A 1 52  ? 1.573   -1.433  7.101   1.00 35.61 ? 1053 PHE A CG  1 
ATOM   396  C CD1 . PHE A 1 52  ? 2.845   -0.870  7.034   1.00 30.33 ? 1053 PHE A CD1 1 
ATOM   397  C CD2 . PHE A 1 52  ? 0.986   -1.904  5.926   1.00 12.64 ? 1053 PHE A CD2 1 
ATOM   398  C CE1 . PHE A 1 52  ? 3.520   -0.778  5.814   1.00 23.78 ? 1053 PHE A CE1 1 
ATOM   399  C CE2 . PHE A 1 52  ? 1.649   -1.817  4.712   1.00 31.96 ? 1053 PHE A CE2 1 
ATOM   400  C CZ  . PHE A 1 52  ? 2.928   -1.249  4.656   1.00 22.85 ? 1053 PHE A CZ  1 
ATOM   401  N N   . HIS A 1 53  ? -2.092  0.199   9.821   1.00 28.21 ? 1054 HIS A N   1 
ATOM   402  C CA  . HIS A 1 53  ? -3.184  0.100   10.801  1.00 23.49 ? 1054 HIS A CA  1 
ATOM   403  C C   . HIS A 1 53  ? -4.016  -1.171  10.680  1.00 18.42 ? 1054 HIS A C   1 
ATOM   404  O O   . HIS A 1 53  ? -4.541  -1.667  11.676  1.00 24.94 ? 1054 HIS A O   1 
ATOM   405  C CB  . HIS A 1 53  ? -4.125  1.293   10.647  1.00 6.06  ? 1054 HIS A CB  1 
ATOM   406  C CG  . HIS A 1 53  ? -4.567  1.521   9.231   1.00 15.45 ? 1054 HIS A CG  1 
ATOM   407  N ND1 . HIS A 1 53  ? -4.023  2.505   8.429   1.00 19.85 ? 1054 HIS A ND1 1 
ATOM   408  C CD2 . HIS A 1 53  ? -5.467  0.865   8.461   1.00 6.66  ? 1054 HIS A CD2 1 
ATOM   409  C CE1 . HIS A 1 53  ? -4.568  2.442   7.226   1.00 14.77 ? 1054 HIS A CE1 1 
ATOM   410  N NE2 . HIS A 1 53  ? -5.446  1.456   7.219   1.00 8.64  ? 1054 HIS A NE2 1 
ATOM   411  N N   . ARG A 1 54  ? -4.108  -1.715  9.473   1.00 11.54 ? 1055 ARG A N   1 
ATOM   412  C CA  . ARG A 1 54  ? -4.920  -2.893  9.267   1.00 21.97 ? 1055 ARG A CA  1 
ATOM   413  C C   . ARG A 1 54  ? -4.157  -4.027  8.604   1.00 18.20 ? 1055 ARG A C   1 
ATOM   414  O O   . ARG A 1 54  ? -3.981  -4.019  7.397   1.00 22.27 ? 1055 ARG A O   1 
ATOM   415  C CB  . ARG A 1 54  ? -6.194  -2.511  8.456   1.00 24.48 ? 1055 ARG A CB  1 
ATOM   416  C CG  . ARG A 1 54  ? -7.283  -3.608  8.399   1.00 24.03 ? 1055 ARG A CG  1 
ATOM   417  C CD  . ARG A 1 54  ? -8.675  -3.174  7.846   1.00 10.18 ? 1055 ARG A CD  1 
ATOM   418  N NE  . ARG A 1 54  ? -9.466  -4.361  7.521   1.00 7.58  ? 1055 ARG A NE  1 
ATOM   419  C CZ  . ARG A 1 54  ? -9.720  -4.772  6.287   1.00 9.94  ? 1055 ARG A CZ  1 
ATOM   420  N NH1 . ARG A 1 54  ? -9.273  -4.081  5.258   1.00 14.12 ? 1055 ARG A NH1 1 
ATOM   421  N NH2 . ARG A 1 54  ? -10.289 -5.941  6.066   1.00 5.11  ? 1055 ARG A NH2 1 
ATOM   422  N N   . ILE A 1 55  ? -3.711  -5.004  9.393   1.00 14.43 ? 1056 ILE A N   1 
ATOM   423  C CA  . ILE A 1 55  ? -3.000  -6.159  8.859   1.00 19.54 ? 1056 ILE A CA  1 
ATOM   424  C C   . ILE A 1 55  ? -3.751  -7.429  9.168   1.00 18.32 ? 1056 ILE A C   1 
ATOM   425  O O   . ILE A 1 55  ? -3.868  -7.815  10.323  1.00 6.58  ? 1056 ILE A O   1 
ATOM   426  C CB  . ILE A 1 55  ? -1.585  -6.361  9.462   1.00 23.63 ? 1056 ILE A CB  1 
ATOM   427  C CG1 . ILE A 1 55  ? -0.646  -5.209  9.102   1.00 8.68  ? 1056 ILE A CG1 1 
ATOM   428  C CG2 . ILE A 1 55  ? -0.996  -7.672  8.938   1.00 6.02  ? 1056 ILE A CG2 1 
ATOM   429  C CD1 . ILE A 1 55  ? 0.723   -5.391  9.697   1.00 2.73  ? 1056 ILE A CD1 1 
ATOM   430  N N   . ILE A 1 56  ? -4.120  -8.144  8.114   1.00 22.90 ? 1057 ILE A N   1 
ATOM   431  C CA  . ILE A 1 56  ? -4.850  -9.401  8.211   1.00 23.21 ? 1057 ILE A CA  1 
ATOM   432  C C   . ILE A 1 56  ? -4.042  -10.591 7.630   1.00 15.94 ? 1057 ILE A C   1 
ATOM   433  O O   . ILE A 1 56  ? -3.903  -10.739 6.413   1.00 20.90 ? 1057 ILE A O   1 
ATOM   434  C CB  . ILE A 1 56  ? -6.237  -9.265  7.510   1.00 17.99 ? 1057 ILE A CB  1 
ATOM   435  C CG1 . ILE A 1 56  ? -7.015  -8.089  8.134   1.00 19.14 ? 1057 ILE A CG1 1 
ATOM   436  C CG2 . ILE A 1 56  ? -7.010  -10.572 7.633   1.00 13.74 ? 1057 ILE A CG2 1 
ATOM   437  C CD1 . ILE A 1 56  ? -8.418  -7.875  7.599   1.00 11.34 ? 1057 ILE A CD1 1 
ATOM   438  N N   . PRO A 1 57  ? -3.462  -11.428 8.513   1.00 18.74 ? 1058 PRO A N   1 
ATOM   439  C CA  . PRO A 1 57  ? -2.659  -12.601 8.150   1.00 22.85 ? 1058 PRO A CA  1 
ATOM   440  C C   . PRO A 1 57  ? -3.301  -13.561 7.144   1.00 25.69 ? 1058 PRO A C   1 
ATOM   441  O O   . PRO A 1 57  ? -4.366  -14.118 7.395   1.00 33.10 ? 1058 PRO A O   1 
ATOM   442  C CB  . PRO A 1 57  ? -2.418  -13.266 9.500   1.00 31.89 ? 1058 PRO A CB  1 
ATOM   443  C CG  . PRO A 1 57  ? -2.275  -12.105 10.401  1.00 26.43 ? 1058 PRO A CG  1 
ATOM   444  C CD  . PRO A 1 57  ? -3.392  -11.186 9.967   1.00 30.67 ? 1058 PRO A CD  1 
ATOM   445  N N   . GLY A 1 58  ? -2.611  -13.760 6.024   1.00 24.18 ? 1059 GLY A N   1 
ATOM   446  C CA  . GLY A 1 58  ? -3.073  -14.640 4.963   1.00 19.91 ? 1059 GLY A CA  1 
ATOM   447  C C   . GLY A 1 58  ? -3.815  -13.900 3.869   1.00 17.03 ? 1059 GLY A C   1 
ATOM   448  O O   . GLY A 1 58  ? -4.073  -14.441 2.792   1.00 14.61 ? 1059 GLY A O   1 
ATOM   449  N N   . PHE A 1 59  ? -4.115  -12.632 4.138   1.00 18.43 ? 1060 PHE A N   1 
ATOM   450  C CA  . PHE A 1 59  ? -4.865  -11.804 3.209   1.00 14.71 ? 1060 PHE A CA  1 
ATOM   451  C C   . PHE A 1 59  ? -4.113  -10.573 2.738   1.00 11.02 ? 1060 PHE A C   1 
ATOM   452  O O   . PHE A 1 59  ? -3.825  -10.456 1.550   1.00 2.00  ? 1060 PHE A O   1 
ATOM   453  C CB  . PHE A 1 59  ? -6.215  -11.432 3.847   1.00 14.99 ? 1060 PHE A CB  1 
ATOM   454  C CG  . PHE A 1 59  ? -7.040  -10.460 3.039   1.00 13.82 ? 1060 PHE A CG  1 
ATOM   455  C CD1 . PHE A 1 59  ? -7.134  -10.577 1.648   1.00 15.47 ? 1060 PHE A CD1 1 
ATOM   456  C CD2 . PHE A 1 59  ? -7.700  -9.412  3.667   1.00 3.85  ? 1060 PHE A CD2 1 
ATOM   457  C CE1 . PHE A 1 59  ? -7.868  -9.653  0.895   1.00 17.30 ? 1060 PHE A CE1 1 
ATOM   458  C CE2 . PHE A 1 59  ? -8.423  -8.506  2.926   1.00 2.00  ? 1060 PHE A CE2 1 
ATOM   459  C CZ  . PHE A 1 59  ? -8.505  -8.626  1.535   1.00 2.00  ? 1060 PHE A CZ  1 
ATOM   460  N N   . MET A 1 60  ? -3.859  -9.620  3.632   1.00 8.17  ? 1061 MET A N   1 
ATOM   461  C CA  . MET A 1 60  ? -3.135  -8.425  3.239   1.00 4.05  ? 1061 MET A CA  1 
ATOM   462  C C   . MET A 1 60  ? -2.680  -7.538  4.384   1.00 2.01  ? 1061 MET A C   1 
ATOM   463  O O   . MET A 1 60  ? -2.996  -7.799  5.530   1.00 10.54 ? 1061 MET A O   1 
ATOM   464  C CB  . MET A 1 60  ? -3.933  -7.608  2.206   1.00 11.77 ? 1061 MET A CB  1 
ATOM   465  C CG  . MET A 1 60  ? -5.300  -7.058  2.653   1.00 24.56 ? 1061 MET A CG  1 
ATOM   466  S SD  . MET A 1 60  ? -5.346  -5.595  3.733   1.00 10.98 ? 1061 MET A SD  1 
ATOM   467  C CE  . MET A 1 60  ? -5.703  -6.311  5.260   1.00 11.96 ? 1061 MET A CE  1 
ATOM   468  N N   . CYS A 1 61  ? -1.831  -6.564  4.058   1.00 15.45 ? 1062 CYS A N   1 
ATOM   469  C CA  . CYS A 1 61  ? -1.320  -5.571  5.002   1.00 2.10  ? 1062 CYS A CA  1 
ATOM   470  C C   . CYS A 1 61  ? -1.793  -4.273  4.360   1.00 6.17  ? 1062 CYS A C   1 
ATOM   471  O O   . CYS A 1 61  ? -1.604  -4.060  3.151   1.00 9.99  ? 1062 CYS A O   1 
ATOM   472  C CB  . CYS A 1 61  ? 0.219   -5.577  5.043   1.00 4.43  ? 1062 CYS A CB  1 
ATOM   473  S SG  . CYS A 1 61  ? 0.964   -7.124  5.479   1.00 29.85 ? 1062 CYS A SG  1 
ATOM   474  N N   . GLN A 1 62  ? -2.430  -3.417  5.144   1.00 10.83 ? 1063 GLN A N   1 
ATOM   475  C CA  . GLN A 1 62  ? -2.967  -2.175  4.620   1.00 4.83  ? 1063 GLN A CA  1 
ATOM   476  C C   . GLN A 1 62  ? -2.361  -0.976  5.309   1.00 2.00  ? 1063 GLN A C   1 
ATOM   477  O O   . GLN A 1 62  ? -2.110  -1.015  6.498   1.00 2.00  ? 1063 GLN A O   1 
ATOM   478  C CB  . GLN A 1 62  ? -4.502  -2.201  4.772   1.00 8.03  ? 1063 GLN A CB  1 
ATOM   479  C CG  . GLN A 1 62  ? -5.283  -0.909  4.425   1.00 18.82 ? 1063 GLN A CG  1 
ATOM   480  C CD  . GLN A 1 62  ? -6.798  -1.070  4.646   1.00 8.95  ? 1063 GLN A CD  1 
ATOM   481  O OE1 . GLN A 1 62  ? -7.302  -2.186  4.704   1.00 13.68 ? 1063 GLN A OE1 1 
ATOM   482  N NE2 . GLN A 1 62  ? -7.506  0.039   4.785   1.00 11.71 ? 1063 GLN A NE2 1 
ATOM   483  N N   . GLY A 1 63  ? -2.129  0.077   4.540   1.00 2.00  ? 1064 GLY A N   1 
ATOM   484  C CA  . GLY A 1 63  ? -1.556  1.299   5.077   1.00 5.80  ? 1064 GLY A CA  1 
ATOM   485  C C   . GLY A 1 63  ? -1.779  2.445   4.107   1.00 5.17  ? 1064 GLY A C   1 
ATOM   486  O O   . GLY A 1 63  ? -2.543  2.300   3.153   1.00 23.49 ? 1064 GLY A O   1 
ATOM   487  N N   . GLY A 1 64  ? -1.163  3.595   4.356   1.00 9.61  ? 1065 GLY A N   1 
ATOM   488  C CA  . GLY A 1 64  ? -1.331  4.709   3.435   1.00 2.00  ? 1065 GLY A CA  1 
ATOM   489  C C   . GLY A 1 64  ? -1.919  5.992   4.002   1.00 10.96 ? 1065 GLY A C   1 
ATOM   490  O O   . GLY A 1 64  ? -1.744  7.073   3.439   1.00 14.31 ? 1065 GLY A O   1 
ATOM   491  N N   . ASP A 1 65  ? -2.638  5.867   5.107   1.00 19.96 ? 1066 ASP A N   1 
ATOM   492  C CA  . ASP A 1 65  ? -3.290  6.997   5.756   1.00 27.43 ? 1066 ASP A CA  1 
ATOM   493  C C   . ASP A 1 65  ? -2.326  7.685   6.707   1.00 29.22 ? 1066 ASP A C   1 
ATOM   494  O O   . ASP A 1 65  ? -2.170  7.289   7.864   1.00 25.53 ? 1066 ASP A O   1 
ATOM   495  C CB  . ASP A 1 65  ? -4.533  6.488   6.500   1.00 39.57 ? 1066 ASP A CB  1 
ATOM   496  C CG  . ASP A 1 65  ? -5.322  7.591   7.188   1.00 51.77 ? 1066 ASP A CG  1 
ATOM   497  O OD1 . ASP A 1 65  ? -4.935  8.778   7.115   1.00 52.36 ? 1066 ASP A OD1 1 
ATOM   498  O OD2 . ASP A 1 65  ? -6.342  7.251   7.822   1.00 58.00 ? 1066 ASP A OD2 1 
ATOM   499  N N   . PHE A 1 66  ? -1.680  8.726   6.204   1.00 29.02 ? 1067 PHE A N   1 
ATOM   500  C CA  . PHE A 1 66  ? -0.711  9.471   6.996   1.00 34.13 ? 1067 PHE A CA  1 
ATOM   501  C C   . PHE A 1 66  ? -1.362  10.582  7.842   1.00 39.00 ? 1067 PHE A C   1 
ATOM   502  O O   . PHE A 1 66  ? -0.730  11.172  8.736   1.00 33.89 ? 1067 PHE A O   1 
ATOM   503  C CB  . PHE A 1 66  ? 0.392   10.020  6.079   1.00 26.76 ? 1067 PHE A CB  1 
ATOM   504  C CG  . PHE A 1 66  ? -0.107  10.555  4.756   1.00 16.96 ? 1067 PHE A CG  1 
ATOM   505  C CD1 . PHE A 1 66  ? -0.518  11.879  4.627   1.00 21.14 ? 1067 PHE A CD1 1 
ATOM   506  C CD2 . PHE A 1 66  ? -0.113  9.746   3.629   1.00 12.33 ? 1067 PHE A CD2 1 
ATOM   507  C CE1 . PHE A 1 66  ? -0.922  12.383  3.384   1.00 7.83  ? 1067 PHE A CE1 1 
ATOM   508  C CE2 . PHE A 1 66  ? -0.511  10.232  2.384   1.00 3.96  ? 1067 PHE A CE2 1 
ATOM   509  C CZ  . PHE A 1 66  ? -0.916  11.550  2.253   1.00 15.72 ? 1067 PHE A CZ  1 
ATOM   510  N N   . THR A 1 67  ? -2.657  10.779  7.608   1.00 45.51 ? 1068 THR A N   1 
ATOM   511  C CA  . THR A 1 67  ? -3.455  11.799  8.274   1.00 44.90 ? 1068 THR A CA  1 
ATOM   512  C C   . THR A 1 67  ? -4.051  11.435  9.637   1.00 43.40 ? 1068 THR A C   1 
ATOM   513  O O   . THR A 1 67  ? -3.629  11.972  10.670  1.00 54.51 ? 1068 THR A O   1 
ATOM   514  C CB  . THR A 1 67  ? -4.568  12.215  7.345   1.00 36.68 ? 1068 THR A CB  1 
ATOM   515  O OG1 . THR A 1 67  ? -3.990  12.634  6.107   1.00 28.42 ? 1068 THR A OG1 1 
ATOM   516  C CG2 . THR A 1 67  ? -5.380  13.339  7.946   1.00 46.93 ? 1068 THR A CG2 1 
ATOM   517  N N   . ARG A 1 68  ? -5.048  10.550  9.628   1.00 43.26 ? 1069 ARG A N   1 
ATOM   518  C CA  . ARG A 1 68  ? -5.729  10.139  10.854  1.00 43.88 ? 1069 ARG A CA  1 
ATOM   519  C C   . ARG A 1 68  ? -5.251  8.811   11.430  1.00 45.87 ? 1069 ARG A C   1 
ATOM   520  O O   . ARG A 1 68  ? -5.612  8.455   12.554  1.00 45.63 ? 1069 ARG A O   1 
ATOM   521  C CB  . ARG A 1 68  ? -7.250  10.112  10.646  1.00 44.64 ? 1069 ARG A CB  1 
ATOM   522  C CG  . ARG A 1 68  ? -7.852  11.464  10.301  0.00 44.00 ? 1069 ARG A CG  1 
ATOM   523  C CD  . ARG A 1 68  ? -9.366  11.388  10.203  0.00 45.69 ? 1069 ARG A CD  1 
ATOM   524  N NE  . ARG A 1 68  ? -9.957  12.664  9.808   0.00 45.27 ? 1069 ARG A NE  1 
ATOM   525  C CZ  . ARG A 1 68  ? -10.088 13.076  8.550   0.00 47.70 ? 1069 ARG A CZ  1 
ATOM   526  N NH1 . ARG A 1 68  ? -9.676  12.312  7.547   0.00 49.46 ? 1069 ARG A NH1 1 
ATOM   527  N NH2 . ARG A 1 68  ? -10.639 14.255  8.294   0.00 48.83 ? 1069 ARG A NH2 1 
ATOM   528  N N   . HIS A 1 69  ? -4.452  8.080   10.660  1.00 48.17 ? 1070 HIS A N   1 
ATOM   529  C CA  . HIS A 1 69  ? -3.907  6.792   11.102  1.00 49.11 ? 1070 HIS A CA  1 
ATOM   530  C C   . HIS A 1 69  ? -4.977  5.847   11.648  1.00 48.95 ? 1070 HIS A C   1 
ATOM   531  O O   . HIS A 1 69  ? -4.947  5.460   12.823  1.00 54.38 ? 1070 HIS A O   1 
ATOM   532  C CB  . HIS A 1 69  ? -2.804  7.015   12.151  1.00 50.48 ? 1070 HIS A CB  1 
ATOM   533  C CG  . HIS A 1 69  ? -1.716  7.939   11.691  1.00 57.51 ? 1070 HIS A CG  1 
ATOM   534  N ND1 . HIS A 1 69  ? -1.921  9.289   11.493  1.00 52.87 ? 1070 HIS A ND1 1 
ATOM   535  C CD2 . HIS A 1 69  ? -0.420  7.705   11.368  1.00 61.62 ? 1070 HIS A CD2 1 
ATOM   536  C CE1 . HIS A 1 69  ? -0.800  9.847   11.071  1.00 60.23 ? 1070 HIS A CE1 1 
ATOM   537  N NE2 . HIS A 1 69  ? 0.126   8.907   10.985  1.00 63.76 ? 1070 HIS A NE2 1 
ATOM   538  N N   . ASN A 1 70  ? -5.916  5.472   10.785  1.00 43.86 ? 1071 ASN A N   1 
ATOM   539  C CA  . ASN A 1 70  ? -7.005  4.585   11.179  1.00 43.29 ? 1071 ASN A CA  1 
ATOM   540  C C   . ASN A 1 70  ? -7.705  3.929   9.982   1.00 43.55 ? 1071 ASN A C   1 
ATOM   541  O O   . ASN A 1 70  ? -8.008  2.728   10.005  1.00 54.01 ? 1071 ASN A O   1 
ATOM   542  C CB  . ASN A 1 70  ? -8.011  5.352   12.054  1.00 38.32 ? 1071 ASN A CB  1 
ATOM   543  C CG  . ASN A 1 70  ? -8.431  6.685   11.444  1.00 38.46 ? 1071 ASN A CG  1 
ATOM   544  O OD1 . ASN A 1 70  ? -8.634  6.787   10.239  1.00 27.40 ? 1071 ASN A OD1 1 
ATOM   545  N ND2 . ASN A 1 70  ? -8.572  7.707   12.280  1.00 38.03 ? 1071 ASN A ND2 1 
ATOM   546  N N   . GLY A 1 71  ? -7.938  4.707   8.929   1.00 38.42 ? 1072 GLY A N   1 
ATOM   547  C CA  . GLY A 1 71  ? -8.607  4.177   7.755   1.00 30.74 ? 1072 GLY A CA  1 
ATOM   548  C C   . GLY A 1 71  ? -9.652  5.149   7.244   1.00 27.79 ? 1072 GLY A C   1 
ATOM   549  O O   . GLY A 1 71  ? -10.610 4.741   6.594   1.00 21.14 ? 1072 GLY A O   1 
ATOM   550  N N   . THR A 1 72  ? -9.472  6.433   7.559   1.00 30.96 ? 1073 THR A N   1 
ATOM   551  C CA  . THR A 1 72  ? -10.392 7.501   7.138   1.00 34.95 ? 1073 THR A CA  1 
ATOM   552  C C   . THR A 1 72  ? -9.648  8.626   6.419   1.00 32.31 ? 1073 THR A C   1 
ATOM   553  O O   . THR A 1 72  ? -10.166 9.251   5.485   1.00 14.19 ? 1073 THR A O   1 
ATOM   554  C CB  . THR A 1 72  ? -11.168 8.118   8.349   1.00 38.48 ? 1073 THR A CB  1 
ATOM   555  O OG1 . THR A 1 72  ? -10.250 8.527   9.375   1.00 26.86 ? 1073 THR A OG1 1 
ATOM   556  C CG2 . THR A 1 72  ? -12.148 7.104   8.931   1.00 48.21 ? 1073 THR A CG2 1 
ATOM   557  N N   . GLY A 1 73  ? -8.413  8.855   6.853   1.00 40.87 ? 1074 GLY A N   1 
ATOM   558  C CA  . GLY A 1 73  ? -7.595  9.897   6.270   1.00 48.76 ? 1074 GLY A CA  1 
ATOM   559  C C   . GLY A 1 73  ? -6.811  9.512   5.026   1.00 48.89 ? 1074 GLY A C   1 
ATOM   560  O O   . GLY A 1 73  ? -7.184  8.622   4.253   1.00 55.92 ? 1074 GLY A O   1 
ATOM   561  N N   . GLY A 1 74  ? -5.668  10.164  4.878   1.00 47.29 ? 1075 GLY A N   1 
ATOM   562  C CA  . GLY A 1 74  ? -4.844  9.935   3.721   1.00 40.94 ? 1075 GLY A CA  1 
ATOM   563  C C   . GLY A 1 74  ? -5.359  10.875  2.657   1.00 40.84 ? 1075 GLY A C   1 
ATOM   564  O O   . GLY A 1 74  ? -6.335  11.591  2.892   1.00 40.49 ? 1075 GLY A O   1 
ATOM   565  N N   . LYS A 1 75  ? -4.703  10.874  1.496   1.00 36.52 ? 1076 LYS A N   1 
ATOM   566  C CA  . LYS A 1 75  ? -5.073  11.734  0.374   1.00 28.89 ? 1076 LYS A CA  1 
ATOM   567  C C   . LYS A 1 75  ? -4.091  11.642  -0.779  1.00 31.52 ? 1076 LYS A C   1 
ATOM   568  O O   . LYS A 1 75  ? -2.879  11.550  -0.577  1.00 42.34 ? 1076 LYS A O   1 
ATOM   569  C CB  . LYS A 1 75  ? -5.158  13.195  0.822   1.00 41.62 ? 1076 LYS A CB  1 
ATOM   570  C CG  . LYS A 1 75  ? -3.886  13.756  1.449   1.00 35.58 ? 1076 LYS A CG  1 
ATOM   571  C CD  . LYS A 1 75  ? -4.085  15.223  1.739   1.00 42.44 ? 1076 LYS A CD  1 
ATOM   572  C CE  . LYS A 1 75  ? -2.833  15.895  2.247   1.00 43.86 ? 1076 LYS A CE  1 
ATOM   573  N NZ  . LYS A 1 75  ? -3.026  17.379  2.262   1.00 50.93 ? 1076 LYS A NZ  1 
ATOM   574  N N   . SER A 1 76  ? -4.619  11.703  -1.992  1.00 30.46 ? 1077 SER A N   1 
ATOM   575  C CA  . SER A 1 76  ? -3.785  11.657  -3.174  1.00 27.89 ? 1077 SER A CA  1 
ATOM   576  C C   . SER A 1 76  ? -3.033  12.982  -3.341  1.00 42.58 ? 1077 SER A C   1 
ATOM   577  O O   . SER A 1 76  ? -3.151  13.897  -2.510  1.00 53.08 ? 1077 SER A O   1 
ATOM   578  C CB  . SER A 1 76  ? -4.633  11.392  -4.410  1.00 25.87 ? 1077 SER A CB  1 
ATOM   579  O OG  . SER A 1 76  ? -5.366  12.534  -4.816  1.00 24.43 ? 1077 SER A OG  1 
ATOM   580  N N   . ILE A 1 77  ? -2.265  13.083  -4.423  1.00 45.64 ? 1078 ILE A N   1 
ATOM   581  C CA  . ILE A 1 77  ? -1.498  14.289  -4.705  1.00 48.34 ? 1078 ILE A CA  1 
ATOM   582  C C   . ILE A 1 77  ? -2.335  15.329  -5.457  1.00 53.73 ? 1078 ILE A C   1 
ATOM   583  O O   . ILE A 1 77  ? -1.837  16.392  -5.847  1.00 55.52 ? 1078 ILE A O   1 
ATOM   584  C CB  . ILE A 1 77  ? -0.190  13.953  -5.459  1.00 41.74 ? 1078 ILE A CB  1 
ATOM   585  C CG1 . ILE A 1 77  ? -0.486  13.193  -6.758  1.00 33.42 ? 1078 ILE A CG1 1 
ATOM   586  C CG2 . ILE A 1 77  ? 0.734   13.143  -4.539  1.00 51.13 ? 1078 ILE A CG2 1 
ATOM   587  C CD1 . ILE A 1 77  ? 0.743   12.927  -7.624  1.00 30.35 ? 1078 ILE A CD1 1 
ATOM   588  N N   . TYR A 1 78  ? -3.623  15.017  -5.615  1.00 57.08 ? 1079 TYR A N   1 
ATOM   589  C CA  . TYR A 1 78  ? -4.600  15.888  -6.282  1.00 52.95 ? 1079 TYR A CA  1 
ATOM   590  C C   . TYR A 1 78  ? -5.644  16.332  -5.244  1.00 55.44 ? 1079 TYR A C   1 
ATOM   591  O O   . TYR A 1 78  ? -6.854  16.276  -5.489  1.00 49.07 ? 1079 TYR A O   1 
ATOM   592  C CB  . TYR A 1 78  ? -5.305  15.135  -7.416  1.00 45.00 ? 1079 TYR A CB  1 
ATOM   593  C CG  . TYR A 1 78  ? -4.395  14.254  -8.219  1.00 53.10 ? 1079 TYR A CG  1 
ATOM   594  C CD1 . TYR A 1 78  ? -3.198  14.741  -8.733  1.00 48.26 ? 1079 TYR A CD1 1 
ATOM   595  C CD2 . TYR A 1 78  ? -4.731  12.926  -8.471  1.00 61.75 ? 1079 TYR A CD2 1 
ATOM   596  C CE1 . TYR A 1 78  ? -2.353  13.920  -9.489  1.00 61.76 ? 1079 TYR A CE1 1 
ATOM   597  C CE2 . TYR A 1 78  ? -3.901  12.096  -9.221  1.00 63.47 ? 1079 TYR A CE2 1 
ATOM   598  C CZ  . TYR A 1 78  ? -2.711  12.594  -9.731  1.00 66.96 ? 1079 TYR A CZ  1 
ATOM   599  O OH  . TYR A 1 78  ? -1.888  11.772  -10.483 1.00 70.79 ? 1079 TYR A OH  1 
ATOM   600  N N   . GLY A 1 79  ? -5.164  16.735  -4.073  0.00 56.42 ? 1080 GLY A N   1 
ATOM   601  C CA  . GLY A 1 79  ? -6.063  17.160  -3.018  0.00 58.29 ? 1080 GLY A CA  1 
ATOM   602  C C   . GLY A 1 79  ? -6.359  16.042  -2.039  0.00 57.11 ? 1080 GLY A C   1 
ATOM   603  O O   . GLY A 1 79  ? -5.694  15.935  -1.009  0.00 57.17 ? 1080 GLY A O   1 
ATOM   604  N N   . GLU A 1 80  ? -7.337  15.196  -2.364  0.00 52.72 ? 1081 GLU A N   1 
ATOM   605  C CA  . GLU A 1 80  ? -7.713  14.088  -1.485  0.00 43.58 ? 1081 GLU A CA  1 
ATOM   606  C C   . GLU A 1 80  ? -8.109  12.788  -2.186  0.00 43.19 ? 1081 GLU A C   1 
ATOM   607  O O   . GLU A 1 80  ? -7.698  11.706  -1.765  0.00 53.51 ? 1081 GLU A O   1 
ATOM   608  C CB  . GLU A 1 80  ? -8.847  14.510  -0.543  0.00 39.18 ? 1081 GLU A CB  1 
ATOM   609  C CG  . GLU A 1 80  ? -8.457  15.537  0.511   0.00 20.00 ? 1081 GLU A CG  1 
ATOM   610  C CD  . GLU A 1 80  ? -9.595  15.863  1.459   0.00 20.00 ? 1081 GLU A CD  1 
ATOM   611  O OE1 . GLU A 1 80  ? -10.467 16.677  1.087   0.00 20.00 ? 1081 GLU A OE1 1 
ATOM   612  O OE2 . GLU A 1 80  ? -9.616  15.306  2.577   0.00 20.00 ? 1081 GLU A OE2 1 
ATOM   613  N N   . LYS A 1 81  ? -8.901  12.892  -3.251  1.00 34.50 ? 1082 LYS A N   1 
ATOM   614  C CA  . LYS A 1 81  ? -9.375  11.709  -3.977  1.00 17.44 ? 1082 LYS A CA  1 
ATOM   615  C C   . LYS A 1 81  ? -9.319  11.796  -5.510  1.00 24.07 ? 1082 LYS A C   1 
ATOM   616  O O   . LYS A 1 81  ? -9.198  12.887  -6.090  1.00 24.23 ? 1082 LYS A O   1 
ATOM   617  C CB  . LYS A 1 81  ? -10.802 11.366  -3.538  0.00 23.21 ? 1082 LYS A CB  1 
ATOM   618  C CG  . LYS A 1 81  ? -11.798 12.502  -3.718  0.00 25.19 ? 1082 LYS A CG  1 
ATOM   619  C CD  . LYS A 1 81  ? -13.198 12.089  -3.293  0.00 31.38 ? 1082 LYS A CD  1 
ATOM   620  C CE  . LYS A 1 81  ? -14.180 13.243  -3.429  0.00 33.79 ? 1082 LYS A CE  1 
ATOM   621  N NZ  . LYS A 1 81  ? -14.275 13.742  -4.831  0.00 34.98 ? 1082 LYS A NZ  1 
ATOM   622  N N   . PHE A 1 82  ? -9.396  10.630  -6.157  1.00 16.53 ? 1083 PHE A N   1 
ATOM   623  C CA  . PHE A 1 82  ? -9.352  10.545  -7.609  1.00 14.15 ? 1083 PHE A CA  1 
ATOM   624  C C   . PHE A 1 82  ? -9.979  9.267   -8.174  1.00 11.89 ? 1083 PHE A C   1 
ATOM   625  O O   . PHE A 1 82  ? -9.900  8.203   -7.573  1.00 23.86 ? 1083 PHE A O   1 
ATOM   626  C CB  . PHE A 1 82  ? -7.917  10.747  -8.133  1.00 22.24 ? 1083 PHE A CB  1 
ATOM   627  C CG  . PHE A 1 82  ? -6.983  9.565   -7.925  1.00 8.28  ? 1083 PHE A CG  1 
ATOM   628  C CD1 . PHE A 1 82  ? -6.207  9.464   -6.768  1.00 16.25 ? 1083 PHE A CD1 1 
ATOM   629  C CD2 . PHE A 1 82  ? -6.815  8.598   -8.933  1.00 15.40 ? 1083 PHE A CD2 1 
ATOM   630  C CE1 . PHE A 1 82  ? -5.276  8.432   -6.613  1.00 8.55  ? 1083 PHE A CE1 1 
ATOM   631  C CE2 . PHE A 1 82  ? -5.873  7.553   -8.791  1.00 12.61 ? 1083 PHE A CE2 1 
ATOM   632  C CZ  . PHE A 1 82  ? -5.105  7.474   -7.630  1.00 5.01  ? 1083 PHE A CZ  1 
ATOM   633  N N   . GLU A 1 83  ? -10.606 9.398   -9.340  1.00 23.78 ? 1084 GLU A N   1 
ATOM   634  C CA  . GLU A 1 83  ? -11.299 8.307   -10.025 1.00 30.14 ? 1084 GLU A CA  1 
ATOM   635  C C   . GLU A 1 83  ? -10.580 6.970   -10.047 1.00 33.00 ? 1084 GLU A C   1 
ATOM   636  O O   . GLU A 1 83  ? -9.391  6.877   -9.724  1.00 35.86 ? 1084 GLU A O   1 
ATOM   637  C CB  . GLU A 1 83  ? -11.631 8.725   -11.461 0.00 33.26 ? 1084 GLU A CB  1 
ATOM   638  C CG  . GLU A 1 83  ? -10.412 9.057   -12.312 0.00 37.59 ? 1084 GLU A CG  1 
ATOM   639  C CD  . GLU A 1 83  ? -10.769 9.395   -13.746 0.00 38.60 ? 1084 GLU A CD  1 
ATOM   640  O OE1 . GLU A 1 83  ? -11.169 10.550  -14.005 0.00 38.68 ? 1084 GLU A OE1 1 
ATOM   641  O OE2 . GLU A 1 83  ? -10.647 8.506   -14.614 0.00 38.86 ? 1084 GLU A OE2 1 
ATOM   642  N N   . ASP A 1 84  ? -11.335 5.926   -10.384 1.00 34.78 ? 1085 ASP A N   1 
ATOM   643  C CA  . ASP A 1 84  ? -10.788 4.581   -10.491 1.00 34.81 ? 1085 ASP A CA  1 
ATOM   644  C C   . ASP A 1 84  ? -10.039 4.653   -11.801 1.00 36.84 ? 1085 ASP A C   1 
ATOM   645  O O   . ASP A 1 84  ? -10.660 4.825   -12.851 1.00 39.01 ? 1085 ASP A O   1 
ATOM   646  C CB  . ASP A 1 84  ? -11.901 3.540   -10.613 0.00 30.77 ? 1085 ASP A CB  1 
ATOM   647  C CG  . ASP A 1 84  ? -12.855 3.562   -9.444  0.00 31.34 ? 1085 ASP A CG  1 
ATOM   648  O OD1 . ASP A 1 84  ? -12.404 3.371   -8.295  0.00 28.89 ? 1085 ASP A OD1 1 
ATOM   649  O OD2 . ASP A 1 84  ? -14.063 3.764   -9.683  0.00 28.69 ? 1085 ASP A OD2 1 
ATOM   650  N N   . GLU A 1 85  ? -8.710  4.613   -11.739 1.00 38.11 ? 1086 GLU A N   1 
ATOM   651  C CA  . GLU A 1 85  ? -7.889  4.677   -12.948 1.00 39.33 ? 1086 GLU A CA  1 
ATOM   652  C C   . GLU A 1 85  ? -8.409  3.710   -14.012 1.00 38.61 ? 1086 GLU A C   1 
ATOM   653  O O   . GLU A 1 85  ? -8.963  4.127   -15.025 1.00 38.05 ? 1086 GLU A O   1 
ATOM   654  C CB  . GLU A 1 85  ? -6.429  4.359   -12.619 0.00 40.77 ? 1086 GLU A CB  1 
ATOM   655  C CG  . GLU A 1 85  ? -5.480  4.398   -13.814 0.00 43.43 ? 1086 GLU A CG  1 
ATOM   656  C CD  . GLU A 1 85  ? -5.496  5.725   -14.549 0.00 44.36 ? 1086 GLU A CD  1 
ATOM   657  O OE1 . GLU A 1 85  ? -5.398  6.780   -13.888 0.00 44.71 ? 1086 GLU A OE1 1 
ATOM   658  O OE2 . GLU A 1 85  ? -5.607  5.712   -15.793 0.00 44.79 ? 1086 GLU A OE2 1 
ATOM   659  N N   . ASN A 1 86  ? -8.251  2.422   -13.763 1.00 36.49 ? 1087 ASN A N   1 
ATOM   660  C CA  . ASN A 1 86  ? -8.702  1.391   -14.687 1.00 34.14 ? 1087 ASN A CA  1 
ATOM   661  C C   . ASN A 1 86  ? -8.738  0.117   -13.869 1.00 32.91 ? 1087 ASN A C   1 
ATOM   662  O O   . ASN A 1 86  ? -8.471  0.141   -12.669 1.00 31.55 ? 1087 ASN A O   1 
ATOM   663  C CB  . ASN A 1 86  ? -7.734  1.251   -15.871 0.00 34.76 ? 1087 ASN A CB  1 
ATOM   664  C CG  . ASN A 1 86  ? -6.296  1.014   -15.434 0.00 34.14 ? 1087 ASN A CG  1 
ATOM   665  O OD1 . ASN A 1 86  ? -5.980  0.005   -14.804 0.00 34.79 ? 1087 ASN A OD1 1 
ATOM   666  N ND2 . ASN A 1 86  ? -5.414  1.939   -15.791 0.00 35.30 ? 1087 ASN A ND2 1 
ATOM   667  N N   . PHE A 1 87  ? -9.093  -0.994  -14.492 1.00 30.33 ? 1088 PHE A N   1 
ATOM   668  C CA  . PHE A 1 87  ? -9.133  -2.254  -13.763 1.00 33.75 ? 1088 PHE A CA  1 
ATOM   669  C C   . PHE A 1 87  ? -8.522  -3.310  -14.661 1.00 33.22 ? 1088 PHE A C   1 
ATOM   670  O O   . PHE A 1 87  ? -8.904  -4.492  -14.654 1.00 37.83 ? 1088 PHE A O   1 
ATOM   671  C CB  . PHE A 1 87  ? -10.572 -2.598  -13.310 1.00 28.85 ? 1088 PHE A CB  1 
ATOM   672  C CG  . PHE A 1 87  ? -11.073 -1.730  -12.174 1.00 30.08 ? 1088 PHE A CG  1 
ATOM   673  C CD1 . PHE A 1 87  ? -10.576 -1.896  -10.878 1.00 24.44 ? 1088 PHE A CD1 1 
ATOM   674  C CD2 . PHE A 1 87  ? -11.983 -0.699  -12.410 1.00 30.68 ? 1088 PHE A CD2 1 
ATOM   675  C CE1 . PHE A 1 87  ? -10.971 -1.043  -9.842  1.00 26.50 ? 1088 PHE A CE1 1 
ATOM   676  C CE2 . PHE A 1 87  ? -12.389 0.166   -11.371 1.00 21.45 ? 1088 PHE A CE2 1 
ATOM   677  C CZ  . PHE A 1 87  ? -11.879 -0.006  -10.089 1.00 17.50 ? 1088 PHE A CZ  1 
ATOM   678  N N   . ILE A 1 88  ? -7.503  -2.858  -15.391 1.00 38.01 ? 1089 ILE A N   1 
ATOM   679  C CA  . ILE A 1 88  ? -6.770  -3.695  -16.324 1.00 37.03 ? 1089 ILE A CA  1 
ATOM   680  C C   . ILE A 1 88  ? -5.937  -4.765  -15.631 1.00 33.41 ? 1089 ILE A C   1 
ATOM   681  O O   . ILE A 1 88  ? -5.770  -5.857  -16.172 1.00 36.38 ? 1089 ILE A O   1 
ATOM   682  C CB  . ILE A 1 88  ? -5.887  -2.839  -17.238 1.00 29.93 ? 1089 ILE A CB  1 
ATOM   683  C CG1 . ILE A 1 88  ? -6.753  -1.762  -17.914 1.00 40.22 ? 1089 ILE A CG1 1 
ATOM   684  C CG2 . ILE A 1 88  ? -5.231  -3.729  -18.270 1.00 25.01 ? 1089 ILE A CG2 1 
ATOM   685  C CD1 . ILE A 1 88  ? -6.009  -0.692  -18.696 1.00 34.71 ? 1089 ILE A CD1 1 
ATOM   686  N N   . LEU A 1 89  ? -5.422  -4.459  -14.436 1.00 35.59 ? 1090 LEU A N   1 
ATOM   687  C CA  . LEU A 1 89  ? -4.617  -5.430  -13.686 1.00 30.84 ? 1090 LEU A CA  1 
ATOM   688  C C   . LEU A 1 89  ? -5.415  -6.083  -12.556 1.00 29.05 ? 1090 LEU A C   1 
ATOM   689  O O   . LEU A 1 89  ? -6.173  -5.416  -11.858 1.00 17.87 ? 1090 LEU A O   1 
ATOM   690  C CB  . LEU A 1 89  ? -3.325  -4.790  -13.157 1.00 35.01 ? 1090 LEU A CB  1 
ATOM   691  C CG  . LEU A 1 89  ? -2.048  -5.423  -13.726 1.00 34.03 ? 1090 LEU A CG  1 
ATOM   692  C CD1 . LEU A 1 89  ? -0.825  -4.741  -13.158 1.00 31.69 ? 1090 LEU A CD1 1 
ATOM   693  C CD2 . LEU A 1 89  ? -2.014  -6.904  -13.404 1.00 31.71 ? 1090 LEU A CD2 1 
ATOM   694  N N   . LYS A 1 90  ? -5.187  -7.378  -12.358 1.00 27.41 ? 1091 LYS A N   1 
ATOM   695  C CA  . LYS A 1 90  ? -5.900  -8.159  -11.360 1.00 37.79 ? 1091 LYS A CA  1 
ATOM   696  C C   . LYS A 1 90  ? -5.043  -8.728  -10.225 1.00 39.69 ? 1091 LYS A C   1 
ATOM   697  O O   . LYS A 1 90  ? -3.854  -8.984  -10.392 1.00 45.93 ? 1091 LYS A O   1 
ATOM   698  C CB  . LYS A 1 90  ? -6.674  -9.271  -12.077 1.00 46.09 ? 1091 LYS A CB  1 
ATOM   699  C CG  . LYS A 1 90  ? -7.555  -8.722  -13.204 1.00 49.48 ? 1091 LYS A CG  1 
ATOM   700  C CD  . LYS A 1 90  ? -8.373  -9.775  -13.915 1.00 56.79 ? 1091 LYS A CD  1 
ATOM   701  C CE  . LYS A 1 90  ? -9.206  -9.113  -14.999 1.00 57.52 ? 1091 LYS A CE  1 
ATOM   702  N NZ  . LYS A 1 90  ? -10.095 -10.081 -15.690 1.00 70.58 ? 1091 LYS A NZ  1 
ATOM   703  N N   . HIS A 1 91  ? -5.677  -8.918  -9.070  1.00 38.07 ? 1092 HIS A N   1 
ATOM   704  C CA  . HIS A 1 91  ? -5.050  -9.435  -7.853  1.00 38.34 ? 1092 HIS A CA  1 
ATOM   705  C C   . HIS A 1 91  ? -4.659  -10.908 -7.976  1.00 28.55 ? 1092 HIS A C   1 
ATOM   706  O O   . HIS A 1 91  ? -5.175  -11.764 -7.253  1.00 37.39 ? 1092 HIS A O   1 
ATOM   707  C CB  . HIS A 1 91  ? -5.995  -9.243  -6.646  1.00 30.28 ? 1092 HIS A CB  1 
ATOM   708  C CG  . HIS A 1 91  ? -6.581  -7.868  -6.541  1.00 16.49 ? 1092 HIS A CG  1 
ATOM   709  N ND1 . HIS A 1 91  ? -6.405  -7.068  -5.433  1.00 11.62 ? 1092 HIS A ND1 1 
ATOM   710  C CD2 . HIS A 1 91  ? -7.315  -7.139  -7.417  1.00 18.55 ? 1092 HIS A CD2 1 
ATOM   711  C CE1 . HIS A 1 91  ? -6.998  -5.902  -5.632  1.00 7.78  ? 1092 HIS A CE1 1 
ATOM   712  N NE2 . HIS A 1 91  ? -7.557  -5.917  -6.831  1.00 12.42 ? 1092 HIS A NE2 1 
ATOM   713  N N   . THR A 1 92  ? -3.682  -11.166 -8.840  1.00 28.11 ? 1093 THR A N   1 
ATOM   714  C CA  . THR A 1 92  ? -3.160  -12.504 -9.121  1.00 25.53 ? 1093 THR A CA  1 
ATOM   715  C C   . THR A 1 92  ? -2.455  -13.308 -8.008  1.00 18.53 ? 1093 THR A C   1 
ATOM   716  O O   . THR A 1 92  ? -2.487  -14.541 -8.021  1.00 19.49 ? 1093 THR A O   1 
ATOM   717  C CB  . THR A 1 92  ? -2.237  -12.466 -10.366 1.00 32.59 ? 1093 THR A CB  1 
ATOM   718  O OG1 . THR A 1 92  ? -1.281  -11.404 -10.233 1.00 36.66 ? 1093 THR A OG1 1 
ATOM   719  C CG2 . THR A 1 92  ? -3.065  -12.247 -11.636 1.00 40.19 ? 1093 THR A CG2 1 
ATOM   720  N N   . GLY A 1 93  ? -1.798  -12.644 -7.064  1.00 13.28 ? 1094 GLY A N   1 
ATOM   721  C CA  . GLY A 1 93  ? -1.119  -13.395 -6.009  1.00 4.04  ? 1094 GLY A CA  1 
ATOM   722  C C   . GLY A 1 93  ? -0.384  -12.501 -5.031  1.00 6.18  ? 1094 GLY A C   1 
ATOM   723  O O   . GLY A 1 93  ? -0.497  -11.278 -5.120  1.00 14.99 ? 1094 GLY A O   1 
ATOM   724  N N   . PRO A 1 94  ? 0.347   -13.080 -4.058  1.00 2.00  ? 1095 PRO A N   1 
ATOM   725  C CA  . PRO A 1 94  ? 1.120   -12.361 -3.037  1.00 10.55 ? 1095 PRO A CA  1 
ATOM   726  C C   . PRO A 1 94  ? 2.024   -11.291 -3.643  1.00 16.14 ? 1095 PRO A C   1 
ATOM   727  O O   . PRO A 1 94  ? 2.554   -11.472 -4.742  1.00 25.87 ? 1095 PRO A O   1 
ATOM   728  C CB  . PRO A 1 94  ? 1.979   -13.462 -2.418  1.00 11.68 ? 1095 PRO A CB  1 
ATOM   729  C CG  . PRO A 1 94  ? 1.124   -14.678 -2.540  1.00 15.63 ? 1095 PRO A CG  1 
ATOM   730  C CD  . PRO A 1 94  ? 0.533   -14.537 -3.932  1.00 13.88 ? 1095 PRO A CD  1 
ATOM   731  N N   . GLY A 1 95  ? 2.181   -10.181 -2.920  1.00 16.68 ? 1096 GLY A N   1 
ATOM   732  C CA  . GLY A 1 95  ? 3.031   -9.097  -3.366  1.00 20.72 ? 1096 GLY A CA  1 
ATOM   733  C C   . GLY A 1 95  ? 2.318   -8.056  -4.194  1.00 15.26 ? 1096 GLY A C   1 
ATOM   734  O O   . GLY A 1 95  ? 2.820   -6.936  -4.359  1.00 17.17 ? 1096 GLY A O   1 
ATOM   735  N N   . ILE A 1 96  ? 1.152   -8.420  -4.726  1.00 18.29 ? 1097 ILE A N   1 
ATOM   736  C CA  . ILE A 1 96  ? 0.364   -7.504  -5.536  1.00 7.39  ? 1097 ILE A CA  1 
ATOM   737  C C   . ILE A 1 96  ? 0.041   -6.249  -4.738  1.00 16.57 ? 1097 ILE A C   1 
ATOM   738  O O   . ILE A 1 96  ? -0.418  -6.304  -3.593  1.00 21.44 ? 1097 ILE A O   1 
ATOM   739  C CB  . ILE A 1 96  ? -0.910  -8.196  -6.111  1.00 8.34  ? 1097 ILE A CB  1 
ATOM   740  C CG1 . ILE A 1 96  ? -0.543  -8.870  -7.424  1.00 4.59  ? 1097 ILE A CG1 1 
ATOM   741  C CG2 . ILE A 1 96  ? -2.037  -7.178  -6.418  1.00 2.02  ? 1097 ILE A CG2 1 
ATOM   742  C CD1 . ILE A 1 96  ? -0.205  -7.848  -8.523  1.00 19.42 ? 1097 ILE A CD1 1 
ATOM   743  N N   . LEU A 1 97  ? 0.418   -5.113  -5.306  1.00 21.52 ? 1098 LEU A N   1 
ATOM   744  C CA  . LEU A 1 97  ? 0.178   -3.852  -4.657  1.00 22.15 ? 1098 LEU A CA  1 
ATOM   745  C C   . LEU A 1 97  ? -1.120  -3.375  -5.266  1.00 18.62 ? 1098 LEU A C   1 
ATOM   746  O O   . LEU A 1 97  ? -1.295  -3.437  -6.487  1.00 15.69 ? 1098 LEU A O   1 
ATOM   747  C CB  . LEU A 1 97  ? 1.330   -2.894  -4.961  1.00 15.32 ? 1098 LEU A CB  1 
ATOM   748  C CG  . LEU A 1 97  ? 1.387   -1.506  -4.340  1.00 4.25  ? 1098 LEU A CG  1 
ATOM   749  C CD1 . LEU A 1 97  ? 1.309   -1.612  -2.817  1.00 4.04  ? 1098 LEU A CD1 1 
ATOM   750  C CD2 . LEU A 1 97  ? 2.675   -0.847  -4.798  1.00 3.56  ? 1098 LEU A CD2 1 
ATOM   751  N N   . SER A 1 98  ? -2.045  -2.942  -4.419  1.00 14.80 ? 1099 SER A N   1 
ATOM   752  C CA  . SER A 1 98  ? -3.337  -2.486  -4.915  1.00 17.03 ? 1099 SER A CA  1 
ATOM   753  C C   . SER A 1 98  ? -3.917  -1.384  -4.070  1.00 7.98  ? 1099 SER A C   1 
ATOM   754  O O   . SER A 1 98  ? -3.606  -1.272  -2.881  1.00 8.19  ? 1099 SER A O   1 
ATOM   755  C CB  . SER A 1 98  ? -4.321  -3.643  -5.009  1.00 7.08  ? 1099 SER A CB  1 
ATOM   756  O OG  . SER A 1 98  ? -5.353  -3.320  -5.929  1.00 25.88 ? 1099 SER A OG  1 
ATOM   757  N N   . MET A 1 99  ? -4.691  -0.526  -4.725  1.00 10.06 ? 1100 MET A N   1 
ATOM   758  C CA  . MET A 1 99  ? -5.321  0.609   -4.075  1.00 10.84 ? 1100 MET A CA  1 
ATOM   759  C C   . MET A 1 99  ? -6.511  0.231   -3.178  1.00 12.77 ? 1100 MET A C   1 
ATOM   760  O O   . MET A 1 99  ? -7.403  -0.524  -3.587  1.00 13.74 ? 1100 MET A O   1 
ATOM   761  C CB  . MET A 1 99  ? -5.778  1.636   -5.126  1.00 17.53 ? 1100 MET A CB  1 
ATOM   762  C CG  . MET A 1 99  ? -4.720  2.618   -5.610  1.00 8.30  ? 1100 MET A CG  1 
ATOM   763  S SD  . MET A 1 99  ? -3.956  3.559   -4.266  1.00 18.42 ? 1100 MET A SD  1 
ATOM   764  C CE  . MET A 1 99  ? -4.736  5.122   -4.477  1.00 11.36 ? 1100 MET A CE  1 
ATOM   765  N N   . ALA A 1 100 ? -6.479  0.718   -1.938  1.00 14.77 ? 1101 ALA A N   1 
ATOM   766  C CA  . ALA A 1 100 ? -7.569  0.513   -0.994  1.00 14.69 ? 1101 ALA A CA  1 
ATOM   767  C C   . ALA A 1 100 ? -8.542  1.661   -1.279  1.00 20.39 ? 1101 ALA A C   1 
ATOM   768  O O   . ALA A 1 100 ? -8.130  2.768   -1.695  1.00 18.90 ? 1101 ALA A O   1 
ATOM   769  C CB  . ALA A 1 100 ? -7.074  0.582   0.454   1.00 2.00  ? 1101 ALA A CB  1 
ATOM   770  N N   . ASN A 1 101 ? -9.830  1.397   -1.070  1.00 16.07 ? 1102 ASN A N   1 
ATOM   771  C CA  . ASN A 1 101 ? -10.844 2.399   -1.326  1.00 14.13 ? 1102 ASN A CA  1 
ATOM   772  C C   . ASN A 1 101 ? -12.092 2.149   -0.507  1.00 19.24 ? 1102 ASN A C   1 
ATOM   773  O O   . ASN A 1 101 ? -12.091 1.360   0.432   1.00 15.40 ? 1102 ASN A O   1 
ATOM   774  C CB  . ASN A 1 101 ? -11.202 2.428   -2.824  1.00 8.80  ? 1102 ASN A CB  1 
ATOM   775  C CG  . ASN A 1 101 ? -11.759 1.105   -3.336  1.00 13.38 ? 1102 ASN A CG  1 
ATOM   776  O OD1 . ASN A 1 101 ? -12.139 0.234   -2.567  1.00 31.83 ? 1102 ASN A OD1 1 
ATOM   777  N ND2 . ASN A 1 101 ? -11.811 0.960   -4.650  1.00 16.52 ? 1102 ASN A ND2 1 
ATOM   778  N N   . ALA A 1 102 ? -13.142 2.878   -0.867  1.00 12.58 ? 1103 ALA A N   1 
ATOM   779  C CA  . ALA A 1 102 ? -14.455 2.764   -0.256  1.00 21.59 ? 1103 ALA A CA  1 
ATOM   780  C C   . ALA A 1 102 ? -15.413 2.833   -1.460  1.00 20.73 ? 1103 ALA A C   1 
ATOM   781  O O   . ALA A 1 102 ? -16.104 3.826   -1.672  1.00 23.32 ? 1103 ALA A O   1 
ATOM   782  C CB  . ALA A 1 102 ? -14.696 3.920   0.733   1.00 10.13 ? 1103 ALA A CB  1 
ATOM   783  N N   . GLY A 1 103 ? -15.389 1.782   -2.272  0.00 25.88 ? 1104 GLY A N   1 
ATOM   784  C CA  . GLY A 1 103 ? -16.225 1.748   -3.456  0.00 37.23 ? 1104 GLY A CA  1 
ATOM   785  C C   . GLY A 1 103 ? -15.541 2.467   -4.604  0.00 44.52 ? 1104 GLY A C   1 
ATOM   786  O O   . GLY A 1 103 ? -14.352 2.783   -4.519  0.00 40.36 ? 1104 GLY A O   1 
ATOM   787  N N   . PRO A 1 104 ? -16.261 2.731   -5.704  0.00 50.60 ? 1105 PRO A N   1 
ATOM   788  C CA  . PRO A 1 104 ? -15.728 3.416   -6.887  0.00 48.02 ? 1105 PRO A CA  1 
ATOM   789  C C   . PRO A 1 104 ? -15.394 4.900   -6.705  0.00 46.42 ? 1105 PRO A C   1 
ATOM   790  O O   . PRO A 1 104 ? -16.072 5.620   -5.970  0.00 49.81 ? 1105 PRO A O   1 
ATOM   791  C CB  . PRO A 1 104 ? -16.848 3.236   -7.914  0.00 51.41 ? 1105 PRO A CB  1 
ATOM   792  C CG  . PRO A 1 104 ? -17.515 1.967   -7.480  0.00 45.72 ? 1105 PRO A CG  1 
ATOM   793  C CD  . PRO A 1 104 ? -17.589 2.167   -5.994  0.00 51.37 ? 1105 PRO A CD  1 
ATOM   794  N N   . ASN A 1 105 ? -14.334 5.333   -7.387  1.00 39.84 ? 1106 ASN A N   1 
ATOM   795  C CA  . ASN A 1 105 ? -13.868 6.723   -7.390  1.00 24.28 ? 1106 ASN A CA  1 
ATOM   796  C C   . ASN A 1 105 ? -13.426 7.308   -6.046  1.00 21.02 ? 1106 ASN A C   1 
ATOM   797  O O   . ASN A 1 105 ? -13.488 8.545   -5.845  1.00 11.74 ? 1106 ASN A O   1 
ATOM   798  C CB  . ASN A 1 105 ? -14.934 7.622   -8.029  1.00 26.81 ? 1106 ASN A CB  1 
ATOM   799  C CG  . ASN A 1 105 ? -15.291 7.193   -9.442  0.00 21.30 ? 1106 ASN A CG  1 
ATOM   800  O OD1 . ASN A 1 105 ? -14.432 7.129   -10.320 0.00 18.80 ? 1106 ASN A OD1 1 
ATOM   801  N ND2 . ASN A 1 105 ? -16.566 6.891   -9.663  0.00 18.82 ? 1106 ASN A ND2 1 
ATOM   802  N N   . THR A 1 106 ? -12.909 6.442   -5.168  1.00 17.91 ? 1107 THR A N   1 
ATOM   803  C CA  . THR A 1 106 ? -12.467 6.860   -3.821  1.00 20.09 ? 1107 THR A CA  1 
ATOM   804  C C   . THR A 1 106 ? -10.999 6.515   -3.462  1.00 24.47 ? 1107 THR A C   1 
ATOM   805  O O   . THR A 1 106 ? -10.693 6.002   -2.366  1.00 23.02 ? 1107 THR A O   1 
ATOM   806  C CB  . THR A 1 106 ? -13.427 6.301   -2.720  1.00 25.07 ? 1107 THR A CB  1 
ATOM   807  O OG1 . THR A 1 106 ? -13.488 4.873   -2.799  1.00 16.32 ? 1107 THR A OG1 1 
ATOM   808  C CG2 . THR A 1 106 ? -14.833 6.869   -2.898  1.00 22.36 ? 1107 THR A CG2 1 
ATOM   809  N N   . ASN A 1 107 ? -10.093 6.837   -4.383  1.00 21.68 ? 1108 ASN A N   1 
ATOM   810  C CA  . ASN A 1 107 ? -8.674  6.548   -4.191  1.00 23.13 ? 1108 ASN A CA  1 
ATOM   811  C C   . ASN A 1 107 ? -7.933  7.682   -3.528  1.00 25.25 ? 1108 ASN A C   1 
ATOM   812  O O   . ASN A 1 107 ? -7.785  8.755   -4.105  1.00 37.56 ? 1108 ASN A O   1 
ATOM   813  C CB  . ASN A 1 107 ? -8.005  6.243   -5.517  1.00 4.20  ? 1108 ASN A CB  1 
ATOM   814  C CG  . ASN A 1 107 ? -8.572  5.030   -6.183  1.00 8.31  ? 1108 ASN A CG  1 
ATOM   815  O OD1 . ASN A 1 107 ? -8.433  3.898   -5.698  1.00 12.93 ? 1108 ASN A OD1 1 
ATOM   816  N ND2 . ASN A 1 107 ? -9.217  5.246   -7.314  1.00 15.38 ? 1108 ASN A ND2 1 
ATOM   817  N N   . GLY A 1 108 ? -7.441  7.429   -2.323  1.00 29.28 ? 1109 GLY A N   1 
ATOM   818  C CA  . GLY A 1 108 ? -6.711  8.454   -1.616  1.00 23.57 ? 1109 GLY A CA  1 
ATOM   819  C C   . GLY A 1 108 ? -5.245  8.129   -1.696  1.00 23.84 ? 1109 GLY A C   1 
ATOM   820  O O   . GLY A 1 108 ? -4.640  8.130   -2.770  1.00 19.24 ? 1109 GLY A O   1 
ATOM   821  N N   . SER A 1 109 ? -4.701  7.808   -0.535  1.00 21.41 ? 1110 SER A N   1 
ATOM   822  C CA  . SER A 1 109 ? -3.314  7.451   -0.381  1.00 17.56 ? 1110 SER A CA  1 
ATOM   823  C C   . SER A 1 109 ? -3.238  6.010   0.139   1.00 26.37 ? 1110 SER A C   1 
ATOM   824  O O   . SER A 1 109 ? -2.172  5.395   0.135   1.00 25.26 ? 1110 SER A O   1 
ATOM   825  C CB  . SER A 1 109 ? -2.706  8.373   0.661   1.00 23.00 ? 1110 SER A CB  1 
ATOM   826  O OG  . SER A 1 109 ? -3.386  8.222   1.892   1.00 8.23  ? 1110 SER A OG  1 
ATOM   827  N N   . GLN A 1 110 ? -4.370  5.480   0.606   1.00 20.57 ? 1111 GLN A N   1 
ATOM   828  C CA  . GLN A 1 110 ? -4.398  4.141   1.155   1.00 9.86  ? 1111 GLN A CA  1 
ATOM   829  C C   . GLN A 1 110 ? -4.206  3.034   0.142   1.00 13.59 ? 1111 GLN A C   1 
ATOM   830  O O   . GLN A 1 110 ? -4.689  3.111   -0.994  1.00 12.93 ? 1111 GLN A O   1 
ATOM   831  C CB  . GLN A 1 110 ? -5.638  3.958   2.013   1.00 8.69  ? 1111 GLN A CB  1 
ATOM   832  C CG  . GLN A 1 110 ? -5.585  4.872   3.238   1.00 9.40  ? 1111 GLN A CG  1 
ATOM   833  C CD  . GLN A 1 110 ? -6.676  4.591   4.248   1.00 13.99 ? 1111 GLN A CD  1 
ATOM   834  O OE1 . GLN A 1 110 ? -6.761  3.496   4.822   1.00 14.24 ? 1111 GLN A OE1 1 
ATOM   835  N NE2 . GLN A 1 110 ? -7.499  5.592   4.498   1.00 23.54 ? 1111 GLN A NE2 1 
ATOM   836  N N   . PHE A 1 111 ? -3.500  1.987   0.574   1.00 7.96  ? 1112 PHE A N   1 
ATOM   837  C CA  . PHE A 1 111 ? -3.155  0.834   -0.281  1.00 5.72  ? 1112 PHE A CA  1 
ATOM   838  C C   . PHE A 1 111 ? -2.985  -0.377  0.613   1.00 2.00  ? 1112 PHE A C   1 
ATOM   839  O O   . PHE A 1 111 ? -2.878  -0.247  1.822   1.00 2.00  ? 1112 PHE A O   1 
ATOM   840  C CB  . PHE A 1 111 ? -1.786  1.075   -0.972  1.00 7.85  ? 1112 PHE A CB  1 
ATOM   841  C CG  . PHE A 1 111 ? -0.635  1.162   0.006   1.00 11.84 ? 1112 PHE A CG  1 
ATOM   842  C CD1 . PHE A 1 111 ? -0.046  0.010   0.506   1.00 2.00  ? 1112 PHE A CD1 1 
ATOM   843  C CD2 . PHE A 1 111 ? -0.254  2.387   0.551   1.00 2.00  ? 1112 PHE A CD2 1 
ATOM   844  C CE1 . PHE A 1 111 ? 0.885   0.061   1.546   1.00 2.00  ? 1112 PHE A CE1 1 
ATOM   845  C CE2 . PHE A 1 111 ? 0.689   2.442   1.596   1.00 2.00  ? 1112 PHE A CE2 1 
ATOM   846  C CZ  . PHE A 1 111 ? 1.251   1.283   2.091   1.00 2.00  ? 1112 PHE A CZ  1 
ATOM   847  N N   . PHE A 1 112 ? -2.860  -1.545  -0.008  1.00 2.00  ? 1113 PHE A N   1 
ATOM   848  C CA  . PHE A 1 112 ? -2.640  -2.782  0.734   1.00 4.13  ? 1113 PHE A CA  1 
ATOM   849  C C   . PHE A 1 112 ? -1.711  -3.659  -0.085  1.00 2.00  ? 1113 PHE A C   1 
ATOM   850  O O   . PHE A 1 112 ? -1.681  -3.548  -1.309  1.00 5.31  ? 1113 PHE A O   1 
ATOM   851  C CB  . PHE A 1 112 ? -3.965  -3.530  1.081   1.00 2.00  ? 1113 PHE A CB  1 
ATOM   852  C CG  . PHE A 1 112 ? -4.788  -3.955  -0.123  1.00 2.00  ? 1113 PHE A CG  1 
ATOM   853  C CD1 . PHE A 1 112 ? -5.636  -3.065  -0.751  1.00 2.41  ? 1113 PHE A CD1 1 
ATOM   854  C CD2 . PHE A 1 112 ? -4.718  -5.251  -0.612  1.00 5.02  ? 1113 PHE A CD2 1 
ATOM   855  C CE1 . PHE A 1 112 ? -6.389  -3.447  -1.838  1.00 2.00  ? 1113 PHE A CE1 1 
ATOM   856  C CE2 . PHE A 1 112 ? -5.472  -5.627  -1.693  1.00 2.00  ? 1113 PHE A CE2 1 
ATOM   857  C CZ  . PHE A 1 112 ? -6.308  -4.713  -2.305  1.00 2.00  ? 1113 PHE A CZ  1 
ATOM   858  N N   . ILE A 1 113 ? -0.924  -4.477  0.616   1.00 2.00  ? 1114 ILE A N   1 
ATOM   859  C CA  . ILE A 1 113 ? 0.008   -5.412  0.006   1.00 12.13 ? 1114 ILE A CA  1 
ATOM   860  C C   . ILE A 1 113 ? -0.581  -6.794  0.273   1.00 11.88 ? 1114 ILE A C   1 
ATOM   861  O O   . ILE A 1 113 ? -0.641  -7.239  1.419   1.00 8.92  ? 1114 ILE A O   1 
ATOM   862  C CB  . ILE A 1 113 ? 1.434   -5.330  0.650   1.00 12.16 ? 1114 ILE A CB  1 
ATOM   863  C CG1 . ILE A 1 113 ? 1.934   -3.884  0.699   1.00 14.31 ? 1114 ILE A CG1 1 
ATOM   864  C CG2 . ILE A 1 113 ? 2.407   -6.126  -0.168  1.00 14.35 ? 1114 ILE A CG2 1 
ATOM   865  C CD1 . ILE A 1 113 ? 3.271   -3.702  1.380   1.00 2.00  ? 1114 ILE A CD1 1 
ATOM   866  N N   . CYS A 1 114 ? -1.036  -7.453  -0.791  1.00 18.06 ? 1115 CYS A N   1 
ATOM   867  C CA  . CYS A 1 114 ? -1.631  -8.777  -0.680  1.00 21.10 ? 1115 CYS A CA  1 
ATOM   868  C C   . CYS A 1 114 ? -0.594  -9.799  -0.312  1.00 18.04 ? 1115 CYS A C   1 
ATOM   869  O O   . CYS A 1 114 ? 0.529   -9.749  -0.798  1.00 21.19 ? 1115 CYS A O   1 
ATOM   870  C CB  . CYS A 1 114 ? -2.248  -9.226  -1.996  1.00 17.82 ? 1115 CYS A CB  1 
ATOM   871  S SG  . CYS A 1 114 ? -3.425  -8.131  -2.712  1.00 17.86 ? 1115 CYS A SG  1 
ATOM   872  N N   . THR A 1 115 ? -1.005  -10.765 0.495   1.00 18.59 ? 1116 THR A N   1 
ATOM   873  C CA  . THR A 1 115 ? -0.144  -11.844 0.930   1.00 13.16 ? 1116 THR A CA  1 
ATOM   874  C C   . THR A 1 115 ? -0.770  -13.191 0.575   1.00 17.07 ? 1116 THR A C   1 
ATOM   875  O O   . THR A 1 115 ? -0.544  -14.194 1.258   1.00 27.05 ? 1116 THR A O   1 
ATOM   876  C CB  . THR A 1 115 ? 0.120   -11.762 2.432   1.00 19.10 ? 1116 THR A CB  1 
ATOM   877  O OG1 . THR A 1 115 ? -1.105  -11.924 3.153   1.00 27.15 ? 1116 THR A OG1 1 
ATOM   878  C CG2 . THR A 1 115 ? 0.744   -10.413 2.784   1.00 25.15 ? 1116 THR A CG2 1 
ATOM   879  N N   . ALA A 1 116 ? -1.562  -13.194 -0.501  1.00 11.98 ? 1117 ALA A N   1 
ATOM   880  C CA  . ALA A 1 116 ? -2.232  -14.389 -1.026  1.00 2.00  ? 1117 ALA A CA  1 
ATOM   881  C C   . ALA A 1 116 ? -2.977  -13.955 -2.249  1.00 7.70  ? 1117 ALA A C   1 
ATOM   882  O O   . ALA A 1 116 ? -2.980  -12.760 -2.569  1.00 16.87 ? 1117 ALA A O   1 
ATOM   883  C CB  . ALA A 1 116 ? -3.208  -14.970 -0.014  1.00 25.26 ? 1117 ALA A CB  1 
ATOM   884  N N   . LYS A 1 117 ? -3.563  -14.906 -2.980  1.00 19.05 ? 1118 LYS A N   1 
ATOM   885  C CA  . LYS A 1 117 ? -4.338  -14.529 -4.164  1.00 24.43 ? 1118 LYS A CA  1 
ATOM   886  C C   . LYS A 1 117 ? -5.692  -13.979 -3.693  1.00 25.42 ? 1118 LYS A C   1 
ATOM   887  O O   . LYS A 1 117 ? -6.448  -14.677 -3.014  1.00 35.95 ? 1118 LYS A O   1 
ATOM   888  C CB  . LYS A 1 117 ? -4.533  -15.706 -5.131  1.00 20.37 ? 1118 LYS A CB  1 
ATOM   889  C CG  . LYS A 1 117 ? -5.271  -15.278 -6.407  1.00 37.63 ? 1118 LYS A CG  1 
ATOM   890  C CD  . LYS A 1 117 ? -5.086  -16.228 -7.596  1.00 55.76 ? 1118 LYS A CD  1 
ATOM   891  C CE  . LYS A 1 117 ? -5.879  -17.517 -7.463  1.00 62.87 ? 1118 LYS A CE  1 
ATOM   892  N NZ  . LYS A 1 117 ? -5.393  -18.352 -6.335  1.00 50.13 ? 1118 LYS A NZ  1 
ATOM   893  N N   . THR A 1 118 ? -5.961  -12.713 -4.006  1.00 23.77 ? 1119 THR A N   1 
ATOM   894  C CA  . THR A 1 118 ? -7.205  -12.074 -3.596  1.00 18.19 ? 1119 THR A CA  1 
ATOM   895  C C   . THR A 1 118 ? -8.053  -11.762 -4.814  1.00 23.25 ? 1119 THR A C   1 
ATOM   896  O O   . THR A 1 118 ? -8.385  -10.609 -5.069  1.00 16.55 ? 1119 THR A O   1 
ATOM   897  C CB  . THR A 1 118 ? -6.942  -10.769 -2.808  1.00 10.43 ? 1119 THR A CB  1 
ATOM   898  O OG1 . THR A 1 118 ? -6.497  -9.735  -3.690  1.00 14.21 ? 1119 THR A OG1 1 
ATOM   899  C CG2 . THR A 1 118 ? -5.905  -10.971 -1.735  1.00 2.00  ? 1119 THR A CG2 1 
ATOM   900  N N   . GLU A 1 119 ? -8.468  -12.806 -5.525  1.00 30.61 ? 1120 GLU A N   1 
ATOM   901  C CA  . GLU A 1 119 ? -9.252  -12.652 -6.751  1.00 32.62 ? 1120 GLU A CA  1 
ATOM   902  C C   . GLU A 1 119 ? -10.577 -11.897 -6.692  1.00 31.31 ? 1120 GLU A C   1 
ATOM   903  O O   . GLU A 1 119 ? -10.898 -11.160 -7.630  1.00 24.41 ? 1120 GLU A O   1 
ATOM   904  C CB  . GLU A 1 119 ? -9.436  -14.004 -7.467  1.00 46.49 ? 1120 GLU A CB  1 
ATOM   905  C CG  . GLU A 1 119 ? -10.367 -15.020 -6.794  1.00 44.62 ? 1120 GLU A CG  1 
ATOM   906  C CD  . GLU A 1 119 ? -9.796  -15.681 -5.534  1.00 41.68 ? 1120 GLU A CD  1 
ATOM   907  O OE1 . GLU A 1 119 ? -8.565  -15.634 -5.298  1.00 42.16 ? 1120 GLU A OE1 1 
ATOM   908  O OE2 . GLU A 1 119 ? -10.601 -16.277 -4.784  1.00 50.30 ? 1120 GLU A OE2 1 
ATOM   909  N N   . TRP A 1 120 ? -11.331 -12.040 -5.599  1.00 29.96 ? 1121 TRP A N   1 
ATOM   910  C CA  . TRP A 1 120 ? -12.624 -11.352 -5.485  1.00 28.88 ? 1121 TRP A CA  1 
ATOM   911  C C   . TRP A 1 120 ? -12.489 -9.852  -5.565  1.00 27.09 ? 1121 TRP A C   1 
ATOM   912  O O   . TRP A 1 120 ? -13.463 -9.148  -5.854  1.00 24.78 ? 1121 TRP A O   1 
ATOM   913  C CB  . TRP A 1 120 ? -13.343 -11.711 -4.188  1.00 18.13 ? 1121 TRP A CB  1 
ATOM   914  C CG  . TRP A 1 120 ? -12.503 -11.547 -2.980  1.00 20.11 ? 1121 TRP A CG  1 
ATOM   915  C CD1 . TRP A 1 120 ? -12.530 -10.509 -2.085  1.00 28.31 ? 1121 TRP A CD1 1 
ATOM   916  C CD2 . TRP A 1 120 ? -11.507 -12.451 -2.517  1.00 16.18 ? 1121 TRP A CD2 1 
ATOM   917  N NE1 . TRP A 1 120 ? -11.609 -10.723 -1.088  1.00 14.74 ? 1121 TRP A NE1 1 
ATOM   918  C CE2 . TRP A 1 120 ? -10.965 -11.907 -1.333  1.00 10.66 ? 1121 TRP A CE2 1 
ATOM   919  C CE3 . TRP A 1 120 ? -11.022 -13.676 -2.983  1.00 7.34  ? 1121 TRP A CE3 1 
ATOM   920  C CZ2 . TRP A 1 120 ? -9.960  -12.549 -0.608  1.00 18.42 ? 1121 TRP A CZ2 1 
ATOM   921  C CZ3 . TRP A 1 120 ? -10.023 -14.320 -2.257  1.00 19.61 ? 1121 TRP A CZ3 1 
ATOM   922  C CH2 . TRP A 1 120 ? -9.505  -13.755 -1.084  1.00 13.62 ? 1121 TRP A CH2 1 
ATOM   923  N N   . LEU A 1 121 ? -11.257 -9.373  -5.371  1.00 19.55 ? 1122 LEU A N   1 
ATOM   924  C CA  . LEU A 1 121 ? -10.983 -7.946  -5.385  1.00 3.07  ? 1122 LEU A CA  1 
ATOM   925  C C   . LEU A 1 121 ? -10.843 -7.334  -6.760  1.00 2.00  ? 1122 LEU A C   1 
ATOM   926  O O   . LEU A 1 121 ? -10.976 -6.119  -6.915  1.00 13.31 ? 1122 LEU A O   1 
ATOM   927  C CB  . LEU A 1 121 ? -9.797  -7.644  -4.485  1.00 17.94 ? 1122 LEU A CB  1 
ATOM   928  C CG  . LEU A 1 121 ? -10.006 -8.111  -3.042  1.00 7.51  ? 1122 LEU A CG  1 
ATOM   929  C CD1 . LEU A 1 121 ? -8.743  -7.859  -2.246  1.00 8.72  ? 1122 LEU A CD1 1 
ATOM   930  C CD2 . LEU A 1 121 ? -11.173 -7.356  -2.427  1.00 17.69 ? 1122 LEU A CD2 1 
ATOM   931  N N   . ASP A 1 122 ? -10.724 -8.192  -7.770  1.00 10.48 ? 1123 ASP A N   1 
ATOM   932  C CA  . ASP A 1 122 ? -10.568 -7.757  -9.169  1.00 26.21 ? 1123 ASP A CA  1 
ATOM   933  C C   . ASP A 1 122 ? -11.779 -6.988  -9.660  1.00 24.10 ? 1123 ASP A C   1 
ATOM   934  O O   . ASP A 1 122 ? -12.901 -7.481  -9.602  1.00 27.75 ? 1123 ASP A O   1 
ATOM   935  C CB  . ASP A 1 122 ? -10.308 -8.952  -10.114 1.00 26.23 ? 1123 ASP A CB  1 
ATOM   936  C CG  . ASP A 1 122 ? -9.249  -9.896  -9.588  1.00 33.13 ? 1123 ASP A CG  1 
ATOM   937  O OD1 . ASP A 1 122 ? -8.422  -9.441  -8.780  1.00 36.09 ? 1123 ASP A OD1 1 
ATOM   938  O OD2 . ASP A 1 122 ? -9.252  -11.099 -9.938  1.00 36.18 ? 1123 ASP A OD2 1 
ATOM   939  N N   . GLY A 1 123 ? -11.533 -5.787  -10.163 1.00 27.02 ? 1124 GLY A N   1 
ATOM   940  C CA  . GLY A 1 123 ? -12.603 -4.960  -10.665 1.00 30.30 ? 1124 GLY A CA  1 
ATOM   941  C C   . GLY A 1 123 ? -13.050 -3.984  -9.608  1.00 35.86 ? 1124 GLY A C   1 
ATOM   942  O O   . GLY A 1 123 ? -13.456 -2.863  -9.903  1.00 40.30 ? 1124 GLY A O   1 
ATOM   943  N N   . LYS A 1 124 ? -12.976 -4.419  -8.361  1.00 33.49 ? 1125 LYS A N   1 
ATOM   944  C CA  . LYS A 1 124 ? -13.362 -3.582  -7.240  1.00 35.40 ? 1125 LYS A CA  1 
ATOM   945  C C   . LYS A 1 124 ? -12.162 -2.705  -6.804  1.00 32.05 ? 1125 LYS A C   1 
ATOM   946  O O   . LYS A 1 124 ? -12.339 -1.546  -6.392  1.00 25.87 ? 1125 LYS A O   1 
ATOM   947  C CB  . LYS A 1 124 ? -13.878 -4.475  -6.099  1.00 34.32 ? 1125 LYS A CB  1 
ATOM   948  C CG  . LYS A 1 124 ? -15.221 -5.179  -6.405  1.00 31.73 ? 1125 LYS A CG  1 
ATOM   949  C CD  . LYS A 1 124 ? -15.501 -6.330  -5.448  1.00 39.36 ? 1125 LYS A CD  1 
ATOM   950  C CE  . LYS A 1 124 ? -15.522 -5.852  -3.998  1.00 43.08 ? 1125 LYS A CE  1 
ATOM   951  N NZ  . LYS A 1 124 ? -15.381 -6.953  -2.986  1.00 23.53 ? 1125 LYS A NZ  1 
ATOM   952  N N   . HIS A 1 125 ? -10.950 -3.248  -6.967  1.00 24.89 ? 1126 HIS A N   1 
ATOM   953  C CA  . HIS A 1 125 ? -9.708  -2.553  -6.602  1.00 27.82 ? 1126 HIS A CA  1 
ATOM   954  C C   . HIS A 1 125 ? -8.683  -2.442  -7.735  1.00 22.93 ? 1126 HIS A C   1 
ATOM   955  O O   . HIS A 1 125 ? -8.384  -3.418  -8.416  1.00 20.18 ? 1126 HIS A O   1 
ATOM   956  C CB  . HIS A 1 125 ? -9.061  -3.223  -5.399  1.00 27.04 ? 1126 HIS A CB  1 
ATOM   957  C CG  . HIS A 1 125 ? -9.876  -3.129  -4.147  1.00 20.85 ? 1126 HIS A CG  1 
ATOM   958  N ND1 . HIS A 1 125 ? -9.828  -2.034  -3.310  1.00 21.45 ? 1126 HIS A ND1 1 
ATOM   959  C CD2 . HIS A 1 125 ? -10.712 -4.016  -3.561  1.00 9.92  ? 1126 HIS A CD2 1 
ATOM   960  C CE1 . HIS A 1 125 ? -10.588 -2.258  -2.254  1.00 11.41 ? 1126 HIS A CE1 1 
ATOM   961  N NE2 . HIS A 1 125 ? -11.136 -3.452  -2.385  1.00 15.80 ? 1126 HIS A NE2 1 
ATOM   962  N N   . VAL A 1 126 ? -8.158  -1.231  -7.904  1.00 14.31 ? 1127 VAL A N   1 
ATOM   963  C CA  . VAL A 1 126 ? -7.174  -0.896  -8.928  1.00 14.30 ? 1127 VAL A CA  1 
ATOM   964  C C   . VAL A 1 126 ? -5.796  -1.455  -8.591  1.00 13.86 ? 1127 VAL A C   1 
ATOM   965  O O   . VAL A 1 126 ? -5.191  -1.026  -7.607  1.00 22.10 ? 1127 VAL A O   1 
ATOM   966  C CB  . VAL A 1 126 ? -7.051  0.649   -9.072  1.00 14.91 ? 1127 VAL A CB  1 
ATOM   967  C CG1 . VAL A 1 126 ? -5.936  1.004   -10.016 1.00 12.45 ? 1127 VAL A CG1 1 
ATOM   968  C CG2 . VAL A 1 126 ? -8.344  1.253   -9.588  1.00 11.16 ? 1127 VAL A CG2 1 
ATOM   969  N N   . VAL A 1 127 ? -5.321  -2.434  -9.371  1.00 25.35 ? 1128 VAL A N   1 
ATOM   970  C CA  . VAL A 1 127 ? -3.989  -3.025  -9.156  1.00 29.84 ? 1128 VAL A CA  1 
ATOM   971  C C   . VAL A 1 127 ? -2.947  -2.193  -9.924  1.00 34.32 ? 1128 VAL A C   1 
ATOM   972  O O   . VAL A 1 127 ? -3.068  -1.986  -11.132 1.00 36.28 ? 1128 VAL A O   1 
ATOM   973  C CB  . VAL A 1 127 ? -3.942  -4.510  -9.576  1.00 25.52 ? 1128 VAL A CB  1 
ATOM   974  C CG1 . VAL A 1 127 ? -2.536  -5.069  -9.427  1.00 19.34 ? 1128 VAL A CG1 1 
ATOM   975  C CG2 . VAL A 1 127 ? -4.877  -5.302  -8.709  1.00 23.83 ? 1128 VAL A CG2 1 
ATOM   976  N N   . PHE A 1 128 ? -1.924  -1.719  -9.219  1.00 28.34 ? 1129 PHE A N   1 
ATOM   977  C CA  . PHE A 1 128 ? -0.914  -0.855  -9.825  1.00 26.69 ? 1129 PHE A CA  1 
ATOM   978  C C   . PHE A 1 128 ? 0.550   -1.112  -9.418  1.00 21.35 ? 1129 PHE A C   1 
ATOM   979  O O   . PHE A 1 128 ? 1.372   -0.217  -9.515  1.00 15.57 ? 1129 PHE A O   1 
ATOM   980  C CB  . PHE A 1 128 ? -1.258  0.600   -9.480  1.00 18.08 ? 1129 PHE A CB  1 
ATOM   981  C CG  . PHE A 1 128 ? -1.028  0.937   -8.036  1.00 24.73 ? 1129 PHE A CG  1 
ATOM   982  C CD1 . PHE A 1 128 ? -1.890  0.465   -7.049  1.00 22.72 ? 1129 PHE A CD1 1 
ATOM   983  C CD2 . PHE A 1 128 ? 0.101   1.641   -7.647  1.00 19.65 ? 1129 PHE A CD2 1 
ATOM   984  C CE1 . PHE A 1 128 ? -1.618  0.685   -5.702  1.00 14.57 ? 1129 PHE A CE1 1 
ATOM   985  C CE2 . PHE A 1 128 ? 0.368   1.859   -6.297  1.00 22.12 ? 1129 PHE A CE2 1 
ATOM   986  C CZ  . PHE A 1 128 ? -0.492  1.378   -5.326  1.00 14.82 ? 1129 PHE A CZ  1 
ATOM   987  N N   . GLY A 1 129 ? 0.879   -2.313  -8.960  1.00 16.47 ? 1130 GLY A N   1 
ATOM   988  C CA  . GLY A 1 129 ? 2.245   -2.571  -8.568  1.00 11.03 ? 1130 GLY A CA  1 
ATOM   989  C C   . GLY A 1 129 ? 2.445   -3.957  -8.017  1.00 16.05 ? 1130 GLY A C   1 
ATOM   990  O O   . GLY A 1 129 ? 1.472   -4.707  -7.887  1.00 27.39 ? 1130 GLY A O   1 
ATOM   991  N N   . LYS A 1 130 ? 3.699   -4.294  -7.708  1.00 17.46 ? 1131 LYS A N   1 
ATOM   992  C CA  . LYS A 1 130 ? 4.055   -5.583  -7.132  1.00 20.67 ? 1131 LYS A CA  1 
ATOM   993  C C   . LYS A 1 130 ? 5.398   -5.486  -6.412  1.00 20.70 ? 1131 LYS A C   1 
ATOM   994  O O   . LYS A 1 130 ? 6.301   -4.765  -6.859  1.00 18.03 ? 1131 LYS A O   1 
ATOM   995  C CB  . LYS A 1 130 ? 4.134   -6.664  -8.215  1.00 19.13 ? 1131 LYS A CB  1 
ATOM   996  C CG  . LYS A 1 130 ? 4.352   -8.076  -7.690  0.00 26.65 ? 1131 LYS A CG  1 
ATOM   997  C CD  . LYS A 1 130 ? 4.485   -9.092  -8.820  0.00 29.91 ? 1131 LYS A CD  1 
ATOM   998  C CE  . LYS A 1 130 ? 5.803   -8.954  -9.581  0.00 34.13 ? 1131 LYS A CE  1 
ATOM   999  N NZ  . LYS A 1 130 ? 5.915   -7.697  -10.376 0.00 35.21 ? 1131 LYS A NZ  1 
ATOM   1000 N N   . VAL A 1 131 ? 5.508   -6.198  -5.287  1.00 14.67 ? 1132 VAL A N   1 
ATOM   1001 C CA  . VAL A 1 131 ? 6.725   -6.267  -4.485  1.00 17.57 ? 1132 VAL A CA  1 
ATOM   1002 C C   . VAL A 1 131 ? 7.815   -6.828  -5.390  1.00 21.36 ? 1132 VAL A C   1 
ATOM   1003 O O   . VAL A 1 131 ? 7.584   -7.795  -6.124  1.00 23.65 ? 1132 VAL A O   1 
ATOM   1004 C CB  . VAL A 1 131 ? 6.566   -7.216  -3.247  1.00 14.20 ? 1132 VAL A CB  1 
ATOM   1005 C CG1 . VAL A 1 131 ? 7.949   -7.585  -2.659  1.00 13.88 ? 1132 VAL A CG1 1 
ATOM   1006 C CG2 . VAL A 1 131 ? 5.751   -6.541  -2.182  1.00 23.86 ? 1132 VAL A CG2 1 
ATOM   1007 N N   . LYS A 1 132 ? 8.973   -6.169  -5.383  1.00 17.36 ? 1133 LYS A N   1 
ATOM   1008 C CA  . LYS A 1 132 ? 10.121  -6.597  -6.187  1.00 5.54  ? 1133 LYS A CA  1 
ATOM   1009 C C   . LYS A 1 132 ? 10.981  -7.554  -5.376  1.00 4.53  ? 1133 LYS A C   1 
ATOM   1010 O O   . LYS A 1 132 ? 11.282  -8.661  -5.829  1.00 10.80 ? 1133 LYS A O   1 
ATOM   1011 C CB  . LYS A 1 132 ? 10.914  -5.390  -6.638  1.00 7.83  ? 1133 LYS A CB  1 
ATOM   1012 C CG  . LYS A 1 132 ? 10.497  -4.865  -7.977  1.00 15.28 ? 1133 LYS A CG  1 
ATOM   1013 C CD  . LYS A 1 132 ? 11.314  -3.630  -8.364  1.00 28.84 ? 1133 LYS A CD  1 
ATOM   1014 C CE  . LYS A 1 132 ? 12.838  -3.865  -8.374  1.00 32.29 ? 1133 LYS A CE  1 
ATOM   1015 N NZ  . LYS A 1 132 ? 13.543  -3.383  -7.123  1.00 29.05 ? 1133 LYS A NZ  1 
ATOM   1016 N N   . GLU A 1 133 ? 11.292  -7.155  -4.145  1.00 10.67 ? 1134 GLU A N   1 
ATOM   1017 C CA  . GLU A 1 133 ? 12.092  -7.959  -3.211  1.00 13.74 ? 1134 GLU A CA  1 
ATOM   1018 C C   . GLU A 1 133 ? 11.697  -7.492  -1.823  1.00 7.91  ? 1134 GLU A C   1 
ATOM   1019 O O   . GLU A 1 133 ? 11.243  -6.375  -1.667  1.00 9.24  ? 1134 GLU A O   1 
ATOM   1020 C CB  . GLU A 1 133 ? 13.598  -7.708  -3.418  1.00 17.26 ? 1134 GLU A CB  1 
ATOM   1021 C CG  . GLU A 1 133 ? 14.516  -8.879  -3.054  0.00 19.41 ? 1134 GLU A CG  1 
ATOM   1022 C CD  . GLU A 1 133 ? 14.646  -9.110  -1.560  0.00 20.12 ? 1134 GLU A CD  1 
ATOM   1023 O OE1 . GLU A 1 133 ? 15.181  -8.224  -0.860  0.00 18.84 ? 1134 GLU A OE1 1 
ATOM   1024 O OE2 . GLU A 1 133 ? 14.216  -10.182 -1.084  0.00 19.16 ? 1134 GLU A OE2 1 
ATOM   1025 N N   . GLY A 1 134 ? 11.911  -8.324  -0.817  1.00 17.07 ? 1135 GLY A N   1 
ATOM   1026 C CA  . GLY A 1 134 ? 11.551  -7.929  0.524   1.00 24.67 ? 1135 GLY A CA  1 
ATOM   1027 C C   . GLY A 1 134 ? 10.179  -8.470  0.851   1.00 27.09 ? 1135 GLY A C   1 
ATOM   1028 O O   . GLY A 1 134 ? 9.527   -8.036  1.797   1.00 37.37 ? 1135 GLY A O   1 
ATOM   1029 N N   . MET A 1 135 ? 9.729   -9.413  0.041   1.00 23.98 ? 1136 MET A N   1 
ATOM   1030 C CA  . MET A 1 135 ? 8.446   -10.051 0.250   1.00 33.23 ? 1136 MET A CA  1 
ATOM   1031 C C   . MET A 1 135 ? 8.596   -10.944 1.489   1.00 34.42 ? 1136 MET A C   1 
ATOM   1032 O O   . MET A 1 135 ? 7.659   -11.615 1.916   1.00 38.69 ? 1136 MET A O   1 
ATOM   1033 C CB  . MET A 1 135 ? 8.074   -10.865 -0.990  1.00 30.96 ? 1136 MET A CB  1 
ATOM   1034 C CG  . MET A 1 135 ? 6.613   -11.301 -1.071  1.00 40.95 ? 1136 MET A CG  1 
ATOM   1035 S SD  . MET A 1 135 ? 5.382   -9.998  -0.820  1.00 34.79 ? 1136 MET A SD  1 
ATOM   1036 C CE  . MET A 1 135 ? 4.352   -10.803 0.389   1.00 24.20 ? 1136 MET A CE  1 
ATOM   1037 N N   . ASN A 1 136 ? 9.798   -10.921 2.059   1.00 29.09 ? 1137 ASN A N   1 
ATOM   1038 C CA  . ASN A 1 136 ? 10.134  -11.677 3.254   1.00 29.74 ? 1137 ASN A CA  1 
ATOM   1039 C C   . ASN A 1 136 ? 9.900   -10.763 4.436   1.00 24.03 ? 1137 ASN A C   1 
ATOM   1040 O O   . ASN A 1 136 ? 9.604   -11.234 5.532   1.00 24.52 ? 1137 ASN A O   1 
ATOM   1041 C CB  . ASN A 1 136 ? 11.604  -12.137 3.226   1.00 34.02 ? 1137 ASN A CB  1 
ATOM   1042 C CG  . ASN A 1 136 ? 12.576  -10.995 2.983   0.00 37.05 ? 1137 ASN A CG  1 
ATOM   1043 O OD1 . ASN A 1 136 ? 12.823  -10.608 1.841   0.00 40.32 ? 1137 ASN A OD1 1 
ATOM   1044 N ND2 . ASN A 1 136 ? 13.140  -10.460 4.059   0.00 40.31 ? 1137 ASN A ND2 1 
ATOM   1045 N N   . ILE A 1 137 ? 10.090  -9.460  4.210   1.00 19.72 ? 1138 ILE A N   1 
ATOM   1046 C CA  . ILE A 1 137 ? 9.893   -8.434  5.237   1.00 33.97 ? 1138 ILE A CA  1 
ATOM   1047 C C   . ILE A 1 137 ? 8.390   -8.269  5.405   1.00 36.82 ? 1138 ILE A C   1 
ATOM   1048 O O   . ILE A 1 137 ? 7.889   -8.049  6.510   1.00 39.30 ? 1138 ILE A O   1 
ATOM   1049 C CB  . ILE A 1 137 ? 10.541  -7.082  4.818   1.00 35.62 ? 1138 ILE A CB  1 
ATOM   1050 C CG1 . ILE A 1 137 ? 12.063  -7.206  4.877   1.00 44.43 ? 1138 ILE A CG1 1 
ATOM   1051 C CG2 . ILE A 1 137 ? 10.076  -5.934  5.709   1.00 23.63 ? 1138 ILE A CG2 1 
ATOM   1052 C CD1 . ILE A 1 137 ? 12.591  -7.713  6.210   1.00 42.37 ? 1138 ILE A CD1 1 
ATOM   1053 N N   . VAL A 1 138 ? 7.689   -8.413  4.283   1.00 32.88 ? 1139 VAL A N   1 
ATOM   1054 C CA  . VAL A 1 138 ? 6.244   -8.324  4.233   1.00 24.52 ? 1139 VAL A CA  1 
ATOM   1055 C C   . VAL A 1 138 ? 5.676   -9.487  5.043   1.00 21.74 ? 1139 VAL A C   1 
ATOM   1056 O O   . VAL A 1 138 ? 4.938   -9.261  5.995   1.00 22.09 ? 1139 VAL A O   1 
ATOM   1057 C CB  . VAL A 1 138 ? 5.751   -8.348  2.769   1.00 23.49 ? 1139 VAL A CB  1 
ATOM   1058 C CG1 . VAL A 1 138 ? 4.239   -8.420  2.720   1.00 23.66 ? 1139 VAL A CG1 1 
ATOM   1059 C CG2 . VAL A 1 138 ? 6.253   -7.096  2.026   1.00 10.25 ? 1139 VAL A CG2 1 
ATOM   1060 N N   . GLU A 1 139 ? 6.110   -10.710 4.732   1.00 29.48 ? 1140 GLU A N   1 
ATOM   1061 C CA  . GLU A 1 139 ? 5.668   -11.929 5.440   1.00 31.88 ? 1140 GLU A CA  1 
ATOM   1062 C C   . GLU A 1 139 ? 6.061   -11.959 6.911   1.00 33.77 ? 1140 GLU A C   1 
ATOM   1063 O O   . GLU A 1 139 ? 5.736   -12.905 7.637   1.00 39.06 ? 1140 GLU A O   1 
ATOM   1064 C CB  . GLU A 1 139 ? 6.246   -13.179 4.800   1.00 29.21 ? 1140 GLU A CB  1 
ATOM   1065 C CG  . GLU A 1 139 ? 5.652   -13.544 3.467   1.00 43.57 ? 1140 GLU A CG  1 
ATOM   1066 C CD  . GLU A 1 139 ? 6.231   -14.838 2.938   1.00 50.46 ? 1140 GLU A CD  1 
ATOM   1067 O OE1 . GLU A 1 139 ? 6.581   -15.707 3.770   1.00 46.77 ? 1140 GLU A OE1 1 
ATOM   1068 O OE2 . GLU A 1 139 ? 6.340   -14.976 1.699   1.00 50.43 ? 1140 GLU A OE2 1 
ATOM   1069 N N   . ALA A 1 140 ? 6.828   -10.960 7.321   1.00 39.49 ? 1141 ALA A N   1 
ATOM   1070 C CA  . ALA A 1 140 ? 7.264   -10.847 8.698   1.00 42.44 ? 1141 ALA A CA  1 
ATOM   1071 C C   . ALA A 1 140 ? 6.400   -9.806  9.410   1.00 35.06 ? 1141 ALA A C   1 
ATOM   1072 O O   . ALA A 1 140 ? 6.338   -9.790  10.634  1.00 25.47 ? 1141 ALA A O   1 
ATOM   1073 C CB  . ALA A 1 140 ? 8.752   -10.463 8.756   1.00 42.49 ? 1141 ALA A CB  1 
ATOM   1074 N N   . MET A 1 141 ? 5.763   -8.917  8.645   1.00 36.16 ? 1142 MET A N   1 
ATOM   1075 C CA  . MET A 1 141 ? 4.888   -7.899  9.230   1.00 39.67 ? 1142 MET A CA  1 
ATOM   1076 C C   . MET A 1 141 ? 3.557   -8.540  9.594   1.00 37.83 ? 1142 MET A C   1 
ATOM   1077 O O   . MET A 1 141 ? 2.747   -7.938  10.303  1.00 38.21 ? 1142 MET A O   1 
ATOM   1078 C CB  . MET A 1 141 ? 4.615   -6.770  8.256   1.00 35.96 ? 1142 MET A CB  1 
ATOM   1079 C CG  . MET A 1 141 ? 5.819   -6.059  7.765   1.00 28.24 ? 1142 MET A CG  1 
ATOM   1080 S SD  . MET A 1 141 ? 5.265   -4.767  6.672   1.00 30.07 ? 1142 MET A SD  1 
ATOM   1081 C CE  . MET A 1 141 ? 4.203   -5.677  5.586   1.00 33.82 ? 1142 MET A CE  1 
ATOM   1082 N N   . GLU A 1 142 ? 3.346   -9.758  9.092   1.00 37.45 ? 1143 GLU A N   1 
ATOM   1083 C CA  . GLU A 1 142 ? 2.133   -10.528 9.343   1.00 37.26 ? 1143 GLU A CA  1 
ATOM   1084 C C   . GLU A 1 142 ? 2.070   -11.086 10.758  1.00 38.53 ? 1143 GLU A C   1 
ATOM   1085 O O   . GLU A 1 142 ? 0.997   -11.118 11.352  1.00 37.00 ? 1143 GLU A O   1 
ATOM   1086 C CB  . GLU A 1 142 ? 1.978   -11.676 8.334   1.00 39.41 ? 1143 GLU A CB  1 
ATOM   1087 C CG  . GLU A 1 142 ? 1.474   -11.275 6.950   1.00 38.08 ? 1143 GLU A CG  1 
ATOM   1088 C CD  . GLU A 1 142 ? 1.167   -12.487 6.062   1.00 36.66 ? 1143 GLU A CD  1 
ATOM   1089 O OE1 . GLU A 1 142 ? 2.111   -13.074 5.478   1.00 39.01 ? 1143 GLU A OE1 1 
ATOM   1090 O OE2 . GLU A 1 142 ? -0.024  -12.847 5.942   1.00 38.96 ? 1143 GLU A OE2 1 
ATOM   1091 N N   . ARG A 1 143 ? 3.205   -11.503 11.307  0.00 41.27 ? 1144 ARG A N   1 
ATOM   1092 C CA  . ARG A 1 143 ? 3.233   -12.045 12.664  0.00 44.48 ? 1144 ARG A CA  1 
ATOM   1093 C C   . ARG A 1 143 ? 2.724   -11.002 13.671  0.00 45.30 ? 1144 ARG A C   1 
ATOM   1094 O O   . ARG A 1 143 ? 2.624   -11.272 14.869  0.00 42.83 ? 1144 ARG A O   1 
ATOM   1095 C CB  . ARG A 1 143 ? 4.659   -12.486 13.015  0.00 46.14 ? 1144 ARG A CB  1 
ATOM   1096 C CG  . ARG A 1 143 ? 4.782   -13.302 14.293  0.00 48.77 ? 1144 ARG A CG  1 
ATOM   1097 C CD  . ARG A 1 143 ? 6.182   -13.876 14.439  0.00 52.09 ? 1144 ARG A CD  1 
ATOM   1098 N NE  . ARG A 1 143 ? 6.505   -14.795 13.350  0.00 55.40 ? 1144 ARG A NE  1 
ATOM   1099 C CZ  . ARG A 1 143 ? 7.735   -15.190 13.036  0.00 56.73 ? 1144 ARG A CZ  1 
ATOM   1100 N NH1 . ARG A 1 143 ? 8.778   -14.749 13.728  0.00 58.27 ? 1144 ARG A NH1 1 
ATOM   1101 N NH2 . ARG A 1 143 ? 7.924   -16.027 12.026  0.00 58.09 ? 1144 ARG A NH2 1 
ATOM   1102 N N   . PHE A 1 144 ? 2.367   -9.826  13.157  1.00 47.14 ? 1145 PHE A N   1 
ATOM   1103 C CA  . PHE A 1 144 ? 1.876   -8.711  13.965  1.00 45.92 ? 1145 PHE A CA  1 
ATOM   1104 C C   . PHE A 1 144 ? 0.469   -8.240  13.553  1.00 47.35 ? 1145 PHE A C   1 
ATOM   1105 O O   . PHE A 1 144 ? 0.058   -7.117  13.859  1.00 31.11 ? 1145 PHE A O   1 
ATOM   1106 C CB  . PHE A 1 144 ? 2.874   -7.551  13.877  1.00 51.20 ? 1145 PHE A CB  1 
ATOM   1107 C CG  . PHE A 1 144 ? 4.315   -7.975  14.035  1.00 53.17 ? 1145 PHE A CG  1 
ATOM   1108 C CD1 . PHE A 1 144 ? 4.684   -8.904  15.019  1.00 55.08 ? 1145 PHE A CD1 1 
ATOM   1109 C CD2 . PHE A 1 144 ? 5.298   -7.484  13.179  1.00 52.16 ? 1145 PHE A CD2 1 
ATOM   1110 C CE1 . PHE A 1 144 ? 6.010   -9.339  15.144  1.00 62.32 ? 1145 PHE A CE1 1 
ATOM   1111 C CE2 . PHE A 1 144 ? 6.627   -7.909  13.295  1.00 60.33 ? 1145 PHE A CE2 1 
ATOM   1112 C CZ  . PHE A 1 144 ? 6.982   -8.842  14.280  1.00 61.67 ? 1145 PHE A CZ  1 
ATOM   1113 N N   . GLY A 1 145 ? -0.269  -9.101  12.859  1.00 44.99 ? 1146 GLY A N   1 
ATOM   1114 C CA  . GLY A 1 145 ? -1.614  -8.746  12.436  1.00 42.91 ? 1146 GLY A CA  1 
ATOM   1115 C C   . GLY A 1 145 ? -2.669  -9.394  13.314  1.00 38.72 ? 1146 GLY A C   1 
ATOM   1116 O O   . GLY A 1 145 ? -2.391  -9.714  14.468  1.00 43.00 ? 1146 GLY A O   1 
ATOM   1117 N N   . SER A 1 146 ? -3.868  -9.598  12.765  1.00 40.11 ? 1147 SER A N   1 
ATOM   1118 C CA  . SER A 1 146 ? -4.991  -10.216 13.486  1.00 41.14 ? 1147 SER A CA  1 
ATOM   1119 C C   . SER A 1 146 ? -6.196  -10.509 12.585  1.00 40.72 ? 1147 SER A C   1 
ATOM   1120 O O   . SER A 1 146 ? -6.126  -10.357 11.361  1.00 47.04 ? 1147 SER A O   1 
ATOM   1121 C CB  . SER A 1 146 ? -5.430  -9.339  14.664  1.00 26.89 ? 1147 SER A CB  1 
ATOM   1122 O OG  . SER A 1 146 ? -5.680  -8.008  14.258  1.00 21.50 ? 1147 SER A OG  1 
ATOM   1123 N N   . ARG A 1 147 ? -7.297  -10.940 13.199  1.00 41.47 ? 1148 ARG A N   1 
ATOM   1124 C CA  . ARG A 1 147 ? -8.520  -11.269 12.473  1.00 36.66 ? 1148 ARG A CA  1 
ATOM   1125 C C   . ARG A 1 147 ? -9.162  -10.005 11.939  1.00 32.65 ? 1148 ARG A C   1 
ATOM   1126 O O   . ARG A 1 147 ? -9.473  -9.916  10.762  1.00 33.37 ? 1148 ARG A O   1 
ATOM   1127 C CB  . ARG A 1 147 ? -9.502  -12.016 13.382  0.00 38.23 ? 1148 ARG A CB  1 
ATOM   1128 C CG  . ARG A 1 147 ? -8.988  -13.350 13.924  0.00 46.16 ? 1148 ARG A CG  1 
ATOM   1129 C CD  . ARG A 1 147 ? -8.799  -14.398 12.826  0.00 48.14 ? 1148 ARG A CD  1 
ATOM   1130 N NE  . ARG A 1 147 ? -7.668  -14.109 11.945  0.00 52.74 ? 1148 ARG A NE  1 
ATOM   1131 C CZ  . ARG A 1 147 ? -6.395  -14.356 12.245  0.00 54.90 ? 1148 ARG A CZ  1 
ATOM   1132 N NH1 . ARG A 1 147 ? -6.074  -14.907 13.409  0.00 57.17 ? 1148 ARG A NH1 1 
ATOM   1133 N NH2 . ARG A 1 147 ? -5.440  -14.054 11.376  0.00 57.14 ? 1148 ARG A NH2 1 
ATOM   1134 N N   . ASN A 1 148 ? -9.303  -9.008  12.803  1.00 27.56 ? 1149 ASN A N   1 
ATOM   1135 C CA  . ASN A 1 148 ? -9.915  -7.738  12.422  1.00 27.94 ? 1149 ASN A CA  1 
ATOM   1136 C C   . ASN A 1 148 ? -8.966  -6.783  11.693  1.00 30.76 ? 1149 ASN A C   1 
ATOM   1137 O O   . ASN A 1 148 ? -9.408  -5.805  11.086  1.00 30.92 ? 1149 ASN A O   1 
ATOM   1138 C CB  . ASN A 1 148 ? -10.502 -7.047  13.659  1.00 21.52 ? 1149 ASN A CB  1 
ATOM   1139 C CG  . ASN A 1 148 ? -9.428  -6.500  14.604  1.00 25.58 ? 1149 ASN A CG  1 
ATOM   1140 O OD1 . ASN A 1 148 ? -9.205  -5.281  14.671  1.00 27.01 ? 1149 ASN A OD1 1 
ATOM   1141 N ND2 . ASN A 1 148 ? -8.780  -7.389  15.352  1.00 21.90 ? 1149 ASN A ND2 1 
ATOM   1142 N N   . GLY A 1 149 ? -7.665  -7.063  11.778  1.00 33.33 ? 1150 GLY A N   1 
ATOM   1143 C CA  . GLY A 1 149 ? -6.666  -6.229  11.136  1.00 35.77 ? 1150 GLY A CA  1 
ATOM   1144 C C   . GLY A 1 149 ? -5.849  -5.399  12.108  1.00 41.95 ? 1150 GLY A C   1 
ATOM   1145 O O   . GLY A 1 149 ? -4.992  -4.626  11.689  1.00 37.18 ? 1150 GLY A O   1 
ATOM   1146 N N   . LYS A 1 150 ? -6.085  -5.562  13.406  1.00 44.29 ? 1151 LYS A N   1 
ATOM   1147 C CA  . LYS A 1 150 ? -5.356  -4.791  14.412  1.00 44.70 ? 1151 LYS A CA  1 
ATOM   1148 C C   . LYS A 1 150 ? -3.901  -5.226  14.595  1.00 43.63 ? 1151 LYS A C   1 
ATOM   1149 O O   . LYS A 1 150 ? -3.607  -6.406  14.823  1.00 32.48 ? 1151 LYS A O   1 
ATOM   1150 C CB  . LYS A 1 150 ? -6.094  -4.792  15.759  1.00 51.02 ? 1151 LYS A CB  1 
ATOM   1151 C CG  . LYS A 1 150 ? -5.388  -4.007  16.875  1.00 50.56 ? 1151 LYS A CG  1 
ATOM   1152 C CD  . LYS A 1 150 ? -6.319  -3.691  18.045  1.00 59.51 ? 1151 LYS A CD  1 
ATOM   1153 C CE  . LYS A 1 150 ? -6.899  -4.952  18.684  1.00 56.86 ? 1151 LYS A CE  1 
ATOM   1154 N NZ  . LYS A 1 150 ? -7.985  -4.636  19.658  1.00 49.73 ? 1151 LYS A NZ  1 
ATOM   1155 N N   . THR A 1 151 ? -3.013  -4.238  14.483  1.00 42.88 ? 1152 THR A N   1 
ATOM   1156 C CA  . THR A 1 151 ? -1.565  -4.404  14.619  1.00 45.61 ? 1152 THR A CA  1 
ATOM   1157 C C   . THR A 1 151 ? -1.158  -4.797  16.051  1.00 44.66 ? 1152 THR A C   1 
ATOM   1158 O O   . THR A 1 151 ? -1.294  -3.998  16.996  1.00 43.53 ? 1152 THR A O   1 
ATOM   1159 C CB  . THR A 1 151 ? -0.831  -3.091  14.199  1.00 47.75 ? 1152 THR A CB  1 
ATOM   1160 O OG1 . THR A 1 151 ? -1.092  -2.818  12.819  1.00 45.68 ? 1152 THR A OG1 1 
ATOM   1161 C CG2 . THR A 1 151 ? 0.670   -3.207  14.402  1.00 50.20 ? 1152 THR A CG2 1 
ATOM   1162 N N   . SER A 1 152 ? -0.643  -6.024  16.187  1.00 41.99 ? 1153 SER A N   1 
ATOM   1163 C CA  . SER A 1 152 ? -0.197  -6.571  17.473  1.00 41.11 ? 1153 SER A CA  1 
ATOM   1164 C C   . SER A 1 152 ? 0.962   -5.789  18.103  1.00 41.19 ? 1153 SER A C   1 
ATOM   1165 O O   . SER A 1 152 ? 1.284   -5.986  19.279  1.00 36.45 ? 1153 SER A O   1 
ATOM   1166 C CB  . SER A 1 152 ? 0.189   -8.052  17.331  1.00 44.72 ? 1153 SER A CB  1 
ATOM   1167 O OG  . SER A 1 152 ? -0.942  -8.872  17.083  1.00 47.32 ? 1153 SER A OG  1 
ATOM   1168 N N   . LYS A 1 153 ? 1.587   -4.915  17.317  0.00 42.39 ? 1154 LYS A N   1 
ATOM   1169 C CA  . LYS A 1 153 ? 2.700   -4.090  17.787  0.00 46.39 ? 1154 LYS A CA  1 
ATOM   1170 C C   . LYS A 1 153 ? 2.602   -2.683  17.192  0.00 43.75 ? 1154 LYS A C   1 
ATOM   1171 O O   . LYS A 1 153 ? 1.715   -1.911  17.561  0.00 43.26 ? 1154 LYS A O   1 
ATOM   1172 C CB  . LYS A 1 153 ? 4.046   -4.734  17.427  0.00 51.69 ? 1154 LYS A CB  1 
ATOM   1173 C CG  . LYS A 1 153 ? 4.365   -6.001  18.206  0.00 52.12 ? 1154 LYS A CG  1 
ATOM   1174 C CD  . LYS A 1 153 ? 5.752   -6.524  17.875  0.00 52.47 ? 1154 LYS A CD  1 
ATOM   1175 C CE  . LYS A 1 153 ? 6.080   -7.774  18.679  0.00 54.13 ? 1154 LYS A CE  1 
ATOM   1176 N NZ  . LYS A 1 153 ? 6.077   -7.519  20.147  0.00 51.28 ? 1154 LYS A NZ  1 
ATOM   1177 N N   . LYS A 1 154 ? 3.507   -2.361  16.270  0.00 43.69 ? 1155 LYS A N   1 
ATOM   1178 C CA  . LYS A 1 154 ? 3.528   -1.058  15.606  0.00 39.90 ? 1155 LYS A CA  1 
ATOM   1179 C C   . LYS A 1 154 ? 4.469   -1.110  14.405  0.00 37.08 ? 1155 LYS A C   1 
ATOM   1180 O O   . LYS A 1 154 ? 5.668   -0.851  14.521  0.00 35.60 ? 1155 LYS A O   1 
ATOM   1181 C CB  . LYS A 1 154 ? 3.966   0.043   16.577  0.00 41.56 ? 1155 LYS A CB  1 
ATOM   1182 C CG  . LYS A 1 154 ? 3.950   1.453   15.998  0.00 42.10 ? 1155 LYS A CG  1 
ATOM   1183 C CD  . LYS A 1 154 ? 2.540   1.909   15.661  0.00 45.38 ? 1155 LYS A CD  1 
ATOM   1184 C CE  . LYS A 1 154 ? 2.538   3.330   15.124  0.00 47.80 ? 1155 LYS A CE  1 
ATOM   1185 N NZ  . LYS A 1 154 ? 1.160   3.810   14.828  0.00 49.51 ? 1155 LYS A NZ  1 
ATOM   1186 N N   . ILE A 1 155 ? 3.909   -1.476  13.256  1.00 34.42 ? 1156 ILE A N   1 
ATOM   1187 C CA  . ILE A 1 155 ? 4.659   -1.583  12.013  1.00 29.97 ? 1156 ILE A CA  1 
ATOM   1188 C C   . ILE A 1 155 ? 4.671   -0.211  11.348  1.00 26.39 ? 1156 ILE A C   1 
ATOM   1189 O O   . ILE A 1 155 ? 3.626   0.305   10.982  1.00 18.25 ? 1156 ILE A O   1 
ATOM   1190 C CB  . ILE A 1 155 ? 4.025   -2.632  11.063  1.00 34.08 ? 1156 ILE A CB  1 
ATOM   1191 C CG1 . ILE A 1 155 ? 3.332   -3.730  11.880  1.00 29.53 ? 1156 ILE A CG1 1 
ATOM   1192 C CG2 . ILE A 1 155 ? 5.100   -3.280  10.186  1.00 35.44 ? 1156 ILE A CG2 1 
ATOM   1193 C CD1 . ILE A 1 155 ? 4.232   -4.400  12.903  1.00 46.32 ? 1156 ILE A CD1 1 
ATOM   1194 N N   . THR A 1 156 ? 5.871   0.353   11.174  1.00 27.26 ? 1157 THR A N   1 
ATOM   1195 C CA  . THR A 1 156 ? 6.040   1.692   10.593  1.00 21.97 ? 1157 THR A CA  1 
ATOM   1196 C C   . THR A 1 156 ? 6.841   1.770   9.284   1.00 25.38 ? 1157 THR A C   1 
ATOM   1197 O O   . THR A 1 156 ? 7.623   0.875   8.963   1.00 26.70 ? 1157 THR A O   1 
ATOM   1198 C CB  . THR A 1 156 ? 6.714   2.628   11.631  1.00 27.90 ? 1157 THR A CB  1 
ATOM   1199 O OG1 . THR A 1 156 ? 6.066   2.473   12.902  1.00 32.05 ? 1157 THR A OG1 1 
ATOM   1200 C CG2 . THR A 1 156 ? 6.618   4.078   11.201  1.00 13.35 ? 1157 THR A CG2 1 
ATOM   1201 N N   . ILE A 1 157 ? 6.587   2.826   8.510   1.00 23.41 ? 1158 ILE A N   1 
ATOM   1202 C CA  . ILE A 1 157 ? 7.312   3.077   7.270   1.00 25.89 ? 1158 ILE A CA  1 
ATOM   1203 C C   . ILE A 1 157 ? 8.374   4.108   7.668   1.00 25.52 ? 1158 ILE A C   1 
ATOM   1204 O O   . ILE A 1 157 ? 8.222   5.329   7.462   1.00 19.79 ? 1158 ILE A O   1 
ATOM   1205 C CB  . ILE A 1 157 ? 6.395   3.612   6.123   1.00 16.10 ? 1158 ILE A CB  1 
ATOM   1206 C CG1 . ILE A 1 157 ? 5.493   2.502   5.603   1.00 4.71  ? 1158 ILE A CG1 1 
ATOM   1207 C CG2 . ILE A 1 157 ? 7.212   4.115   4.936   1.00 18.35 ? 1158 ILE A CG2 1 
ATOM   1208 C CD1 . ILE A 1 157 ? 4.694   2.946   4.373   1.00 12.48 ? 1158 ILE A CD1 1 
ATOM   1209 N N   . ALA A 1 158 ? 9.410   3.579   8.320   1.00 22.89 ? 1159 ALA A N   1 
ATOM   1210 C CA  . ALA A 1 158 ? 10.561  4.334   8.811   1.00 25.77 ? 1159 ALA A CA  1 
ATOM   1211 C C   . ALA A 1 158 ? 11.252  5.162   7.732   1.00 27.44 ? 1159 ALA A C   1 
ATOM   1212 O O   . ALA A 1 158 ? 12.054  6.036   8.047   1.00 36.57 ? 1159 ALA A O   1 
ATOM   1213 C CB  . ALA A 1 158 ? 11.567  3.386   9.462   1.00 17.83 ? 1159 ALA A CB  1 
ATOM   1214 N N   . ASP A 1 159 ? 10.919  4.885   6.472   1.00 26.31 ? 1160 ASP A N   1 
ATOM   1215 C CA  . ASP A 1 159 ? 11.474  5.589   5.324   1.00 24.41 ? 1160 ASP A CA  1 
ATOM   1216 C C   . ASP A 1 159 ? 10.905  4.993   4.021   1.00 21.29 ? 1160 ASP A C   1 
ATOM   1217 O O   . ASP A 1 159 ? 10.297  3.926   4.029   1.00 28.60 ? 1160 ASP A O   1 
ATOM   1218 C CB  . ASP A 1 159 ? 13.000  5.470   5.336   1.00 36.43 ? 1160 ASP A CB  1 
ATOM   1219 C CG  . ASP A 1 159 ? 13.690  6.721   4.843   1.00 37.73 ? 1160 ASP A CG  1 
ATOM   1220 O OD1 . ASP A 1 159 ? 13.140  7.423   3.957   1.00 43.16 ? 1160 ASP A OD1 1 
ATOM   1221 O OD2 . ASP A 1 159 ? 14.794  6.999   5.353   1.00 44.54 ? 1160 ASP A OD2 1 
ATOM   1222 N N   . CYS A 1 160 ? 11.146  5.672   2.905   1.00 5.14  ? 1161 CYS A N   1 
ATOM   1223 C CA  . CYS A 1 160 ? 10.661  5.230   1.614   1.00 14.71 ? 1161 CYS A CA  1 
ATOM   1224 C C   . CYS A 1 160 ? 11.181  6.177   0.543   1.00 9.62  ? 1161 CYS A C   1 
ATOM   1225 O O   . CYS A 1 160 ? 11.482  7.327   0.833   1.00 17.54 ? 1161 CYS A O   1 
ATOM   1226 C CB  . CYS A 1 160 ? 9.128   5.226   1.615   1.00 24.09 ? 1161 CYS A CB  1 
ATOM   1227 S SG  . CYS A 1 160 ? 8.345   6.681   2.441   1.00 26.98 ? 1161 CYS A SG  1 
ATOM   1228 N N   . GLY A 1 161 ? 11.295  5.691   -0.690  1.00 15.95 ? 1162 GLY A N   1 
ATOM   1229 C CA  . GLY A 1 161 ? 11.785  6.528   -1.769  1.00 2.00  ? 1162 GLY A CA  1 
ATOM   1230 C C   . GLY A 1 161 ? 11.897  5.801   -3.086  1.00 9.61  ? 1162 GLY A C   1 
ATOM   1231 O O   . GLY A 1 161 ? 11.701  4.596   -3.159  1.00 15.04 ? 1162 GLY A O   1 
ATOM   1232 N N   . GLN A 1 162 ? 12.279  6.536   -4.123  1.00 10.41 ? 1163 GLN A N   1 
ATOM   1233 C CA  . GLN A 1 162 ? 12.422  5.992   -5.478  1.00 11.45 ? 1163 GLN A CA  1 
ATOM   1234 C C   . GLN A 1 162 ? 13.897  5.782   -5.921  1.00 18.45 ? 1163 GLN A C   1 
ATOM   1235 O O   . GLN A 1 162 ? 14.696  6.720   -5.936  1.00 17.66 ? 1163 GLN A O   1 
ATOM   1236 C CB  . GLN A 1 162 ? 11.709  6.937   -6.442  1.00 6.02  ? 1163 GLN A CB  1 
ATOM   1237 C CG  . GLN A 1 162 ? 11.532  6.397   -7.824  1.00 9.44  ? 1163 GLN A CG  1 
ATOM   1238 C CD  . GLN A 1 162 ? 11.197  7.487   -8.778  1.00 6.27  ? 1163 GLN A CD  1 
ATOM   1239 O OE1 . GLN A 1 162 ? 11.130  8.657   -8.389  1.00 19.48 ? 1163 GLN A OE1 1 
ATOM   1240 N NE2 . GLN A 1 162 ? 10.985  7.135   -10.035 1.00 15.45 ? 1163 GLN A NE2 1 
ATOM   1241 N N   . LEU A 1 163 ? 14.236  4.545   -6.285  1.00 17.90 ? 1164 LEU A N   1 
ATOM   1242 C CA  . LEU A 1 163 ? 15.590  4.172   -6.709  1.00 13.43 ? 1164 LEU A CA  1 
ATOM   1243 C C   . LEU A 1 163 ? 15.803  4.185   -8.214  1.00 16.01 ? 1164 LEU A C   1 
ATOM   1244 O O   . LEU A 1 163 ? 16.929  4.370   -8.676  1.00 35.91 ? 1164 LEU A O   1 
ATOM   1245 C CB  . LEU A 1 163 ? 15.958  2.791   -6.176  1.00 2.00  ? 1164 LEU A CB  1 
ATOM   1246 C CG  . LEU A 1 163 ? 16.167  2.687   -4.675  1.00 17.41 ? 1164 LEU A CG  1 
ATOM   1247 C CD1 . LEU A 1 163 ? 16.197  1.249   -4.207  1.00 12.30 ? 1164 LEU A CD1 1 
ATOM   1248 C CD2 . LEU A 1 163 ? 17.449  3.409   -4.303  1.00 8.88  ? 1164 LEU A CD2 1 
ATOM   1249 N N   . GLU A 1 164 ? 14.716  4.041   -8.967  1.00 21.77 ? 1165 GLU A N   1 
ATOM   1250 C CA  . GLU A 1 164 ? 14.748  4.013   -10.429 1.00 15.07 ? 1165 GLU A CA  1 
ATOM   1251 C C   . GLU A 1 164 ? 13.418  4.558   -10.990 1.00 21.97 ? 1165 GLU A C   1 
ATOM   1252 O O   . GLU A 1 164 ? 13.389  5.015   -12.163 1.00 23.31 ? 1165 GLU A O   1 
ATOM   1253 C CB  . GLU A 1 164 ? 14.975  2.564   -10.900 1.00 16.84 ? 1165 GLU A CB  1 
ATOM   1254 C CG  . GLU A 1 164 ? 15.250  2.377   -12.392 1.00 30.21 ? 1165 GLU A CG  1 
ATOM   1255 C CD  . GLU A 1 164 ? 15.241  0.908   -12.808 1.00 33.44 ? 1165 GLU A CD  1 
ATOM   1256 O OE1 . GLU A 1 164 ? 15.786  0.066   -12.061 1.00 29.22 ? 1165 GLU A OE1 1 
ATOM   1257 O OE2 . GLU A 1 164 ? 14.671  0.584   -13.876 1.00 42.50 ? 1165 GLU A OE2 1 
ATOM   1258 O OXT . GLU A 1 164 ? 12.413  4.545   -10.237 1.00 28.49 ? 1165 GLU A OXT 1 
ATOM   1259 N N   . HIS B 2 1   ? -15.166 4.334   5.853   1.00 16.57 ? 1    HIS B N   1 
ATOM   1260 C CA  . HIS B 2 1   ? -14.017 3.441   6.189   1.00 20.11 ? 1    HIS B CA  1 
ATOM   1261 C C   . HIS B 2 1   ? -13.582 2.724   4.940   1.00 20.31 ? 1    HIS B C   1 
ATOM   1262 O O   . HIS B 2 1   ? -14.362 2.065   4.263   1.00 19.04 ? 1    HIS B O   1 
ATOM   1263 C CB  . HIS B 2 1   ? -14.366 2.440   7.277   1.00 22.13 ? 1    HIS B CB  1 
ATOM   1264 C CG  . HIS B 2 1   ? -13.375 2.401   8.402   1.00 21.98 ? 1    HIS B CG  1 
ATOM   1265 N ND1 . HIS B 2 1   ? -12.626 3.499   8.777   1.00 22.23 ? 1    HIS B ND1 1 
ATOM   1266 C CD2 . HIS B 2 1   ? -13.059 1.415   9.283   1.00 22.30 ? 1    HIS B CD2 1 
ATOM   1267 C CE1 . HIS B 2 1   ? -11.904 3.195   9.846   1.00 23.01 ? 1    HIS B CE1 1 
ATOM   1268 N NE2 . HIS B 2 1   ? -12.148 1.936   10.173  1.00 23.53 ? 1    HIS B NE2 1 
ATOM   1269 N N   . VAL B 2 2   ? -12.290 2.845   4.693   1.00 20.93 ? 2    VAL B N   1 
ATOM   1270 C CA  . VAL B 2 2   ? -11.611 2.327   3.531   1.00 18.77 ? 2    VAL B CA  1 
ATOM   1271 C C   . VAL B 2 2   ? -10.920 1.003   3.805   1.00 13.29 ? 2    VAL B C   1 
ATOM   1272 O O   . VAL B 2 2   ? -10.438 0.758   4.928   1.00 16.83 ? 2    VAL B O   1 
ATOM   1273 C CB  . VAL B 2 2   ? -10.573 3.387   3.107   1.00 18.58 ? 2    VAL B CB  1 
ATOM   1274 C CG1 . VAL B 2 2   ? -9.746  2.925   1.941   1.00 20.00 ? 2    VAL B CG1 1 
ATOM   1275 C CG2 . VAL B 2 2   ? -11.271 4.717   2.823   1.00 20.00 ? 2    VAL B CG2 1 
ATOM   1276 N N   . GLY B 2 3   ? -10.894 0.136   2.794   1.00 20.00 ? 3    GLY B N   1 
ATOM   1277 C CA  . GLY B 2 3   ? -10.214 -1.140  2.949   1.00 22.91 ? 3    GLY B CA  1 
ATOM   1278 C C   . GLY B 2 3   ? -10.867 -2.374  2.352   1.00 25.52 ? 3    GLY B C   1 
ATOM   1279 O O   . GLY B 2 3   ? -12.087 -2.525  2.411   1.00 21.85 ? 3    GLY B O   1 
ATOM   1280 N N   . PRO B 2 4   ? -10.074 -3.279  1.757   1.00 21.63 ? 4    PRO B N   1 
ATOM   1281 C CA  . PRO B 2 4   ? -10.651 -4.489  1.174   1.00 14.96 ? 4    PRO B CA  1 
ATOM   1282 C C   . PRO B 2 4   ? -11.036 -5.495  2.278   1.00 15.76 ? 4    PRO B C   1 
ATOM   1283 O O   . PRO B 2 4   ? -10.523 -5.439  3.409   1.00 12.13 ? 4    PRO B O   1 
ATOM   1284 C CB  . PRO B 2 4   ? -9.490  -5.026  0.323   1.00 13.62 ? 4    PRO B CB  1 
ATOM   1285 C CG  . PRO B 2 4   ? -8.314  -4.685  1.162   1.00 5.36  ? 4    PRO B CG  1 
ATOM   1286 C CD  . PRO B 2 4   ? -8.626  -3.228  1.499   1.00 6.62  ? 4    PRO B CD  1 
ATOM   1287 N N   . ILE B 2 5   ? -11.968 -6.388  1.959   1.00 11.50 ? 5    ILE B N   1 
ATOM   1288 C CA  . ILE B 2 5   ? -12.364 -7.398  2.912   1.00 18.45 ? 5    ILE B CA  1 
ATOM   1289 C C   . ILE B 2 5   ? -12.045 -8.760  2.369   1.00 27.12 ? 5    ILE B C   1 
ATOM   1290 O O   . ILE B 2 5   ? -11.942 -8.954  1.146   1.00 28.00 ? 5    ILE B O   1 
ATOM   1291 C CB  . ILE B 2 5   ? -13.844 -7.290  3.390   1.00 23.53 ? 5    ILE B CB  1 
ATOM   1292 C CG1 . ILE B 2 5   ? -14.793 -6.895  2.251   1.00 18.85 ? 5    ILE B CG1 1 
ATOM   1293 C CG2 . ILE B 2 5   ? -13.923 -6.385  4.619   1.00 22.83 ? 5    ILE B CG2 1 
ATOM   1294 C CD1 . ILE B 2 5   ? -15.352 -8.060  1.479   1.00 17.31 ? 5    ILE B CD1 1 
ATOM   1295 N N   . ALA B 2 6   ? -11.833 -9.677  3.311   1.00 33.45 ? 6    ALA B N   1 
ATOM   1296 C CA  . ALA B 2 6   ? -11.464 -11.070 3.063   1.00 34.42 ? 6    ALA B CA  1 
ATOM   1297 C C   . ALA B 2 6   ? -12.390 -11.892 2.161   1.00 41.55 ? 6    ALA B C   1 
ATOM   1298 O O   . ALA B 2 6   ? -12.263 -13.141 2.192   1.00 49.89 ? 6    ALA B O   1 
ATOM   1299 C CB  . ALA B 2 6   ? -11.262 -11.776 4.405   1.00 16.22 ? 6    ALA B CB  1 
ATOM   1300 O OXT . ALA B 2 6   ? -13.207 -11.294 1.418   1.00 60.54 ? 6    ALA B OXT 1 
HETATM 1301 O O   . HOH C 3 .   ? -2.047  5.332   -6.081  1.00 24.03 ? 201  HOH A O   1 
HETATM 1302 O O   . HOH C 3 .   ? -8.884  0.920   -6.201  1.00 11.78 ? 202  HOH A O   1 
HETATM 1303 O O   . HOH C 3 .   ? 1.599   3.530   5.547   1.00 31.55 ? 204  HOH A O   1 
HETATM 1304 O O   . HOH C 3 .   ? -11.868 -7.922  8.234   1.00 26.44 ? 205  HOH A O   1 
HETATM 1305 O O   . HOH C 3 .   ? -2.286  4.345   7.316   1.00 19.60 ? 206  HOH A O   1 
HETATM 1306 O O   . HOH C 3 .   ? -8.624  -5.203  -10.045 1.00 15.80 ? 208  HOH A O   1 
HETATM 1307 O O   . HOH C 3 .   ? -13.886 -1.713  -2.742  1.00 27.78 ? 209  HOH A O   1 
HETATM 1308 O O   . HOH C 3 .   ? 9.109   2.295   13.866  1.00 45.82 ? 210  HOH A O   1 
HETATM 1309 O O   . HOH C 3 .   ? 16.424  -5.061  14.423  1.00 35.41 ? 211  HOH A O   1 
HETATM 1310 O O   . HOH C 3 .   ? 5.734   -2.953  -18.652 1.00 23.20 ? 212  HOH A O   1 
HETATM 1311 O O   . HOH C 3 .   ? 4.285   13.623  -1.402  1.00 21.89 ? 213  HOH A O   1 
HETATM 1312 O O   . HOH D 3 .   ? -9.363  0.189   7.321   1.00 18.53 ? 203  HOH B O   1 
HETATM 1313 O O   . HOH D 3 .   ? -13.604 -5.219  -0.270  1.00 27.06 ? 207  HOH B O   1 
# 
